data_2F9F
# 
_entry.id   2F9F 
# 
_audit_conform.dict_name       mmcif_pdbx.dic 
_audit_conform.dict_version    5.399 
_audit_conform.dict_location   http://mmcif.pdb.org/dictionaries/ascii/mmcif_pdbx.dic 
# 
loop_
_database_2.database_id 
_database_2.database_code 
_database_2.pdbx_database_accession 
_database_2.pdbx_DOI 
PDB   2F9F         pdb_00002f9f 10.2210/pdb2f9f/pdb 
RCSB  RCSB035616   ?            ?                   
WWPDB D_1000035616 ?            ?                   
# 
loop_
_pdbx_audit_revision_history.ordinal 
_pdbx_audit_revision_history.data_content_type 
_pdbx_audit_revision_history.major_revision 
_pdbx_audit_revision_history.minor_revision 
_pdbx_audit_revision_history.revision_date 
1 'Structure model' 1 0 2006-06-06 
2 'Structure model' 1 1 2008-05-01 
3 'Structure model' 1 2 2011-07-13 
4 'Structure model' 1 3 2017-10-18 
5 'Structure model' 1 4 2024-11-20 
# 
_pdbx_audit_revision_details.ordinal             1 
_pdbx_audit_revision_details.revision_ordinal    1 
_pdbx_audit_revision_details.data_content_type   'Structure model' 
_pdbx_audit_revision_details.provider            repository 
_pdbx_audit_revision_details.type                'Initial release' 
_pdbx_audit_revision_details.description         ? 
_pdbx_audit_revision_details.details             ? 
# 
loop_
_pdbx_audit_revision_group.ordinal 
_pdbx_audit_revision_group.revision_ordinal 
_pdbx_audit_revision_group.data_content_type 
_pdbx_audit_revision_group.group 
1 2 'Structure model' 'Version format compliance' 
2 3 'Structure model' 'Source and taxonomy'       
3 3 'Structure model' 'Version format compliance' 
4 4 'Structure model' 'Refinement description'    
5 5 'Structure model' 'Data collection'           
6 5 'Structure model' 'Database references'       
7 5 'Structure model' 'Derived calculations'      
8 5 'Structure model' 'Structure summary'         
# 
loop_
_pdbx_audit_revision_category.ordinal 
_pdbx_audit_revision_category.revision_ordinal 
_pdbx_audit_revision_category.data_content_type 
_pdbx_audit_revision_category.category 
1 4 'Structure model' software                  
2 5 'Structure model' chem_comp_atom            
3 5 'Structure model' chem_comp_bond            
4 5 'Structure model' database_2                
5 5 'Structure model' pdbx_entry_details        
6 5 'Structure model' pdbx_modification_feature 
7 5 'Structure model' struct_conn               
8 5 'Structure model' struct_ref_seq_dif        
# 
loop_
_pdbx_audit_revision_item.ordinal 
_pdbx_audit_revision_item.revision_ordinal 
_pdbx_audit_revision_item.data_content_type 
_pdbx_audit_revision_item.item 
1 4 'Structure model' '_software.name'                      
2 5 'Structure model' '_database_2.pdbx_DOI'                
3 5 'Structure model' '_database_2.pdbx_database_accession' 
4 5 'Structure model' '_struct_conn.pdbx_leaving_atom_flag' 
5 5 'Structure model' '_struct_ref_seq_dif.details'         
# 
_pdbx_database_status.status_code                     REL 
_pdbx_database_status.entry_id                        2F9F 
_pdbx_database_status.recvd_initial_deposition_date   2005-12-05 
_pdbx_database_status.deposit_site                    RCSB 
_pdbx_database_status.process_site                    RCSB 
_pdbx_database_status.status_code_sf                  REL 
_pdbx_database_status.status_code_mr                  ? 
_pdbx_database_status.SG_entry                        Y 
_pdbx_database_status.pdb_format_compatible           Y 
_pdbx_database_status.status_code_cs                  ? 
_pdbx_database_status.methods_development_category    ? 
_pdbx_database_status.status_code_nmr_data            ? 
# 
loop_
_pdbx_database_related.db_name 
_pdbx_database_related.db_id 
_pdbx_database_related.details 
_pdbx_database_related.content_type 
TargetDB GI:11497664 . unspecified 
TargetDB GR29A       . unspecified 
# 
loop_
_audit_author.name 
_audit_author.pdbx_ordinal 
'Zhou, W.'                                        1 
'Forouhar, F.'                                    2 
'Conover, K.'                                     3 
'Xiao, R.'                                        4 
'Acton, T.B.'                                     5 
'Montelione, G.T.'                                6 
'Tong, L.'                                        7 
'Hunt, J.F.'                                      8 
'Northeast Structural Genomics Consortium (NESG)' 9 
# 
_citation.id                        primary 
_citation.title                     
;Crystal Structure of the Putative Mannosyl Transferase  
(wbaZ-1)from Archaeoglobus fulgidus
;
_citation.journal_abbrev            'To be Published' 
_citation.journal_volume            ? 
_citation.page_first                ? 
_citation.page_last                 ? 
_citation.year                      ? 
_citation.journal_id_ASTM           ? 
_citation.country                   ? 
_citation.journal_id_ISSN           ? 
_citation.journal_id_CSD            0353 
_citation.book_publisher            ? 
_citation.pdbx_database_id_PubMed   ? 
_citation.pdbx_database_id_DOI      ? 
# 
loop_
_citation_author.citation_id 
_citation_author.name 
_citation_author.ordinal 
_citation_author.identifier_ORCID 
primary 'Zhou, W.'         1 ? 
primary 'Forouhar, F.'     2 ? 
primary 'Conover, K.'      3 ? 
primary 'Xiao, R.'         4 ? 
primary 'Acton, T.B.'      5 ? 
primary 'Montelione, G.T.' 6 ? 
primary 'Tong, L.'         7 ? 
primary 'Hunt, J.F.'       8 ? 
# 
loop_
_entity.id 
_entity.type 
_entity.src_method 
_entity.pdbx_description 
_entity.formula_weight 
_entity.pdbx_number_of_molecules 
_entity.pdbx_ec 
_entity.pdbx_mutation 
_entity.pdbx_fragment 
_entity.details 
1 polymer man 'first mannosyl transferase (wbaZ-1)' 20679.221 1   ? ? ? ? 
2 water   nat water                                 18.015    118 ? ? ? ? 
# 
_entity_poly.entity_id                      1 
_entity_poly.type                           'polypeptide(L)' 
_entity_poly.nstd_linkage                   no 
_entity_poly.nstd_monomer                   yes 
_entity_poly.pdbx_seq_one_letter_code       
;(MSE)GHHHHHHSHPVETSKFKFKCYGDFWLSVNRIYPEKRIELQLEVFKKLQDEKLYIVGWFSKGDHAERYARKI
(MSE)KIAPDNVKFLGSVSEEELIDLYSRCKGLLCTAKDEDFGLTPIEA(MSE)ASGKPVIAVNEGGFKETVINEKTGYL
VNADVNEIIDA(MSE)KKVSKNPDKFKKDCFRRAKEF
;
_entity_poly.pdbx_seq_one_letter_code_can   
;MGHHHHHHSHPVETSKFKFKCYGDFWLSVNRIYPEKRIELQLEVFKKLQDEKLYIVGWFSKGDHAERYARKIMKIAPDNV
KFLGSVSEEELIDLYSRCKGLLCTAKDEDFGLTPIEAMASGKPVIAVNEGGFKETVINEKTGYLVNADVNEIIDAMKKVS
KNPDKFKKDCFRRAKEF
;
_entity_poly.pdbx_strand_id                 A 
_entity_poly.pdbx_target_identifier         GR29A 
# 
_pdbx_entity_nonpoly.entity_id   2 
_pdbx_entity_nonpoly.name        water 
_pdbx_entity_nonpoly.comp_id     HOH 
# 
loop_
_entity_poly_seq.entity_id 
_entity_poly_seq.num 
_entity_poly_seq.mon_id 
_entity_poly_seq.hetero 
1 1   MSE n 
1 2   GLY n 
1 3   HIS n 
1 4   HIS n 
1 5   HIS n 
1 6   HIS n 
1 7   HIS n 
1 8   HIS n 
1 9   SER n 
1 10  HIS n 
1 11  PRO n 
1 12  VAL n 
1 13  GLU n 
1 14  THR n 
1 15  SER n 
1 16  LYS n 
1 17  PHE n 
1 18  LYS n 
1 19  PHE n 
1 20  LYS n 
1 21  CYS n 
1 22  TYR n 
1 23  GLY n 
1 24  ASP n 
1 25  PHE n 
1 26  TRP n 
1 27  LEU n 
1 28  SER n 
1 29  VAL n 
1 30  ASN n 
1 31  ARG n 
1 32  ILE n 
1 33  TYR n 
1 34  PRO n 
1 35  GLU n 
1 36  LYS n 
1 37  ARG n 
1 38  ILE n 
1 39  GLU n 
1 40  LEU n 
1 41  GLN n 
1 42  LEU n 
1 43  GLU n 
1 44  VAL n 
1 45  PHE n 
1 46  LYS n 
1 47  LYS n 
1 48  LEU n 
1 49  GLN n 
1 50  ASP n 
1 51  GLU n 
1 52  LYS n 
1 53  LEU n 
1 54  TYR n 
1 55  ILE n 
1 56  VAL n 
1 57  GLY n 
1 58  TRP n 
1 59  PHE n 
1 60  SER n 
1 61  LYS n 
1 62  GLY n 
1 63  ASP n 
1 64  HIS n 
1 65  ALA n 
1 66  GLU n 
1 67  ARG n 
1 68  TYR n 
1 69  ALA n 
1 70  ARG n 
1 71  LYS n 
1 72  ILE n 
1 73  MSE n 
1 74  LYS n 
1 75  ILE n 
1 76  ALA n 
1 77  PRO n 
1 78  ASP n 
1 79  ASN n 
1 80  VAL n 
1 81  LYS n 
1 82  PHE n 
1 83  LEU n 
1 84  GLY n 
1 85  SER n 
1 86  VAL n 
1 87  SER n 
1 88  GLU n 
1 89  GLU n 
1 90  GLU n 
1 91  LEU n 
1 92  ILE n 
1 93  ASP n 
1 94  LEU n 
1 95  TYR n 
1 96  SER n 
1 97  ARG n 
1 98  CYS n 
1 99  LYS n 
1 100 GLY n 
1 101 LEU n 
1 102 LEU n 
1 103 CYS n 
1 104 THR n 
1 105 ALA n 
1 106 LYS n 
1 107 ASP n 
1 108 GLU n 
1 109 ASP n 
1 110 PHE n 
1 111 GLY n 
1 112 LEU n 
1 113 THR n 
1 114 PRO n 
1 115 ILE n 
1 116 GLU n 
1 117 ALA n 
1 118 MSE n 
1 119 ALA n 
1 120 SER n 
1 121 GLY n 
1 122 LYS n 
1 123 PRO n 
1 124 VAL n 
1 125 ILE n 
1 126 ALA n 
1 127 VAL n 
1 128 ASN n 
1 129 GLU n 
1 130 GLY n 
1 131 GLY n 
1 132 PHE n 
1 133 LYS n 
1 134 GLU n 
1 135 THR n 
1 136 VAL n 
1 137 ILE n 
1 138 ASN n 
1 139 GLU n 
1 140 LYS n 
1 141 THR n 
1 142 GLY n 
1 143 TYR n 
1 144 LEU n 
1 145 VAL n 
1 146 ASN n 
1 147 ALA n 
1 148 ASP n 
1 149 VAL n 
1 150 ASN n 
1 151 GLU n 
1 152 ILE n 
1 153 ILE n 
1 154 ASP n 
1 155 ALA n 
1 156 MSE n 
1 157 LYS n 
1 158 LYS n 
1 159 VAL n 
1 160 SER n 
1 161 LYS n 
1 162 ASN n 
1 163 PRO n 
1 164 ASP n 
1 165 LYS n 
1 166 PHE n 
1 167 LYS n 
1 168 LYS n 
1 169 ASP n 
1 170 CYS n 
1 171 PHE n 
1 172 ARG n 
1 173 ARG n 
1 174 ALA n 
1 175 LYS n 
1 176 GLU n 
1 177 PHE n 
# 
_entity_src_gen.entity_id                          1 
_entity_src_gen.pdbx_src_id                        1 
_entity_src_gen.pdbx_alt_source_flag               sample 
_entity_src_gen.pdbx_seq_type                      ? 
_entity_src_gen.pdbx_beg_seq_num                   ? 
_entity_src_gen.pdbx_end_seq_num                   ? 
_entity_src_gen.gene_src_common_name               ? 
_entity_src_gen.gene_src_genus                     Archaeoglobus 
_entity_src_gen.pdbx_gene_src_gene                 wbaZ-1 
_entity_src_gen.gene_src_species                   'Archaeoglobus fulgidus' 
_entity_src_gen.gene_src_strain                    'DSM 4304' 
_entity_src_gen.gene_src_tissue                    ? 
_entity_src_gen.gene_src_tissue_fraction           ? 
_entity_src_gen.gene_src_details                   ? 
_entity_src_gen.pdbx_gene_src_fragment             ? 
_entity_src_gen.pdbx_gene_src_scientific_name      'Archaeoglobus fulgidus' 
_entity_src_gen.pdbx_gene_src_ncbi_taxonomy_id     224325 
_entity_src_gen.pdbx_gene_src_variant              ? 
_entity_src_gen.pdbx_gene_src_cell_line            ? 
_entity_src_gen.pdbx_gene_src_atcc                 ? 
_entity_src_gen.pdbx_gene_src_organ                ? 
_entity_src_gen.pdbx_gene_src_organelle            ? 
_entity_src_gen.pdbx_gene_src_cell                 ? 
_entity_src_gen.pdbx_gene_src_cellular_location    ? 
_entity_src_gen.host_org_common_name               ? 
_entity_src_gen.pdbx_host_org_scientific_name      'Escherichia coli' 
_entity_src_gen.pdbx_host_org_ncbi_taxonomy_id     562 
_entity_src_gen.host_org_genus                     Escherichia 
_entity_src_gen.pdbx_host_org_gene                 ? 
_entity_src_gen.pdbx_host_org_organ                ? 
_entity_src_gen.host_org_species                   ? 
_entity_src_gen.pdbx_host_org_tissue               ? 
_entity_src_gen.pdbx_host_org_tissue_fraction      ? 
_entity_src_gen.pdbx_host_org_strain               'BL21(DE3)+Magic' 
_entity_src_gen.pdbx_host_org_variant              ? 
_entity_src_gen.pdbx_host_org_cell_line            ? 
_entity_src_gen.pdbx_host_org_atcc                 ? 
_entity_src_gen.pdbx_host_org_culture_collection   ? 
_entity_src_gen.pdbx_host_org_cell                 ? 
_entity_src_gen.pdbx_host_org_organelle            ? 
_entity_src_gen.pdbx_host_org_cellular_location    ? 
_entity_src_gen.pdbx_host_org_vector_type          pET21 
_entity_src_gen.pdbx_host_org_vector               ? 
_entity_src_gen.host_org_details                   ? 
_entity_src_gen.expression_system_id               ? 
_entity_src_gen.plasmid_name                       JM109 
_entity_src_gen.plasmid_details                    ? 
_entity_src_gen.pdbx_description                   ? 
# 
loop_
_chem_comp.id 
_chem_comp.type 
_chem_comp.mon_nstd_flag 
_chem_comp.name 
_chem_comp.pdbx_synonyms 
_chem_comp.formula 
_chem_comp.formula_weight 
ALA 'L-peptide linking' y ALANINE          ? 'C3 H7 N O2'     89.093  
ARG 'L-peptide linking' y ARGININE         ? 'C6 H15 N4 O2 1' 175.209 
ASN 'L-peptide linking' y ASPARAGINE       ? 'C4 H8 N2 O3'    132.118 
ASP 'L-peptide linking' y 'ASPARTIC ACID'  ? 'C4 H7 N O4'     133.103 
CYS 'L-peptide linking' y CYSTEINE         ? 'C3 H7 N O2 S'   121.158 
GLN 'L-peptide linking' y GLUTAMINE        ? 'C5 H10 N2 O3'   146.144 
GLU 'L-peptide linking' y 'GLUTAMIC ACID'  ? 'C5 H9 N O4'     147.129 
GLY 'peptide linking'   y GLYCINE          ? 'C2 H5 N O2'     75.067  
HIS 'L-peptide linking' y HISTIDINE        ? 'C6 H10 N3 O2 1' 156.162 
HOH non-polymer         . WATER            ? 'H2 O'           18.015  
ILE 'L-peptide linking' y ISOLEUCINE       ? 'C6 H13 N O2'    131.173 
LEU 'L-peptide linking' y LEUCINE          ? 'C6 H13 N O2'    131.173 
LYS 'L-peptide linking' y LYSINE           ? 'C6 H15 N2 O2 1' 147.195 
MET 'L-peptide linking' y METHIONINE       ? 'C5 H11 N O2 S'  149.211 
MSE 'L-peptide linking' n SELENOMETHIONINE ? 'C5 H11 N O2 Se' 196.106 
PHE 'L-peptide linking' y PHENYLALANINE    ? 'C9 H11 N O2'    165.189 
PRO 'L-peptide linking' y PROLINE          ? 'C5 H9 N O2'     115.130 
SER 'L-peptide linking' y SERINE           ? 'C3 H7 N O3'     105.093 
THR 'L-peptide linking' y THREONINE        ? 'C4 H9 N O3'     119.119 
TRP 'L-peptide linking' y TRYPTOPHAN       ? 'C11 H12 N2 O2'  204.225 
TYR 'L-peptide linking' y TYROSINE         ? 'C9 H11 N O3'    181.189 
VAL 'L-peptide linking' y VALINE           ? 'C5 H11 N O2'    117.146 
# 
loop_
_pdbx_poly_seq_scheme.asym_id 
_pdbx_poly_seq_scheme.entity_id 
_pdbx_poly_seq_scheme.seq_id 
_pdbx_poly_seq_scheme.mon_id 
_pdbx_poly_seq_scheme.ndb_seq_num 
_pdbx_poly_seq_scheme.pdb_seq_num 
_pdbx_poly_seq_scheme.auth_seq_num 
_pdbx_poly_seq_scheme.pdb_mon_id 
_pdbx_poly_seq_scheme.auth_mon_id 
_pdbx_poly_seq_scheme.pdb_strand_id 
_pdbx_poly_seq_scheme.pdb_ins_code 
_pdbx_poly_seq_scheme.hetero 
A 1 1   MSE 1   -9  ?   ?   ?   A . n 
A 1 2   GLY 2   -8  ?   ?   ?   A . n 
A 1 3   HIS 3   -7  ?   ?   ?   A . n 
A 1 4   HIS 4   -6  ?   ?   ?   A . n 
A 1 5   HIS 5   -5  ?   ?   ?   A . n 
A 1 6   HIS 6   -4  ?   ?   ?   A . n 
A 1 7   HIS 7   -3  ?   ?   ?   A . n 
A 1 8   HIS 8   -2  ?   ?   ?   A . n 
A 1 9   SER 9   -1  ?   ?   ?   A . n 
A 1 10  HIS 10  0   ?   ?   ?   A . n 
A 1 11  PRO 11  1   ?   ?   ?   A . n 
A 1 12  VAL 12  2   2   VAL VAL A . n 
A 1 13  GLU 13  3   3   GLU GLU A . n 
A 1 14  THR 14  4   4   THR THR A . n 
A 1 15  SER 15  5   5   SER SER A . n 
A 1 16  LYS 16  6   6   LYS LYS A . n 
A 1 17  PHE 17  7   7   PHE PHE A . n 
A 1 18  LYS 18  8   8   LYS LYS A . n 
A 1 19  PHE 19  9   9   PHE PHE A . n 
A 1 20  LYS 20  10  10  LYS LYS A . n 
A 1 21  CYS 21  11  11  CYS CYS A . n 
A 1 22  TYR 22  12  12  TYR TYR A . n 
A 1 23  GLY 23  13  13  GLY GLY A . n 
A 1 24  ASP 24  14  14  ASP ASP A . n 
A 1 25  PHE 25  15  15  PHE PHE A . n 
A 1 26  TRP 26  16  16  TRP TRP A . n 
A 1 27  LEU 27  17  17  LEU LEU A . n 
A 1 28  SER 28  18  18  SER SER A . n 
A 1 29  VAL 29  19  19  VAL VAL A . n 
A 1 30  ASN 30  20  20  ASN ASN A . n 
A 1 31  ARG 31  21  21  ARG ARG A . n 
A 1 32  ILE 32  22  22  ILE ILE A . n 
A 1 33  TYR 33  23  23  TYR TYR A . n 
A 1 34  PRO 34  24  24  PRO PRO A . n 
A 1 35  GLU 35  25  25  GLU GLU A . n 
A 1 36  LYS 36  26  26  LYS LYS A . n 
A 1 37  ARG 37  27  27  ARG ARG A . n 
A 1 38  ILE 38  28  28  ILE ILE A . n 
A 1 39  GLU 39  29  29  GLU GLU A . n 
A 1 40  LEU 40  30  30  LEU LEU A . n 
A 1 41  GLN 41  31  31  GLN GLN A . n 
A 1 42  LEU 42  32  32  LEU LEU A . n 
A 1 43  GLU 43  33  33  GLU GLU A . n 
A 1 44  VAL 44  34  34  VAL VAL A . n 
A 1 45  PHE 45  35  35  PHE PHE A . n 
A 1 46  LYS 46  36  36  LYS LYS A . n 
A 1 47  LYS 47  37  37  LYS LYS A . n 
A 1 48  LEU 48  38  38  LEU LEU A . n 
A 1 49  GLN 49  39  39  GLN GLN A . n 
A 1 50  ASP 50  40  40  ASP ASP A . n 
A 1 51  GLU 51  41  41  GLU GLU A . n 
A 1 52  LYS 52  42  42  LYS LYS A . n 
A 1 53  LEU 53  43  43  LEU LEU A . n 
A 1 54  TYR 54  44  44  TYR TYR A . n 
A 1 55  ILE 55  45  45  ILE ILE A . n 
A 1 56  VAL 56  46  46  VAL VAL A . n 
A 1 57  GLY 57  47  47  GLY GLY A . n 
A 1 58  TRP 58  48  48  TRP TRP A . n 
A 1 59  PHE 59  49  49  PHE PHE A . n 
A 1 60  SER 60  50  50  SER SER A . n 
A 1 61  LYS 61  51  51  LYS LYS A . n 
A 1 62  GLY 62  52  52  GLY GLY A . n 
A 1 63  ASP 63  53  53  ASP ASP A . n 
A 1 64  HIS 64  54  54  HIS HIS A . n 
A 1 65  ALA 65  55  55  ALA ALA A . n 
A 1 66  GLU 66  56  56  GLU GLU A . n 
A 1 67  ARG 67  57  57  ARG ARG A . n 
A 1 68  TYR 68  58  58  TYR TYR A . n 
A 1 69  ALA 69  59  59  ALA ALA A . n 
A 1 70  ARG 70  60  60  ARG ARG A . n 
A 1 71  LYS 71  61  61  LYS LYS A . n 
A 1 72  ILE 72  62  62  ILE ILE A . n 
A 1 73  MSE 73  63  63  MSE MSE A . n 
A 1 74  LYS 74  64  64  LYS LYS A . n 
A 1 75  ILE 75  65  65  ILE ILE A . n 
A 1 76  ALA 76  66  66  ALA ALA A . n 
A 1 77  PRO 77  67  67  PRO PRO A . n 
A 1 78  ASP 78  68  68  ASP ASP A . n 
A 1 79  ASN 79  69  69  ASN ASN A . n 
A 1 80  VAL 80  70  70  VAL VAL A . n 
A 1 81  LYS 81  71  71  LYS LYS A . n 
A 1 82  PHE 82  72  72  PHE PHE A . n 
A 1 83  LEU 83  73  73  LEU LEU A . n 
A 1 84  GLY 84  74  74  GLY GLY A . n 
A 1 85  SER 85  75  75  SER SER A . n 
A 1 86  VAL 86  76  76  VAL VAL A . n 
A 1 87  SER 87  77  77  SER SER A . n 
A 1 88  GLU 88  78  78  GLU GLU A . n 
A 1 89  GLU 89  79  79  GLU GLU A . n 
A 1 90  GLU 90  80  80  GLU GLU A . n 
A 1 91  LEU 91  81  81  LEU LEU A . n 
A 1 92  ILE 92  82  82  ILE ILE A . n 
A 1 93  ASP 93  83  83  ASP ASP A . n 
A 1 94  LEU 94  84  84  LEU LEU A . n 
A 1 95  TYR 95  85  85  TYR TYR A . n 
A 1 96  SER 96  86  86  SER SER A . n 
A 1 97  ARG 97  87  87  ARG ARG A . n 
A 1 98  CYS 98  88  88  CYS CYS A . n 
A 1 99  LYS 99  89  89  LYS LYS A . n 
A 1 100 GLY 100 90  90  GLY GLY A . n 
A 1 101 LEU 101 91  91  LEU LEU A . n 
A 1 102 LEU 102 92  92  LEU LEU A . n 
A 1 103 CYS 103 93  93  CYS CYS A . n 
A 1 104 THR 104 94  94  THR THR A . n 
A 1 105 ALA 105 95  95  ALA ALA A . n 
A 1 106 LYS 106 96  96  LYS LYS A . n 
A 1 107 ASP 107 97  97  ASP ASP A . n 
A 1 108 GLU 108 98  98  GLU GLU A . n 
A 1 109 ASP 109 99  99  ASP ASP A . n 
A 1 110 PHE 110 100 100 PHE PHE A . n 
A 1 111 GLY 111 101 101 GLY GLY A . n 
A 1 112 LEU 112 102 102 LEU LEU A . n 
A 1 113 THR 113 103 103 THR THR A . n 
A 1 114 PRO 114 104 104 PRO PRO A . n 
A 1 115 ILE 115 105 105 ILE ILE A . n 
A 1 116 GLU 116 106 106 GLU GLU A . n 
A 1 117 ALA 117 107 107 ALA ALA A . n 
A 1 118 MSE 118 108 108 MSE MSE A . n 
A 1 119 ALA 119 109 109 ALA ALA A . n 
A 1 120 SER 120 110 110 SER SER A . n 
A 1 121 GLY 121 111 111 GLY GLY A . n 
A 1 122 LYS 122 112 112 LYS LYS A . n 
A 1 123 PRO 123 113 113 PRO PRO A . n 
A 1 124 VAL 124 114 114 VAL VAL A . n 
A 1 125 ILE 125 115 115 ILE ILE A . n 
A 1 126 ALA 126 116 116 ALA ALA A . n 
A 1 127 VAL 127 117 117 VAL VAL A . n 
A 1 128 ASN 128 118 118 ASN ASN A . n 
A 1 129 GLU 129 119 119 GLU GLU A . n 
A 1 130 GLY 130 120 120 GLY GLY A . n 
A 1 131 GLY 131 121 121 GLY GLY A . n 
A 1 132 PHE 132 122 122 PHE PHE A . n 
A 1 133 LYS 133 123 123 LYS LYS A . n 
A 1 134 GLU 134 124 124 GLU GLU A . n 
A 1 135 THR 135 125 125 THR THR A . n 
A 1 136 VAL 136 126 126 VAL VAL A . n 
A 1 137 ILE 137 127 127 ILE ILE A . n 
A 1 138 ASN 138 128 128 ASN ASN A . n 
A 1 139 GLU 139 129 129 GLU GLU A . n 
A 1 140 LYS 140 130 130 LYS LYS A . n 
A 1 141 THR 141 131 131 THR THR A . n 
A 1 142 GLY 142 132 132 GLY GLY A . n 
A 1 143 TYR 143 133 133 TYR TYR A . n 
A 1 144 LEU 144 134 134 LEU LEU A . n 
A 1 145 VAL 145 135 135 VAL VAL A . n 
A 1 146 ASN 146 136 136 ASN ASN A . n 
A 1 147 ALA 147 137 137 ALA ALA A . n 
A 1 148 ASP 148 138 138 ASP ASP A . n 
A 1 149 VAL 149 139 139 VAL VAL A . n 
A 1 150 ASN 150 140 140 ASN ASN A . n 
A 1 151 GLU 151 141 141 GLU GLU A . n 
A 1 152 ILE 152 142 142 ILE ILE A . n 
A 1 153 ILE 153 143 143 ILE ILE A . n 
A 1 154 ASP 154 144 144 ASP ASP A . n 
A 1 155 ALA 155 145 145 ALA ALA A . n 
A 1 156 MSE 156 146 146 MSE MSE A . n 
A 1 157 LYS 157 147 147 LYS LYS A . n 
A 1 158 LYS 158 148 148 LYS LYS A . n 
A 1 159 VAL 159 149 149 VAL VAL A . n 
A 1 160 SER 160 150 150 SER SER A . n 
A 1 161 LYS 161 151 151 LYS LYS A . n 
A 1 162 ASN 162 152 152 ASN ASN A . n 
A 1 163 PRO 163 153 153 PRO PRO A . n 
A 1 164 ASP 164 154 154 ASP ASP A . n 
A 1 165 LYS 165 155 155 LYS LYS A . n 
A 1 166 PHE 166 156 156 PHE PHE A . n 
A 1 167 LYS 167 157 157 LYS LYS A . n 
A 1 168 LYS 168 158 158 LYS LYS A . n 
A 1 169 ASP 169 159 159 ASP ASP A . n 
A 1 170 CYS 170 160 160 CYS CYS A . n 
A 1 171 PHE 171 161 161 PHE PHE A . n 
A 1 172 ARG 172 162 162 ARG ARG A . n 
A 1 173 ARG 173 163 163 ARG ARG A . n 
A 1 174 ALA 174 164 164 ALA ALA A . n 
A 1 175 LYS 175 165 165 LYS LYS A . n 
A 1 176 GLU 176 166 166 GLU GLU A . n 
A 1 177 PHE 177 167 167 PHE PHE A . n 
# 
loop_
_pdbx_nonpoly_scheme.asym_id 
_pdbx_nonpoly_scheme.entity_id 
_pdbx_nonpoly_scheme.mon_id 
_pdbx_nonpoly_scheme.ndb_seq_num 
_pdbx_nonpoly_scheme.pdb_seq_num 
_pdbx_nonpoly_scheme.auth_seq_num 
_pdbx_nonpoly_scheme.pdb_mon_id 
_pdbx_nonpoly_scheme.auth_mon_id 
_pdbx_nonpoly_scheme.pdb_strand_id 
_pdbx_nonpoly_scheme.pdb_ins_code 
B 2 HOH 1   168 1   HOH HOH A . 
B 2 HOH 2   169 2   HOH HOH A . 
B 2 HOH 3   170 3   HOH HOH A . 
B 2 HOH 4   171 4   HOH HOH A . 
B 2 HOH 5   172 5   HOH HOH A . 
B 2 HOH 6   173 6   HOH HOH A . 
B 2 HOH 7   174 7   HOH HOH A . 
B 2 HOH 8   175 8   HOH HOH A . 
B 2 HOH 9   176 9   HOH HOH A . 
B 2 HOH 10  177 10  HOH HOH A . 
B 2 HOH 11  178 11  HOH HOH A . 
B 2 HOH 12  179 12  HOH HOH A . 
B 2 HOH 13  180 13  HOH HOH A . 
B 2 HOH 14  181 14  HOH HOH A . 
B 2 HOH 15  182 15  HOH HOH A . 
B 2 HOH 16  183 16  HOH HOH A . 
B 2 HOH 17  184 17  HOH HOH A . 
B 2 HOH 18  185 18  HOH HOH A . 
B 2 HOH 19  186 19  HOH HOH A . 
B 2 HOH 20  187 20  HOH HOH A . 
B 2 HOH 21  188 21  HOH HOH A . 
B 2 HOH 22  189 22  HOH HOH A . 
B 2 HOH 23  190 23  HOH HOH A . 
B 2 HOH 24  191 24  HOH HOH A . 
B 2 HOH 25  192 25  HOH HOH A . 
B 2 HOH 26  193 26  HOH HOH A . 
B 2 HOH 27  194 27  HOH HOH A . 
B 2 HOH 28  195 28  HOH HOH A . 
B 2 HOH 29  196 29  HOH HOH A . 
B 2 HOH 30  197 30  HOH HOH A . 
B 2 HOH 31  198 31  HOH HOH A . 
B 2 HOH 32  199 32  HOH HOH A . 
B 2 HOH 33  200 33  HOH HOH A . 
B 2 HOH 34  201 34  HOH HOH A . 
B 2 HOH 35  202 35  HOH HOH A . 
B 2 HOH 36  203 36  HOH HOH A . 
B 2 HOH 37  204 37  HOH HOH A . 
B 2 HOH 38  205 38  HOH HOH A . 
B 2 HOH 39  206 39  HOH HOH A . 
B 2 HOH 40  207 40  HOH HOH A . 
B 2 HOH 41  208 41  HOH HOH A . 
B 2 HOH 42  209 42  HOH HOH A . 
B 2 HOH 43  210 43  HOH HOH A . 
B 2 HOH 44  211 44  HOH HOH A . 
B 2 HOH 45  212 45  HOH HOH A . 
B 2 HOH 46  213 46  HOH HOH A . 
B 2 HOH 47  214 47  HOH HOH A . 
B 2 HOH 48  215 48  HOH HOH A . 
B 2 HOH 49  216 49  HOH HOH A . 
B 2 HOH 50  217 50  HOH HOH A . 
B 2 HOH 51  218 51  HOH HOH A . 
B 2 HOH 52  219 52  HOH HOH A . 
B 2 HOH 53  220 53  HOH HOH A . 
B 2 HOH 54  221 54  HOH HOH A . 
B 2 HOH 55  222 55  HOH HOH A . 
B 2 HOH 56  223 56  HOH HOH A . 
B 2 HOH 57  224 57  HOH HOH A . 
B 2 HOH 58  225 58  HOH HOH A . 
B 2 HOH 59  226 59  HOH HOH A . 
B 2 HOH 60  227 60  HOH HOH A . 
B 2 HOH 61  228 61  HOH HOH A . 
B 2 HOH 62  229 62  HOH HOH A . 
B 2 HOH 63  230 63  HOH HOH A . 
B 2 HOH 64  231 64  HOH HOH A . 
B 2 HOH 65  232 65  HOH HOH A . 
B 2 HOH 66  233 66  HOH HOH A . 
B 2 HOH 67  234 67  HOH HOH A . 
B 2 HOH 68  235 68  HOH HOH A . 
B 2 HOH 69  236 69  HOH HOH A . 
B 2 HOH 70  237 70  HOH HOH A . 
B 2 HOH 71  238 71  HOH HOH A . 
B 2 HOH 72  239 72  HOH HOH A . 
B 2 HOH 73  240 73  HOH HOH A . 
B 2 HOH 74  241 74  HOH HOH A . 
B 2 HOH 75  242 75  HOH HOH A . 
B 2 HOH 76  243 76  HOH HOH A . 
B 2 HOH 77  244 77  HOH HOH A . 
B 2 HOH 78  245 78  HOH HOH A . 
B 2 HOH 79  246 79  HOH HOH A . 
B 2 HOH 80  247 80  HOH HOH A . 
B 2 HOH 81  248 81  HOH HOH A . 
B 2 HOH 82  249 82  HOH HOH A . 
B 2 HOH 83  250 83  HOH HOH A . 
B 2 HOH 84  251 84  HOH HOH A . 
B 2 HOH 85  252 85  HOH HOH A . 
B 2 HOH 86  253 86  HOH HOH A . 
B 2 HOH 87  254 87  HOH HOH A . 
B 2 HOH 88  255 88  HOH HOH A . 
B 2 HOH 89  256 89  HOH HOH A . 
B 2 HOH 90  257 90  HOH HOH A . 
B 2 HOH 91  258 91  HOH HOH A . 
B 2 HOH 92  259 92  HOH HOH A . 
B 2 HOH 93  260 93  HOH HOH A . 
B 2 HOH 94  261 94  HOH HOH A . 
B 2 HOH 95  262 95  HOH HOH A . 
B 2 HOH 96  263 96  HOH HOH A . 
B 2 HOH 97  264 97  HOH HOH A . 
B 2 HOH 98  265 98  HOH HOH A . 
B 2 HOH 99  266 99  HOH HOH A . 
B 2 HOH 100 267 100 HOH HOH A . 
B 2 HOH 101 268 101 HOH HOH A . 
B 2 HOH 102 269 102 HOH HOH A . 
B 2 HOH 103 270 103 HOH HOH A . 
B 2 HOH 104 271 104 HOH HOH A . 
B 2 HOH 105 272 105 HOH HOH A . 
B 2 HOH 106 273 106 HOH HOH A . 
B 2 HOH 107 274 107 HOH HOH A . 
B 2 HOH 108 275 108 HOH HOH A . 
B 2 HOH 109 276 109 HOH HOH A . 
B 2 HOH 110 277 110 HOH HOH A . 
B 2 HOH 111 278 111 HOH HOH A . 
B 2 HOH 112 279 112 HOH HOH A . 
B 2 HOH 113 280 113 HOH HOH A . 
B 2 HOH 114 281 114 HOH HOH A . 
B 2 HOH 115 282 115 HOH HOH A . 
B 2 HOH 116 283 116 HOH HOH A . 
B 2 HOH 117 284 117 HOH HOH A . 
B 2 HOH 118 285 118 HOH HOH A . 
# 
loop_
_software.name 
_software.classification 
_software.version 
_software.citation_id 
_software.pdbx_ordinal 
CNS       refinement       1.1 ? 1 
HKL-2000  'data reduction' .   ? 2 
SCALEPACK 'data scaling'   .   ? 3 
SnB       phasing          .   ? 4 
SOLVE     phasing          .   ? 5 
RESOLVE   phasing          .   ? 6 
# 
_cell.entry_id           2F9F 
_cell.length_a           41.072 
_cell.length_b           57.124 
_cell.length_c           60.589 
_cell.angle_alpha        90.00 
_cell.angle_beta         90.00 
_cell.angle_gamma        90.00 
_cell.Z_PDB              4 
_cell.pdbx_unique_axis   ? 
_cell.length_a_esd       ? 
_cell.length_b_esd       ? 
_cell.length_c_esd       ? 
_cell.angle_alpha_esd    ? 
_cell.angle_beta_esd     ? 
_cell.angle_gamma_esd    ? 
# 
_symmetry.entry_id                         2F9F 
_symmetry.space_group_name_H-M             'P 21 21 21' 
_symmetry.pdbx_full_space_group_name_H-M   ? 
_symmetry.cell_setting                     ? 
_symmetry.Int_Tables_number                19 
_symmetry.space_group_name_Hall            ? 
# 
_exptl.entry_id          2F9F 
_exptl.method            'X-RAY DIFFRACTION' 
_exptl.crystals_number   1 
# 
_exptl_crystal.id                    1 
_exptl_crystal.density_meas          ? 
_exptl_crystal.density_Matthews      1.71 
_exptl_crystal.density_percent_sol   28.406 
_exptl_crystal.description           ? 
_exptl_crystal.F_000                 ? 
_exptl_crystal.preparation           ? 
# 
_exptl_crystal_grow.crystal_id      1 
_exptl_crystal_grow.method          ? 
_exptl_crystal_grow.temp            293 
_exptl_crystal_grow.temp_details    ? 
_exptl_crystal_grow.pH              4.6 
_exptl_crystal_grow.pdbx_details    
'100 mM sodium acetate, 25% PEG 4k, 200 mM ammonium sulfate, and 5 mM DTT, pH 4.6, Microbatch, temperature 293K' 
_exptl_crystal_grow.pdbx_pH_range   . 
# 
_diffrn.id                     1 
_diffrn.ambient_temp           100 
_diffrn.ambient_temp_details   ? 
_diffrn.crystal_id             1 
# 
_diffrn_detector.diffrn_id              1 
_diffrn_detector.detector               CCD 
_diffrn_detector.type                   'ADSC QUANTUM 4' 
_diffrn_detector.pdbx_collection_date   2005-11-16 
_diffrn_detector.details                Mirrors 
# 
_diffrn_radiation.diffrn_id                        1 
_diffrn_radiation.wavelength_id                    1 
_diffrn_radiation.pdbx_monochromatic_or_laue_m_l   M 
_diffrn_radiation.monochromator                    'Si 111 CHANNEL' 
_diffrn_radiation.pdbx_diffrn_protocol             'SINGLE WAVELENGTH' 
_diffrn_radiation.pdbx_scattering_type             x-ray 
# 
_diffrn_radiation_wavelength.id           1 
_diffrn_radiation_wavelength.wavelength   0.97915 
_diffrn_radiation_wavelength.wt           1.0 
# 
_diffrn_source.diffrn_id                   1 
_diffrn_source.source                      SYNCHROTRON 
_diffrn_source.type                        'NSLS BEAMLINE X4A' 
_diffrn_source.pdbx_synchrotron_site       NSLS 
_diffrn_source.pdbx_synchrotron_beamline   X4A 
_diffrn_source.pdbx_wavelength             ? 
_diffrn_source.pdbx_wavelength_list        0.97915 
# 
_reflns.entry_id                     2F9F 
_reflns.observed_criterion_sigma_I   0 
_reflns.observed_criterion_sigma_F   0 
_reflns.d_resolution_low             30.3 
_reflns.d_resolution_high            1.80 
_reflns.number_obs                   13624 
_reflns.number_all                   13624 
_reflns.percent_possible_obs         100 
_reflns.pdbx_Rmerge_I_obs            0.118 
_reflns.pdbx_Rsym_value              0.094 
_reflns.pdbx_netI_over_sigmaI        26.86 
_reflns.B_iso_Wilson_estimate        9.8 
_reflns.pdbx_redundancy              11.6 
_reflns.R_free_details               ? 
_reflns.limit_h_max                  ? 
_reflns.limit_h_min                  ? 
_reflns.limit_k_max                  ? 
_reflns.limit_k_min                  ? 
_reflns.limit_l_max                  ? 
_reflns.limit_l_min                  ? 
_reflns.observed_criterion_F_max     ? 
_reflns.observed_criterion_F_min     ? 
_reflns.pdbx_chi_squared             ? 
_reflns.pdbx_scaling_rejects         ? 
_reflns.pdbx_ordinal                 1 
_reflns.pdbx_diffrn_id               1 
# 
_reflns_shell.d_res_high             1.8 
_reflns_shell.d_res_low              1.86 
_reflns_shell.percent_possible_all   100 
_reflns_shell.Rmerge_I_obs           0.432 
_reflns_shell.pdbx_Rsym_value        0.412 
_reflns_shell.meanI_over_sigI_obs    7.04 
_reflns_shell.pdbx_redundancy        11.8 
_reflns_shell.percent_possible_obs   ? 
_reflns_shell.number_unique_all      1323 
_reflns_shell.number_measured_all    ? 
_reflns_shell.number_measured_obs    ? 
_reflns_shell.number_unique_obs      ? 
_reflns_shell.pdbx_chi_squared       ? 
_reflns_shell.pdbx_ordinal           1 
_reflns_shell.pdbx_diffrn_id         1 
# 
_refine.entry_id                                 2F9F 
_refine.ls_number_reflns_obs                     13431 
_refine.ls_number_reflns_all                     13624 
_refine.pdbx_ls_sigma_I                          2.0 
_refine.pdbx_ls_sigma_F                          2.0 
_refine.pdbx_data_cutoff_high_absF               326462.04 
_refine.pdbx_data_cutoff_low_absF                0.000000 
_refine.pdbx_data_cutoff_high_rms_absF           ? 
_refine.ls_d_res_low                             30.30 
_refine.ls_d_res_high                            1.80 
_refine.ls_percent_reflns_obs                    92.6 
_refine.ls_R_factor_obs                          0.186 
_refine.ls_R_factor_all                          0.19 
_refine.ls_R_factor_R_work                       0.186 
_refine.ls_R_factor_R_free                       0.218 
_refine.ls_R_factor_R_free_error                 0.005 
_refine.ls_R_factor_R_free_error_details         ? 
_refine.ls_percent_reflns_R_free                 9.4 
_refine.ls_number_reflns_R_free                  2197 
_refine.ls_number_parameters                     ? 
_refine.ls_number_restraints                     ? 
_refine.occupancy_min                            ? 
_refine.occupancy_max                            ? 
_refine.correlation_coeff_Fo_to_Fc               ? 
_refine.correlation_coeff_Fo_to_Fc_free          ? 
_refine.B_iso_mean                               14.4 
_refine.aniso_B[1][1]                            3.77 
_refine.aniso_B[2][2]                            -1.80 
_refine.aniso_B[3][3]                            -1.97 
_refine.aniso_B[1][2]                            0.00 
_refine.aniso_B[1][3]                            0.00 
_refine.aniso_B[2][3]                            0.00 
_refine.solvent_model_details                    'FLAT MODEL' 
_refine.solvent_model_param_ksol                 0.395979 
_refine.solvent_model_param_bsol                 45.86 
_refine.pdbx_solvent_vdw_probe_radii             ? 
_refine.pdbx_solvent_ion_probe_radii             ? 
_refine.pdbx_solvent_shrinkage_radii             ? 
_refine.pdbx_ls_cross_valid_method               THROUGHOUT 
_refine.details                                  'Xtalview was also used for refinement.' 
_refine.pdbx_starting_model                      ? 
_refine.pdbx_method_to_determine_struct          SAD 
_refine.pdbx_isotropic_thermal_model             OVERALL 
_refine.pdbx_stereochemistry_target_values       'Engh & Huber' 
_refine.pdbx_stereochem_target_val_spec_case     ? 
_refine.pdbx_R_Free_selection_details            RANDOM 
_refine.pdbx_overall_ESU_R                       ? 
_refine.pdbx_overall_ESU_R_Free                  ? 
_refine.overall_SU_ML                            ? 
_refine.overall_SU_B                             ? 
_refine.ls_redundancy_reflns_obs                 ? 
_refine.B_iso_min                                ? 
_refine.B_iso_max                                ? 
_refine.overall_SU_R_Cruickshank_DPI             ? 
_refine.overall_SU_R_free                        ? 
_refine.ls_wR_factor_R_free                      ? 
_refine.ls_wR_factor_R_work                      ? 
_refine.overall_FOM_free_R_set                   ? 
_refine.overall_FOM_work_R_set                   ? 
_refine.pdbx_refine_id                           'X-RAY DIFFRACTION' 
_refine.pdbx_diffrn_id                           1 
_refine.pdbx_TLS_residual_ADP_flag               ? 
_refine.pdbx_overall_phase_error                 ? 
_refine.pdbx_overall_SU_R_free_Cruickshank_DPI   ? 
_refine.pdbx_overall_SU_R_Blow_DPI               ? 
_refine.pdbx_overall_SU_R_free_Blow_DPI          ? 
# 
_refine_analyze.entry_id                        2F9F 
_refine_analyze.Luzzati_coordinate_error_obs    0.18 
_refine_analyze.Luzzati_sigma_a_obs             0.04 
_refine_analyze.Luzzati_d_res_low_obs           5.00 
_refine_analyze.Luzzati_coordinate_error_free   0.22 
_refine_analyze.Luzzati_sigma_a_free            0.10 
_refine_analyze.Luzzati_d_res_low_free          ? 
_refine_analyze.number_disordered_residues      ? 
_refine_analyze.occupancy_sum_hydrogen          ? 
_refine_analyze.occupancy_sum_non_hydrogen      ? 
_refine_analyze.pdbx_Luzzati_d_res_high_obs     ? 
_refine_analyze.pdbx_refine_id                  'X-RAY DIFFRACTION' 
# 
_refine_hist.pdbx_refine_id                   'X-RAY DIFFRACTION' 
_refine_hist.cycle_id                         LAST 
_refine_hist.pdbx_number_atoms_protein        1345 
_refine_hist.pdbx_number_atoms_nucleic_acid   0 
_refine_hist.pdbx_number_atoms_ligand         0 
_refine_hist.number_atoms_solvent             118 
_refine_hist.number_atoms_total               1463 
_refine_hist.d_res_high                       1.80 
_refine_hist.d_res_low                        30.30 
# 
loop_
_refine_ls_restr.type 
_refine_ls_restr.dev_ideal 
_refine_ls_restr.dev_ideal_target 
_refine_ls_restr.weight 
_refine_ls_restr.number 
_refine_ls_restr.pdbx_refine_id 
_refine_ls_restr.pdbx_restraint_function 
c_bond_d           0.005 ? ? ? 'X-RAY DIFFRACTION' ? 
c_angle_deg        1.1   ? ? ? 'X-RAY DIFFRACTION' ? 
c_dihedral_angle_d 22.1  ? ? ? 'X-RAY DIFFRACTION' ? 
c_improper_angle_d 0.74  ? ? ? 'X-RAY DIFFRACTION' ? 
# 
_refine_ls_shell.pdbx_total_number_of_bins_used   6 
_refine_ls_shell.d_res_high                       1.80 
_refine_ls_shell.d_res_low                        1.91 
_refine_ls_shell.number_reflns_R_work             2959 
_refine_ls_shell.R_factor_R_work                  0.183 
_refine_ls_shell.percent_reflns_obs               76.6 
_refine_ls_shell.R_factor_R_free                  0.221 
_refine_ls_shell.R_factor_R_free_error            0.013 
_refine_ls_shell.percent_reflns_R_free            8.8 
_refine_ls_shell.number_reflns_R_free             285 
_refine_ls_shell.number_reflns_all                ? 
_refine_ls_shell.R_factor_all                     ? 
_refine_ls_shell.number_reflns_obs                2959 
_refine_ls_shell.redundancy_reflns_obs            ? 
_refine_ls_shell.pdbx_refine_id                   'X-RAY DIFFRACTION' 
# 
_struct.entry_id                  2F9F 
_struct.title                     
;Crystal Structure of the Putative Mannosyl Transferase (wbaZ-1)from Archaeoglobus fulgidus, Northeast Structural Genomics Target GR29A.
;
_struct.pdbx_model_details        ? 
_struct.pdbx_CASP_flag            ? 
_struct.pdbx_model_type_details   ? 
# 
_struct_keywords.entry_id        2F9F 
_struct_keywords.pdbx_keywords   TRANSFERASE 
_struct_keywords.text            
;alpha-beta protein, Structural Genomics, PSI, Protein Structure Initiative, Northeast Structural Genomics Consortium, NESG, TRANSFERASE
;
# 
loop_
_struct_asym.id 
_struct_asym.pdbx_blank_PDB_chainid_flag 
_struct_asym.pdbx_modified 
_struct_asym.entity_id 
_struct_asym.details 
A N N 1 ? 
B N N 2 ? 
# 
_struct_ref.id                         1 
_struct_ref.db_name                    GB 
_struct_ref.db_code                    NP_068884 
_struct_ref.pdbx_db_accession          11497664 
_struct_ref.entity_id                  1 
_struct_ref.pdbx_seq_one_letter_code   
;PVETSKFKFKCYGDFWLSVNRIYPEKRIELQLEVFKKLQDEKLYIVGWFSKGDHAERYARKIMKIAPDNVKFLGSVSEEE
LIDLYSRCKGLLCTAKDEDFGLTPIEAMASGKPVIAVNEGGFKETVINEKTGYLVNADVNEIIDAMKKVSKNPDKFKKDC
FRRAKEF
;
_struct_ref.pdbx_align_begin           172 
_struct_ref.pdbx_db_isoform            ? 
# 
_struct_ref_seq.align_id                      1 
_struct_ref_seq.ref_id                        1 
_struct_ref_seq.pdbx_PDB_id_code              2F9F 
_struct_ref_seq.pdbx_strand_id                A 
_struct_ref_seq.seq_align_beg                 11 
_struct_ref_seq.pdbx_seq_align_beg_ins_code   ? 
_struct_ref_seq.seq_align_end                 177 
_struct_ref_seq.pdbx_seq_align_end_ins_code   ? 
_struct_ref_seq.pdbx_db_accession             11497664 
_struct_ref_seq.db_align_beg                  172 
_struct_ref_seq.pdbx_db_align_beg_ins_code    ? 
_struct_ref_seq.db_align_end                  338 
_struct_ref_seq.pdbx_db_align_end_ins_code    ? 
_struct_ref_seq.pdbx_auth_seq_align_beg       1 
_struct_ref_seq.pdbx_auth_seq_align_end       167 
# 
loop_
_struct_ref_seq_dif.align_id 
_struct_ref_seq_dif.pdbx_pdb_id_code 
_struct_ref_seq_dif.mon_id 
_struct_ref_seq_dif.pdbx_pdb_strand_id 
_struct_ref_seq_dif.seq_num 
_struct_ref_seq_dif.pdbx_pdb_ins_code 
_struct_ref_seq_dif.pdbx_seq_db_name 
_struct_ref_seq_dif.pdbx_seq_db_accession_code 
_struct_ref_seq_dif.db_mon_id 
_struct_ref_seq_dif.pdbx_seq_db_seq_num 
_struct_ref_seq_dif.details 
_struct_ref_seq_dif.pdbx_auth_seq_num 
_struct_ref_seq_dif.pdbx_ordinal 
1 2F9F MSE A 1   ? GB 11497664 ?   ?   'cloning artifact' -9  1  
1 2F9F GLY A 2   ? GB 11497664 ?   ?   'cloning artifact' -8  2  
1 2F9F HIS A 3   ? GB 11497664 ?   ?   'cloning artifact' -7  3  
1 2F9F HIS A 4   ? GB 11497664 ?   ?   'cloning artifact' -6  4  
1 2F9F HIS A 5   ? GB 11497664 ?   ?   'cloning artifact' -5  5  
1 2F9F HIS A 6   ? GB 11497664 ?   ?   'cloning artifact' -4  6  
1 2F9F HIS A 7   ? GB 11497664 ?   ?   'cloning artifact' -3  7  
1 2F9F HIS A 8   ? GB 11497664 ?   ?   'cloning artifact' -2  8  
1 2F9F SER A 9   ? GB 11497664 ?   ?   'cloning artifact' -1  9  
1 2F9F HIS A 10  ? GB 11497664 ?   ?   'cloning artifact' 0   10 
1 2F9F MSE A 73  ? GB 11497664 MET 234 'modified residue' 63  11 
1 2F9F MSE A 118 ? GB 11497664 MET 279 'modified residue' 108 12 
1 2F9F MSE A 156 ? GB 11497664 MET 317 'modified residue' 146 13 
# 
_pdbx_struct_assembly.id                   1 
_pdbx_struct_assembly.details              author_defined_assembly 
_pdbx_struct_assembly.method_details       ? 
_pdbx_struct_assembly.oligomeric_details   monomeric 
_pdbx_struct_assembly.oligomeric_count     1 
# 
_pdbx_struct_assembly_gen.assembly_id       1 
_pdbx_struct_assembly_gen.oper_expression   1 
_pdbx_struct_assembly_gen.asym_id_list      A,B 
# 
_pdbx_struct_oper_list.id                   1 
_pdbx_struct_oper_list.type                 'identity operation' 
_pdbx_struct_oper_list.name                 1_555 
_pdbx_struct_oper_list.symmetry_operation   x,y,z 
_pdbx_struct_oper_list.matrix[1][1]         1.0000000000 
_pdbx_struct_oper_list.matrix[1][2]         0.0000000000 
_pdbx_struct_oper_list.matrix[1][3]         0.0000000000 
_pdbx_struct_oper_list.vector[1]            0.0000000000 
_pdbx_struct_oper_list.matrix[2][1]         0.0000000000 
_pdbx_struct_oper_list.matrix[2][2]         1.0000000000 
_pdbx_struct_oper_list.matrix[2][3]         0.0000000000 
_pdbx_struct_oper_list.vector[2]            0.0000000000 
_pdbx_struct_oper_list.matrix[3][1]         0.0000000000 
_pdbx_struct_oper_list.matrix[3][2]         0.0000000000 
_pdbx_struct_oper_list.matrix[3][3]         1.0000000000 
_pdbx_struct_oper_list.vector[3]            0.0000000000 
# 
_struct_biol.id   1 
# 
loop_
_struct_conf.conf_type_id 
_struct_conf.id 
_struct_conf.pdbx_PDB_helix_id 
_struct_conf.beg_label_comp_id 
_struct_conf.beg_label_asym_id 
_struct_conf.beg_label_seq_id 
_struct_conf.pdbx_beg_PDB_ins_code 
_struct_conf.end_label_comp_id 
_struct_conf.end_label_asym_id 
_struct_conf.end_label_seq_id 
_struct_conf.pdbx_end_PDB_ins_code 
_struct_conf.beg_auth_comp_id 
_struct_conf.beg_auth_asym_id 
_struct_conf.beg_auth_seq_id 
_struct_conf.end_auth_comp_id 
_struct_conf.end_auth_asym_id 
_struct_conf.end_auth_seq_id 
_struct_conf.pdbx_PDB_helix_class 
_struct_conf.details 
_struct_conf.pdbx_PDB_helix_length 
HELX_P HELX_P1 1 TYR A 33  ? LYS A 36  ? TYR A 23  LYS A 26  5 ? 4  
HELX_P HELX_P2 2 ARG A 37  ? LEU A 48  ? ARG A 27  LEU A 38  1 ? 12 
HELX_P HELX_P3 3 HIS A 64  ? ALA A 76  ? HIS A 54  ALA A 66  1 ? 13 
HELX_P HELX_P4 4 SER A 87  ? CYS A 98  ? SER A 77  CYS A 88  1 ? 12 
HELX_P HELX_P5 5 GLY A 111 ? SER A 120 ? GLY A 101 SER A 110 1 ? 10 
HELX_P HELX_P6 6 GLU A 129 ? VAL A 136 ? GLU A 119 VAL A 126 1 ? 8  
HELX_P HELX_P7 7 ASP A 148 ? ASN A 162 ? ASP A 138 ASN A 152 1 ? 15 
HELX_P HELX_P8 8 PHE A 166 ? GLU A 176 ? PHE A 156 GLU A 166 1 ? 11 
# 
_struct_conf_type.id          HELX_P 
_struct_conf_type.criteria    ? 
_struct_conf_type.reference   ? 
# 
loop_
_struct_conn.id 
_struct_conn.conn_type_id 
_struct_conn.pdbx_leaving_atom_flag 
_struct_conn.pdbx_PDB_id 
_struct_conn.ptnr1_label_asym_id 
_struct_conn.ptnr1_label_comp_id 
_struct_conn.ptnr1_label_seq_id 
_struct_conn.ptnr1_label_atom_id 
_struct_conn.pdbx_ptnr1_label_alt_id 
_struct_conn.pdbx_ptnr1_PDB_ins_code 
_struct_conn.pdbx_ptnr1_standard_comp_id 
_struct_conn.ptnr1_symmetry 
_struct_conn.ptnr2_label_asym_id 
_struct_conn.ptnr2_label_comp_id 
_struct_conn.ptnr2_label_seq_id 
_struct_conn.ptnr2_label_atom_id 
_struct_conn.pdbx_ptnr2_label_alt_id 
_struct_conn.pdbx_ptnr2_PDB_ins_code 
_struct_conn.ptnr1_auth_asym_id 
_struct_conn.ptnr1_auth_comp_id 
_struct_conn.ptnr1_auth_seq_id 
_struct_conn.ptnr2_auth_asym_id 
_struct_conn.ptnr2_auth_comp_id 
_struct_conn.ptnr2_auth_seq_id 
_struct_conn.ptnr2_symmetry 
_struct_conn.pdbx_ptnr3_label_atom_id 
_struct_conn.pdbx_ptnr3_label_seq_id 
_struct_conn.pdbx_ptnr3_label_comp_id 
_struct_conn.pdbx_ptnr3_label_asym_id 
_struct_conn.pdbx_ptnr3_label_alt_id 
_struct_conn.pdbx_ptnr3_PDB_ins_code 
_struct_conn.details 
_struct_conn.pdbx_dist_value 
_struct_conn.pdbx_value_order 
_struct_conn.pdbx_role 
covale1 covale both ? A ILE 72  C ? ? ? 1_555 A MSE 73  N ? ? A ILE 62  A MSE 63  1_555 ? ? ? ? ? ? ? 1.326 ? ? 
covale2 covale both ? A MSE 73  C ? ? ? 1_555 A LYS 74  N ? ? A MSE 63  A LYS 64  1_555 ? ? ? ? ? ? ? 1.328 ? ? 
covale3 covale both ? A ALA 117 C ? ? ? 1_555 A MSE 118 N ? ? A ALA 107 A MSE 108 1_555 ? ? ? ? ? ? ? 1.330 ? ? 
covale4 covale both ? A MSE 118 C ? ? ? 1_555 A ALA 119 N ? ? A MSE 108 A ALA 109 1_555 ? ? ? ? ? ? ? 1.331 ? ? 
covale5 covale both ? A ALA 155 C ? ? ? 1_555 A MSE 156 N ? ? A ALA 145 A MSE 146 1_555 ? ? ? ? ? ? ? 1.328 ? ? 
covale6 covale both ? A MSE 156 C ? ? ? 1_555 A LYS 157 N ? ? A MSE 146 A LYS 147 1_555 ? ? ? ? ? ? ? 1.330 ? ? 
# 
_struct_conn_type.id          covale 
_struct_conn_type.criteria    ? 
_struct_conn_type.reference   ? 
# 
loop_
_pdbx_modification_feature.ordinal 
_pdbx_modification_feature.label_comp_id 
_pdbx_modification_feature.label_asym_id 
_pdbx_modification_feature.label_seq_id 
_pdbx_modification_feature.label_alt_id 
_pdbx_modification_feature.modified_residue_label_comp_id 
_pdbx_modification_feature.modified_residue_label_asym_id 
_pdbx_modification_feature.modified_residue_label_seq_id 
_pdbx_modification_feature.modified_residue_label_alt_id 
_pdbx_modification_feature.auth_comp_id 
_pdbx_modification_feature.auth_asym_id 
_pdbx_modification_feature.auth_seq_id 
_pdbx_modification_feature.PDB_ins_code 
_pdbx_modification_feature.symmetry 
_pdbx_modification_feature.modified_residue_auth_comp_id 
_pdbx_modification_feature.modified_residue_auth_asym_id 
_pdbx_modification_feature.modified_residue_auth_seq_id 
_pdbx_modification_feature.modified_residue_PDB_ins_code 
_pdbx_modification_feature.modified_residue_symmetry 
_pdbx_modification_feature.comp_id_linking_atom 
_pdbx_modification_feature.modified_residue_id_linking_atom 
_pdbx_modification_feature.modified_residue_id 
_pdbx_modification_feature.ref_pcm_id 
_pdbx_modification_feature.ref_comp_id 
_pdbx_modification_feature.type 
_pdbx_modification_feature.category 
1 MSE A 73  ? . . . . MSE A 63  ? 1_555 . . . . . . . MET 1 MSE Selenomethionine 'Named protein modification' 
2 MSE A 118 ? . . . . MSE A 108 ? 1_555 . . . . . . . MET 1 MSE Selenomethionine 'Named protein modification' 
3 MSE A 156 ? . . . . MSE A 146 ? 1_555 . . . . . . . MET 1 MSE Selenomethionine 'Named protein modification' 
# 
_struct_sheet.id               A 
_struct_sheet.type             ? 
_struct_sheet.number_strands   6 
_struct_sheet.details          ? 
# 
loop_
_struct_sheet_order.sheet_id 
_struct_sheet_order.range_id_1 
_struct_sheet_order.range_id_2 
_struct_sheet_order.offset 
_struct_sheet_order.sense 
A 1 2 ? parallel 
A 2 3 ? parallel 
A 3 4 ? parallel 
A 4 5 ? parallel 
A 5 6 ? parallel 
# 
loop_
_struct_sheet_range.sheet_id 
_struct_sheet_range.id 
_struct_sheet_range.beg_label_comp_id 
_struct_sheet_range.beg_label_asym_id 
_struct_sheet_range.beg_label_seq_id 
_struct_sheet_range.pdbx_beg_PDB_ins_code 
_struct_sheet_range.end_label_comp_id 
_struct_sheet_range.end_label_asym_id 
_struct_sheet_range.end_label_seq_id 
_struct_sheet_range.pdbx_end_PDB_ins_code 
_struct_sheet_range.beg_auth_comp_id 
_struct_sheet_range.beg_auth_asym_id 
_struct_sheet_range.beg_auth_seq_id 
_struct_sheet_range.end_auth_comp_id 
_struct_sheet_range.end_auth_asym_id 
_struct_sheet_range.end_auth_seq_id 
A 1 VAL A 80  ? GLY A 84  ? VAL A 70  GLY A 74  
A 2 LEU A 53  ? VAL A 56  ? LEU A 43  VAL A 46  
A 3 TRP A 26  ? VAL A 29  ? TRP A 16  VAL A 19  
A 4 GLY A 100 ? CYS A 103 ? GLY A 90  CYS A 93  
A 5 VAL A 124 ? VAL A 127 ? VAL A 114 VAL A 117 
A 6 GLY A 142 ? VAL A 145 ? GLY A 132 VAL A 135 
# 
loop_
_pdbx_struct_sheet_hbond.sheet_id 
_pdbx_struct_sheet_hbond.range_id_1 
_pdbx_struct_sheet_hbond.range_id_2 
_pdbx_struct_sheet_hbond.range_1_label_atom_id 
_pdbx_struct_sheet_hbond.range_1_label_comp_id 
_pdbx_struct_sheet_hbond.range_1_label_asym_id 
_pdbx_struct_sheet_hbond.range_1_label_seq_id 
_pdbx_struct_sheet_hbond.range_1_PDB_ins_code 
_pdbx_struct_sheet_hbond.range_1_auth_atom_id 
_pdbx_struct_sheet_hbond.range_1_auth_comp_id 
_pdbx_struct_sheet_hbond.range_1_auth_asym_id 
_pdbx_struct_sheet_hbond.range_1_auth_seq_id 
_pdbx_struct_sheet_hbond.range_2_label_atom_id 
_pdbx_struct_sheet_hbond.range_2_label_comp_id 
_pdbx_struct_sheet_hbond.range_2_label_asym_id 
_pdbx_struct_sheet_hbond.range_2_label_seq_id 
_pdbx_struct_sheet_hbond.range_2_PDB_ins_code 
_pdbx_struct_sheet_hbond.range_2_auth_atom_id 
_pdbx_struct_sheet_hbond.range_2_auth_comp_id 
_pdbx_struct_sheet_hbond.range_2_auth_asym_id 
_pdbx_struct_sheet_hbond.range_2_auth_seq_id 
A 1 2 O LYS A 81  ? O LYS A 71  N ILE A 55  ? N ILE A 45  
A 2 3 O VAL A 56  ? O VAL A 46  N SER A 28  ? N SER A 18  
A 3 4 N LEU A 27  ? N LEU A 17  O LEU A 102 ? O LEU A 92  
A 4 5 N LEU A 101 ? N LEU A 91  O ILE A 125 ? O ILE A 115 
A 5 6 N ALA A 126 ? N ALA A 116 O VAL A 145 ? O VAL A 135 
# 
_pdbx_entry_details.entry_id                   2F9F 
_pdbx_entry_details.compound_details           ? 
_pdbx_entry_details.source_details             ? 
_pdbx_entry_details.nonpolymer_details         ? 
_pdbx_entry_details.sequence_details           ? 
_pdbx_entry_details.has_ligand_of_interest     ? 
_pdbx_entry_details.has_protein_modification   Y 
# 
loop_
_pdbx_validate_torsion.id 
_pdbx_validate_torsion.PDB_model_num 
_pdbx_validate_torsion.auth_comp_id 
_pdbx_validate_torsion.auth_asym_id 
_pdbx_validate_torsion.auth_seq_id 
_pdbx_validate_torsion.PDB_ins_code 
_pdbx_validate_torsion.label_alt_id 
_pdbx_validate_torsion.phi 
_pdbx_validate_torsion.psi 
1 1 LYS A 10  ? ? -123.63 -55.48  
2 1 ASP A 14  ? ? -96.78  32.77   
3 1 ASN A 20  ? ? -172.14 134.35  
4 1 TRP A 48  ? ? -133.89 -150.57 
5 1 ALA A 137 ? ? -69.07  81.81   
# 
_pdbx_SG_project.id                    1 
_pdbx_SG_project.project_name          'PSI, Protein Structure Initiative' 
_pdbx_SG_project.full_name_of_center   'Northeast Structural Genomics Consortium' 
_pdbx_SG_project.initial_of_center     NESG 
# 
loop_
_pdbx_struct_mod_residue.id 
_pdbx_struct_mod_residue.label_asym_id 
_pdbx_struct_mod_residue.label_comp_id 
_pdbx_struct_mod_residue.label_seq_id 
_pdbx_struct_mod_residue.auth_asym_id 
_pdbx_struct_mod_residue.auth_comp_id 
_pdbx_struct_mod_residue.auth_seq_id 
_pdbx_struct_mod_residue.PDB_ins_code 
_pdbx_struct_mod_residue.parent_comp_id 
_pdbx_struct_mod_residue.details 
1 A MSE 73  A MSE 63  ? MET SELENOMETHIONINE 
2 A MSE 118 A MSE 108 ? MET SELENOMETHIONINE 
3 A MSE 156 A MSE 146 ? MET SELENOMETHIONINE 
# 
loop_
_pdbx_unobs_or_zero_occ_residues.id 
_pdbx_unobs_or_zero_occ_residues.PDB_model_num 
_pdbx_unobs_or_zero_occ_residues.polymer_flag 
_pdbx_unobs_or_zero_occ_residues.occupancy_flag 
_pdbx_unobs_or_zero_occ_residues.auth_asym_id 
_pdbx_unobs_or_zero_occ_residues.auth_comp_id 
_pdbx_unobs_or_zero_occ_residues.auth_seq_id 
_pdbx_unobs_or_zero_occ_residues.PDB_ins_code 
_pdbx_unobs_or_zero_occ_residues.label_asym_id 
_pdbx_unobs_or_zero_occ_residues.label_comp_id 
_pdbx_unobs_or_zero_occ_residues.label_seq_id 
1  1 Y 1 A MSE -9 ? A MSE 1  
2  1 Y 1 A GLY -8 ? A GLY 2  
3  1 Y 1 A HIS -7 ? A HIS 3  
4  1 Y 1 A HIS -6 ? A HIS 4  
5  1 Y 1 A HIS -5 ? A HIS 5  
6  1 Y 1 A HIS -4 ? A HIS 6  
7  1 Y 1 A HIS -3 ? A HIS 7  
8  1 Y 1 A HIS -2 ? A HIS 8  
9  1 Y 1 A SER -1 ? A SER 9  
10 1 Y 1 A HIS 0  ? A HIS 10 
11 1 Y 1 A PRO 1  ? A PRO 11 
# 
loop_
_chem_comp_atom.comp_id 
_chem_comp_atom.atom_id 
_chem_comp_atom.type_symbol 
_chem_comp_atom.pdbx_aromatic_flag 
_chem_comp_atom.pdbx_stereo_config 
_chem_comp_atom.pdbx_ordinal 
ALA N    N  N N 1   
ALA CA   C  N S 2   
ALA C    C  N N 3   
ALA O    O  N N 4   
ALA CB   C  N N 5   
ALA OXT  O  N N 6   
ALA H    H  N N 7   
ALA H2   H  N N 8   
ALA HA   H  N N 9   
ALA HB1  H  N N 10  
ALA HB2  H  N N 11  
ALA HB3  H  N N 12  
ALA HXT  H  N N 13  
ARG N    N  N N 14  
ARG CA   C  N S 15  
ARG C    C  N N 16  
ARG O    O  N N 17  
ARG CB   C  N N 18  
ARG CG   C  N N 19  
ARG CD   C  N N 20  
ARG NE   N  N N 21  
ARG CZ   C  N N 22  
ARG NH1  N  N N 23  
ARG NH2  N  N N 24  
ARG OXT  O  N N 25  
ARG H    H  N N 26  
ARG H2   H  N N 27  
ARG HA   H  N N 28  
ARG HB2  H  N N 29  
ARG HB3  H  N N 30  
ARG HG2  H  N N 31  
ARG HG3  H  N N 32  
ARG HD2  H  N N 33  
ARG HD3  H  N N 34  
ARG HE   H  N N 35  
ARG HH11 H  N N 36  
ARG HH12 H  N N 37  
ARG HH21 H  N N 38  
ARG HH22 H  N N 39  
ARG HXT  H  N N 40  
ASN N    N  N N 41  
ASN CA   C  N S 42  
ASN C    C  N N 43  
ASN O    O  N N 44  
ASN CB   C  N N 45  
ASN CG   C  N N 46  
ASN OD1  O  N N 47  
ASN ND2  N  N N 48  
ASN OXT  O  N N 49  
ASN H    H  N N 50  
ASN H2   H  N N 51  
ASN HA   H  N N 52  
ASN HB2  H  N N 53  
ASN HB3  H  N N 54  
ASN HD21 H  N N 55  
ASN HD22 H  N N 56  
ASN HXT  H  N N 57  
ASP N    N  N N 58  
ASP CA   C  N S 59  
ASP C    C  N N 60  
ASP O    O  N N 61  
ASP CB   C  N N 62  
ASP CG   C  N N 63  
ASP OD1  O  N N 64  
ASP OD2  O  N N 65  
ASP OXT  O  N N 66  
ASP H    H  N N 67  
ASP H2   H  N N 68  
ASP HA   H  N N 69  
ASP HB2  H  N N 70  
ASP HB3  H  N N 71  
ASP HD2  H  N N 72  
ASP HXT  H  N N 73  
CYS N    N  N N 74  
CYS CA   C  N R 75  
CYS C    C  N N 76  
CYS O    O  N N 77  
CYS CB   C  N N 78  
CYS SG   S  N N 79  
CYS OXT  O  N N 80  
CYS H    H  N N 81  
CYS H2   H  N N 82  
CYS HA   H  N N 83  
CYS HB2  H  N N 84  
CYS HB3  H  N N 85  
CYS HG   H  N N 86  
CYS HXT  H  N N 87  
GLN N    N  N N 88  
GLN CA   C  N S 89  
GLN C    C  N N 90  
GLN O    O  N N 91  
GLN CB   C  N N 92  
GLN CG   C  N N 93  
GLN CD   C  N N 94  
GLN OE1  O  N N 95  
GLN NE2  N  N N 96  
GLN OXT  O  N N 97  
GLN H    H  N N 98  
GLN H2   H  N N 99  
GLN HA   H  N N 100 
GLN HB2  H  N N 101 
GLN HB3  H  N N 102 
GLN HG2  H  N N 103 
GLN HG3  H  N N 104 
GLN HE21 H  N N 105 
GLN HE22 H  N N 106 
GLN HXT  H  N N 107 
GLU N    N  N N 108 
GLU CA   C  N S 109 
GLU C    C  N N 110 
GLU O    O  N N 111 
GLU CB   C  N N 112 
GLU CG   C  N N 113 
GLU CD   C  N N 114 
GLU OE1  O  N N 115 
GLU OE2  O  N N 116 
GLU OXT  O  N N 117 
GLU H    H  N N 118 
GLU H2   H  N N 119 
GLU HA   H  N N 120 
GLU HB2  H  N N 121 
GLU HB3  H  N N 122 
GLU HG2  H  N N 123 
GLU HG3  H  N N 124 
GLU HE2  H  N N 125 
GLU HXT  H  N N 126 
GLY N    N  N N 127 
GLY CA   C  N N 128 
GLY C    C  N N 129 
GLY O    O  N N 130 
GLY OXT  O  N N 131 
GLY H    H  N N 132 
GLY H2   H  N N 133 
GLY HA2  H  N N 134 
GLY HA3  H  N N 135 
GLY HXT  H  N N 136 
HIS N    N  N N 137 
HIS CA   C  N S 138 
HIS C    C  N N 139 
HIS O    O  N N 140 
HIS CB   C  N N 141 
HIS CG   C  Y N 142 
HIS ND1  N  Y N 143 
HIS CD2  C  Y N 144 
HIS CE1  C  Y N 145 
HIS NE2  N  Y N 146 
HIS OXT  O  N N 147 
HIS H    H  N N 148 
HIS H2   H  N N 149 
HIS HA   H  N N 150 
HIS HB2  H  N N 151 
HIS HB3  H  N N 152 
HIS HD1  H  N N 153 
HIS HD2  H  N N 154 
HIS HE1  H  N N 155 
HIS HE2  H  N N 156 
HIS HXT  H  N N 157 
HOH O    O  N N 158 
HOH H1   H  N N 159 
HOH H2   H  N N 160 
ILE N    N  N N 161 
ILE CA   C  N S 162 
ILE C    C  N N 163 
ILE O    O  N N 164 
ILE CB   C  N S 165 
ILE CG1  C  N N 166 
ILE CG2  C  N N 167 
ILE CD1  C  N N 168 
ILE OXT  O  N N 169 
ILE H    H  N N 170 
ILE H2   H  N N 171 
ILE HA   H  N N 172 
ILE HB   H  N N 173 
ILE HG12 H  N N 174 
ILE HG13 H  N N 175 
ILE HG21 H  N N 176 
ILE HG22 H  N N 177 
ILE HG23 H  N N 178 
ILE HD11 H  N N 179 
ILE HD12 H  N N 180 
ILE HD13 H  N N 181 
ILE HXT  H  N N 182 
LEU N    N  N N 183 
LEU CA   C  N S 184 
LEU C    C  N N 185 
LEU O    O  N N 186 
LEU CB   C  N N 187 
LEU CG   C  N N 188 
LEU CD1  C  N N 189 
LEU CD2  C  N N 190 
LEU OXT  O  N N 191 
LEU H    H  N N 192 
LEU H2   H  N N 193 
LEU HA   H  N N 194 
LEU HB2  H  N N 195 
LEU HB3  H  N N 196 
LEU HG   H  N N 197 
LEU HD11 H  N N 198 
LEU HD12 H  N N 199 
LEU HD13 H  N N 200 
LEU HD21 H  N N 201 
LEU HD22 H  N N 202 
LEU HD23 H  N N 203 
LEU HXT  H  N N 204 
LYS N    N  N N 205 
LYS CA   C  N S 206 
LYS C    C  N N 207 
LYS O    O  N N 208 
LYS CB   C  N N 209 
LYS CG   C  N N 210 
LYS CD   C  N N 211 
LYS CE   C  N N 212 
LYS NZ   N  N N 213 
LYS OXT  O  N N 214 
LYS H    H  N N 215 
LYS H2   H  N N 216 
LYS HA   H  N N 217 
LYS HB2  H  N N 218 
LYS HB3  H  N N 219 
LYS HG2  H  N N 220 
LYS HG3  H  N N 221 
LYS HD2  H  N N 222 
LYS HD3  H  N N 223 
LYS HE2  H  N N 224 
LYS HE3  H  N N 225 
LYS HZ1  H  N N 226 
LYS HZ2  H  N N 227 
LYS HZ3  H  N N 228 
LYS HXT  H  N N 229 
MET N    N  N N 230 
MET CA   C  N S 231 
MET C    C  N N 232 
MET O    O  N N 233 
MET CB   C  N N 234 
MET CG   C  N N 235 
MET SD   S  N N 236 
MET CE   C  N N 237 
MET OXT  O  N N 238 
MET H    H  N N 239 
MET H2   H  N N 240 
MET HA   H  N N 241 
MET HB2  H  N N 242 
MET HB3  H  N N 243 
MET HG2  H  N N 244 
MET HG3  H  N N 245 
MET HE1  H  N N 246 
MET HE2  H  N N 247 
MET HE3  H  N N 248 
MET HXT  H  N N 249 
MSE N    N  N N 250 
MSE CA   C  N S 251 
MSE C    C  N N 252 
MSE O    O  N N 253 
MSE OXT  O  N N 254 
MSE CB   C  N N 255 
MSE CG   C  N N 256 
MSE SE   SE N N 257 
MSE CE   C  N N 258 
MSE H    H  N N 259 
MSE H2   H  N N 260 
MSE HA   H  N N 261 
MSE HXT  H  N N 262 
MSE HB2  H  N N 263 
MSE HB3  H  N N 264 
MSE HG2  H  N N 265 
MSE HG3  H  N N 266 
MSE HE1  H  N N 267 
MSE HE2  H  N N 268 
MSE HE3  H  N N 269 
PHE N    N  N N 270 
PHE CA   C  N S 271 
PHE C    C  N N 272 
PHE O    O  N N 273 
PHE CB   C  N N 274 
PHE CG   C  Y N 275 
PHE CD1  C  Y N 276 
PHE CD2  C  Y N 277 
PHE CE1  C  Y N 278 
PHE CE2  C  Y N 279 
PHE CZ   C  Y N 280 
PHE OXT  O  N N 281 
PHE H    H  N N 282 
PHE H2   H  N N 283 
PHE HA   H  N N 284 
PHE HB2  H  N N 285 
PHE HB3  H  N N 286 
PHE HD1  H  N N 287 
PHE HD2  H  N N 288 
PHE HE1  H  N N 289 
PHE HE2  H  N N 290 
PHE HZ   H  N N 291 
PHE HXT  H  N N 292 
PRO N    N  N N 293 
PRO CA   C  N S 294 
PRO C    C  N N 295 
PRO O    O  N N 296 
PRO CB   C  N N 297 
PRO CG   C  N N 298 
PRO CD   C  N N 299 
PRO OXT  O  N N 300 
PRO H    H  N N 301 
PRO HA   H  N N 302 
PRO HB2  H  N N 303 
PRO HB3  H  N N 304 
PRO HG2  H  N N 305 
PRO HG3  H  N N 306 
PRO HD2  H  N N 307 
PRO HD3  H  N N 308 
PRO HXT  H  N N 309 
SER N    N  N N 310 
SER CA   C  N S 311 
SER C    C  N N 312 
SER O    O  N N 313 
SER CB   C  N N 314 
SER OG   O  N N 315 
SER OXT  O  N N 316 
SER H    H  N N 317 
SER H2   H  N N 318 
SER HA   H  N N 319 
SER HB2  H  N N 320 
SER HB3  H  N N 321 
SER HG   H  N N 322 
SER HXT  H  N N 323 
THR N    N  N N 324 
THR CA   C  N S 325 
THR C    C  N N 326 
THR O    O  N N 327 
THR CB   C  N R 328 
THR OG1  O  N N 329 
THR CG2  C  N N 330 
THR OXT  O  N N 331 
THR H    H  N N 332 
THR H2   H  N N 333 
THR HA   H  N N 334 
THR HB   H  N N 335 
THR HG1  H  N N 336 
THR HG21 H  N N 337 
THR HG22 H  N N 338 
THR HG23 H  N N 339 
THR HXT  H  N N 340 
TRP N    N  N N 341 
TRP CA   C  N S 342 
TRP C    C  N N 343 
TRP O    O  N N 344 
TRP CB   C  N N 345 
TRP CG   C  Y N 346 
TRP CD1  C  Y N 347 
TRP CD2  C  Y N 348 
TRP NE1  N  Y N 349 
TRP CE2  C  Y N 350 
TRP CE3  C  Y N 351 
TRP CZ2  C  Y N 352 
TRP CZ3  C  Y N 353 
TRP CH2  C  Y N 354 
TRP OXT  O  N N 355 
TRP H    H  N N 356 
TRP H2   H  N N 357 
TRP HA   H  N N 358 
TRP HB2  H  N N 359 
TRP HB3  H  N N 360 
TRP HD1  H  N N 361 
TRP HE1  H  N N 362 
TRP HE3  H  N N 363 
TRP HZ2  H  N N 364 
TRP HZ3  H  N N 365 
TRP HH2  H  N N 366 
TRP HXT  H  N N 367 
TYR N    N  N N 368 
TYR CA   C  N S 369 
TYR C    C  N N 370 
TYR O    O  N N 371 
TYR CB   C  N N 372 
TYR CG   C  Y N 373 
TYR CD1  C  Y N 374 
TYR CD2  C  Y N 375 
TYR CE1  C  Y N 376 
TYR CE2  C  Y N 377 
TYR CZ   C  Y N 378 
TYR OH   O  N N 379 
TYR OXT  O  N N 380 
TYR H    H  N N 381 
TYR H2   H  N N 382 
TYR HA   H  N N 383 
TYR HB2  H  N N 384 
TYR HB3  H  N N 385 
TYR HD1  H  N N 386 
TYR HD2  H  N N 387 
TYR HE1  H  N N 388 
TYR HE2  H  N N 389 
TYR HH   H  N N 390 
TYR HXT  H  N N 391 
VAL N    N  N N 392 
VAL CA   C  N S 393 
VAL C    C  N N 394 
VAL O    O  N N 395 
VAL CB   C  N N 396 
VAL CG1  C  N N 397 
VAL CG2  C  N N 398 
VAL OXT  O  N N 399 
VAL H    H  N N 400 
VAL H2   H  N N 401 
VAL HA   H  N N 402 
VAL HB   H  N N 403 
VAL HG11 H  N N 404 
VAL HG12 H  N N 405 
VAL HG13 H  N N 406 
VAL HG21 H  N N 407 
VAL HG22 H  N N 408 
VAL HG23 H  N N 409 
VAL HXT  H  N N 410 
# 
loop_
_chem_comp_bond.comp_id 
_chem_comp_bond.atom_id_1 
_chem_comp_bond.atom_id_2 
_chem_comp_bond.value_order 
_chem_comp_bond.pdbx_aromatic_flag 
_chem_comp_bond.pdbx_stereo_config 
_chem_comp_bond.pdbx_ordinal 
ALA N   CA   sing N N 1   
ALA N   H    sing N N 2   
ALA N   H2   sing N N 3   
ALA CA  C    sing N N 4   
ALA CA  CB   sing N N 5   
ALA CA  HA   sing N N 6   
ALA C   O    doub N N 7   
ALA C   OXT  sing N N 8   
ALA CB  HB1  sing N N 9   
ALA CB  HB2  sing N N 10  
ALA CB  HB3  sing N N 11  
ALA OXT HXT  sing N N 12  
ARG N   CA   sing N N 13  
ARG N   H    sing N N 14  
ARG N   H2   sing N N 15  
ARG CA  C    sing N N 16  
ARG CA  CB   sing N N 17  
ARG CA  HA   sing N N 18  
ARG C   O    doub N N 19  
ARG C   OXT  sing N N 20  
ARG CB  CG   sing N N 21  
ARG CB  HB2  sing N N 22  
ARG CB  HB3  sing N N 23  
ARG CG  CD   sing N N 24  
ARG CG  HG2  sing N N 25  
ARG CG  HG3  sing N N 26  
ARG CD  NE   sing N N 27  
ARG CD  HD2  sing N N 28  
ARG CD  HD3  sing N N 29  
ARG NE  CZ   sing N N 30  
ARG NE  HE   sing N N 31  
ARG CZ  NH1  sing N N 32  
ARG CZ  NH2  doub N N 33  
ARG NH1 HH11 sing N N 34  
ARG NH1 HH12 sing N N 35  
ARG NH2 HH21 sing N N 36  
ARG NH2 HH22 sing N N 37  
ARG OXT HXT  sing N N 38  
ASN N   CA   sing N N 39  
ASN N   H    sing N N 40  
ASN N   H2   sing N N 41  
ASN CA  C    sing N N 42  
ASN CA  CB   sing N N 43  
ASN CA  HA   sing N N 44  
ASN C   O    doub N N 45  
ASN C   OXT  sing N N 46  
ASN CB  CG   sing N N 47  
ASN CB  HB2  sing N N 48  
ASN CB  HB3  sing N N 49  
ASN CG  OD1  doub N N 50  
ASN CG  ND2  sing N N 51  
ASN ND2 HD21 sing N N 52  
ASN ND2 HD22 sing N N 53  
ASN OXT HXT  sing N N 54  
ASP N   CA   sing N N 55  
ASP N   H    sing N N 56  
ASP N   H2   sing N N 57  
ASP CA  C    sing N N 58  
ASP CA  CB   sing N N 59  
ASP CA  HA   sing N N 60  
ASP C   O    doub N N 61  
ASP C   OXT  sing N N 62  
ASP CB  CG   sing N N 63  
ASP CB  HB2  sing N N 64  
ASP CB  HB3  sing N N 65  
ASP CG  OD1  doub N N 66  
ASP CG  OD2  sing N N 67  
ASP OD2 HD2  sing N N 68  
ASP OXT HXT  sing N N 69  
CYS N   CA   sing N N 70  
CYS N   H    sing N N 71  
CYS N   H2   sing N N 72  
CYS CA  C    sing N N 73  
CYS CA  CB   sing N N 74  
CYS CA  HA   sing N N 75  
CYS C   O    doub N N 76  
CYS C   OXT  sing N N 77  
CYS CB  SG   sing N N 78  
CYS CB  HB2  sing N N 79  
CYS CB  HB3  sing N N 80  
CYS SG  HG   sing N N 81  
CYS OXT HXT  sing N N 82  
GLN N   CA   sing N N 83  
GLN N   H    sing N N 84  
GLN N   H2   sing N N 85  
GLN CA  C    sing N N 86  
GLN CA  CB   sing N N 87  
GLN CA  HA   sing N N 88  
GLN C   O    doub N N 89  
GLN C   OXT  sing N N 90  
GLN CB  CG   sing N N 91  
GLN CB  HB2  sing N N 92  
GLN CB  HB3  sing N N 93  
GLN CG  CD   sing N N 94  
GLN CG  HG2  sing N N 95  
GLN CG  HG3  sing N N 96  
GLN CD  OE1  doub N N 97  
GLN CD  NE2  sing N N 98  
GLN NE2 HE21 sing N N 99  
GLN NE2 HE22 sing N N 100 
GLN OXT HXT  sing N N 101 
GLU N   CA   sing N N 102 
GLU N   H    sing N N 103 
GLU N   H2   sing N N 104 
GLU CA  C    sing N N 105 
GLU CA  CB   sing N N 106 
GLU CA  HA   sing N N 107 
GLU C   O    doub N N 108 
GLU C   OXT  sing N N 109 
GLU CB  CG   sing N N 110 
GLU CB  HB2  sing N N 111 
GLU CB  HB3  sing N N 112 
GLU CG  CD   sing N N 113 
GLU CG  HG2  sing N N 114 
GLU CG  HG3  sing N N 115 
GLU CD  OE1  doub N N 116 
GLU CD  OE2  sing N N 117 
GLU OE2 HE2  sing N N 118 
GLU OXT HXT  sing N N 119 
GLY N   CA   sing N N 120 
GLY N   H    sing N N 121 
GLY N   H2   sing N N 122 
GLY CA  C    sing N N 123 
GLY CA  HA2  sing N N 124 
GLY CA  HA3  sing N N 125 
GLY C   O    doub N N 126 
GLY C   OXT  sing N N 127 
GLY OXT HXT  sing N N 128 
HIS N   CA   sing N N 129 
HIS N   H    sing N N 130 
HIS N   H2   sing N N 131 
HIS CA  C    sing N N 132 
HIS CA  CB   sing N N 133 
HIS CA  HA   sing N N 134 
HIS C   O    doub N N 135 
HIS C   OXT  sing N N 136 
HIS CB  CG   sing N N 137 
HIS CB  HB2  sing N N 138 
HIS CB  HB3  sing N N 139 
HIS CG  ND1  sing Y N 140 
HIS CG  CD2  doub Y N 141 
HIS ND1 CE1  doub Y N 142 
HIS ND1 HD1  sing N N 143 
HIS CD2 NE2  sing Y N 144 
HIS CD2 HD2  sing N N 145 
HIS CE1 NE2  sing Y N 146 
HIS CE1 HE1  sing N N 147 
HIS NE2 HE2  sing N N 148 
HIS OXT HXT  sing N N 149 
HOH O   H1   sing N N 150 
HOH O   H2   sing N N 151 
ILE N   CA   sing N N 152 
ILE N   H    sing N N 153 
ILE N   H2   sing N N 154 
ILE CA  C    sing N N 155 
ILE CA  CB   sing N N 156 
ILE CA  HA   sing N N 157 
ILE C   O    doub N N 158 
ILE C   OXT  sing N N 159 
ILE CB  CG1  sing N N 160 
ILE CB  CG2  sing N N 161 
ILE CB  HB   sing N N 162 
ILE CG1 CD1  sing N N 163 
ILE CG1 HG12 sing N N 164 
ILE CG1 HG13 sing N N 165 
ILE CG2 HG21 sing N N 166 
ILE CG2 HG22 sing N N 167 
ILE CG2 HG23 sing N N 168 
ILE CD1 HD11 sing N N 169 
ILE CD1 HD12 sing N N 170 
ILE CD1 HD13 sing N N 171 
ILE OXT HXT  sing N N 172 
LEU N   CA   sing N N 173 
LEU N   H    sing N N 174 
LEU N   H2   sing N N 175 
LEU CA  C    sing N N 176 
LEU CA  CB   sing N N 177 
LEU CA  HA   sing N N 178 
LEU C   O    doub N N 179 
LEU C   OXT  sing N N 180 
LEU CB  CG   sing N N 181 
LEU CB  HB2  sing N N 182 
LEU CB  HB3  sing N N 183 
LEU CG  CD1  sing N N 184 
LEU CG  CD2  sing N N 185 
LEU CG  HG   sing N N 186 
LEU CD1 HD11 sing N N 187 
LEU CD1 HD12 sing N N 188 
LEU CD1 HD13 sing N N 189 
LEU CD2 HD21 sing N N 190 
LEU CD2 HD22 sing N N 191 
LEU CD2 HD23 sing N N 192 
LEU OXT HXT  sing N N 193 
LYS N   CA   sing N N 194 
LYS N   H    sing N N 195 
LYS N   H2   sing N N 196 
LYS CA  C    sing N N 197 
LYS CA  CB   sing N N 198 
LYS CA  HA   sing N N 199 
LYS C   O    doub N N 200 
LYS C   OXT  sing N N 201 
LYS CB  CG   sing N N 202 
LYS CB  HB2  sing N N 203 
LYS CB  HB3  sing N N 204 
LYS CG  CD   sing N N 205 
LYS CG  HG2  sing N N 206 
LYS CG  HG3  sing N N 207 
LYS CD  CE   sing N N 208 
LYS CD  HD2  sing N N 209 
LYS CD  HD3  sing N N 210 
LYS CE  NZ   sing N N 211 
LYS CE  HE2  sing N N 212 
LYS CE  HE3  sing N N 213 
LYS NZ  HZ1  sing N N 214 
LYS NZ  HZ2  sing N N 215 
LYS NZ  HZ3  sing N N 216 
LYS OXT HXT  sing N N 217 
MET N   CA   sing N N 218 
MET N   H    sing N N 219 
MET N   H2   sing N N 220 
MET CA  C    sing N N 221 
MET CA  CB   sing N N 222 
MET CA  HA   sing N N 223 
MET C   O    doub N N 224 
MET C   OXT  sing N N 225 
MET CB  CG   sing N N 226 
MET CB  HB2  sing N N 227 
MET CB  HB3  sing N N 228 
MET CG  SD   sing N N 229 
MET CG  HG2  sing N N 230 
MET CG  HG3  sing N N 231 
MET SD  CE   sing N N 232 
MET CE  HE1  sing N N 233 
MET CE  HE2  sing N N 234 
MET CE  HE3  sing N N 235 
MET OXT HXT  sing N N 236 
MSE N   CA   sing N N 237 
MSE N   H    sing N N 238 
MSE N   H2   sing N N 239 
MSE CA  C    sing N N 240 
MSE CA  CB   sing N N 241 
MSE CA  HA   sing N N 242 
MSE C   O    doub N N 243 
MSE C   OXT  sing N N 244 
MSE OXT HXT  sing N N 245 
MSE CB  CG   sing N N 246 
MSE CB  HB2  sing N N 247 
MSE CB  HB3  sing N N 248 
MSE CG  SE   sing N N 249 
MSE CG  HG2  sing N N 250 
MSE CG  HG3  sing N N 251 
MSE SE  CE   sing N N 252 
MSE CE  HE1  sing N N 253 
MSE CE  HE2  sing N N 254 
MSE CE  HE3  sing N N 255 
PHE N   CA   sing N N 256 
PHE N   H    sing N N 257 
PHE N   H2   sing N N 258 
PHE CA  C    sing N N 259 
PHE CA  CB   sing N N 260 
PHE CA  HA   sing N N 261 
PHE C   O    doub N N 262 
PHE C   OXT  sing N N 263 
PHE CB  CG   sing N N 264 
PHE CB  HB2  sing N N 265 
PHE CB  HB3  sing N N 266 
PHE CG  CD1  doub Y N 267 
PHE CG  CD2  sing Y N 268 
PHE CD1 CE1  sing Y N 269 
PHE CD1 HD1  sing N N 270 
PHE CD2 CE2  doub Y N 271 
PHE CD2 HD2  sing N N 272 
PHE CE1 CZ   doub Y N 273 
PHE CE1 HE1  sing N N 274 
PHE CE2 CZ   sing Y N 275 
PHE CE2 HE2  sing N N 276 
PHE CZ  HZ   sing N N 277 
PHE OXT HXT  sing N N 278 
PRO N   CA   sing N N 279 
PRO N   CD   sing N N 280 
PRO N   H    sing N N 281 
PRO CA  C    sing N N 282 
PRO CA  CB   sing N N 283 
PRO CA  HA   sing N N 284 
PRO C   O    doub N N 285 
PRO C   OXT  sing N N 286 
PRO CB  CG   sing N N 287 
PRO CB  HB2  sing N N 288 
PRO CB  HB3  sing N N 289 
PRO CG  CD   sing N N 290 
PRO CG  HG2  sing N N 291 
PRO CG  HG3  sing N N 292 
PRO CD  HD2  sing N N 293 
PRO CD  HD3  sing N N 294 
PRO OXT HXT  sing N N 295 
SER N   CA   sing N N 296 
SER N   H    sing N N 297 
SER N   H2   sing N N 298 
SER CA  C    sing N N 299 
SER CA  CB   sing N N 300 
SER CA  HA   sing N N 301 
SER C   O    doub N N 302 
SER C   OXT  sing N N 303 
SER CB  OG   sing N N 304 
SER CB  HB2  sing N N 305 
SER CB  HB3  sing N N 306 
SER OG  HG   sing N N 307 
SER OXT HXT  sing N N 308 
THR N   CA   sing N N 309 
THR N   H    sing N N 310 
THR N   H2   sing N N 311 
THR CA  C    sing N N 312 
THR CA  CB   sing N N 313 
THR CA  HA   sing N N 314 
THR C   O    doub N N 315 
THR C   OXT  sing N N 316 
THR CB  OG1  sing N N 317 
THR CB  CG2  sing N N 318 
THR CB  HB   sing N N 319 
THR OG1 HG1  sing N N 320 
THR CG2 HG21 sing N N 321 
THR CG2 HG22 sing N N 322 
THR CG2 HG23 sing N N 323 
THR OXT HXT  sing N N 324 
TRP N   CA   sing N N 325 
TRP N   H    sing N N 326 
TRP N   H2   sing N N 327 
TRP CA  C    sing N N 328 
TRP CA  CB   sing N N 329 
TRP CA  HA   sing N N 330 
TRP C   O    doub N N 331 
TRP C   OXT  sing N N 332 
TRP CB  CG   sing N N 333 
TRP CB  HB2  sing N N 334 
TRP CB  HB3  sing N N 335 
TRP CG  CD1  doub Y N 336 
TRP CG  CD2  sing Y N 337 
TRP CD1 NE1  sing Y N 338 
TRP CD1 HD1  sing N N 339 
TRP CD2 CE2  doub Y N 340 
TRP CD2 CE3  sing Y N 341 
TRP NE1 CE2  sing Y N 342 
TRP NE1 HE1  sing N N 343 
TRP CE2 CZ2  sing Y N 344 
TRP CE3 CZ3  doub Y N 345 
TRP CE3 HE3  sing N N 346 
TRP CZ2 CH2  doub Y N 347 
TRP CZ2 HZ2  sing N N 348 
TRP CZ3 CH2  sing Y N 349 
TRP CZ3 HZ3  sing N N 350 
TRP CH2 HH2  sing N N 351 
TRP OXT HXT  sing N N 352 
TYR N   CA   sing N N 353 
TYR N   H    sing N N 354 
TYR N   H2   sing N N 355 
TYR CA  C    sing N N 356 
TYR CA  CB   sing N N 357 
TYR CA  HA   sing N N 358 
TYR C   O    doub N N 359 
TYR C   OXT  sing N N 360 
TYR CB  CG   sing N N 361 
TYR CB  HB2  sing N N 362 
TYR CB  HB3  sing N N 363 
TYR CG  CD1  doub Y N 364 
TYR CG  CD2  sing Y N 365 
TYR CD1 CE1  sing Y N 366 
TYR CD1 HD1  sing N N 367 
TYR CD2 CE2  doub Y N 368 
TYR CD2 HD2  sing N N 369 
TYR CE1 CZ   doub Y N 370 
TYR CE1 HE1  sing N N 371 
TYR CE2 CZ   sing Y N 372 
TYR CE2 HE2  sing N N 373 
TYR CZ  OH   sing N N 374 
TYR OH  HH   sing N N 375 
TYR OXT HXT  sing N N 376 
VAL N   CA   sing N N 377 
VAL N   H    sing N N 378 
VAL N   H2   sing N N 379 
VAL CA  C    sing N N 380 
VAL CA  CB   sing N N 381 
VAL CA  HA   sing N N 382 
VAL C   O    doub N N 383 
VAL C   OXT  sing N N 384 
VAL CB  CG1  sing N N 385 
VAL CB  CG2  sing N N 386 
VAL CB  HB   sing N N 387 
VAL CG1 HG11 sing N N 388 
VAL CG1 HG12 sing N N 389 
VAL CG1 HG13 sing N N 390 
VAL CG2 HG21 sing N N 391 
VAL CG2 HG22 sing N N 392 
VAL CG2 HG23 sing N N 393 
VAL OXT HXT  sing N N 394 
# 
_atom_sites.entry_id                    2F9F 
_atom_sites.fract_transf_matrix[1][1]   0.01487445 
_atom_sites.fract_transf_matrix[1][2]   0.01817235 
_atom_sites.fract_transf_matrix[1][3]   0.00642596 
_atom_sites.fract_transf_matrix[2][1]   0.00274574 
_atom_sites.fract_transf_matrix[2][2]   -0.00771817 
_atom_sites.fract_transf_matrix[2][3]   0.01547097 
_atom_sites.fract_transf_matrix[3][1]   0.01280768 
_atom_sites.fract_transf_matrix[3][2]   -0.00822806 
_atom_sites.fract_transf_matrix[3][3]   -0.00637789 
_atom_sites.fract_transf_vector[1]      0.682156 
_atom_sites.fract_transf_vector[2]      0.495783 
_atom_sites.fract_transf_vector[3]      0.655806 
# 
loop_
_atom_type.symbol 
C  
N  
O  
S  
SE 
# 
loop_
_atom_site.group_PDB 
_atom_site.id 
_atom_site.type_symbol 
_atom_site.label_atom_id 
_atom_site.label_alt_id 
_atom_site.label_comp_id 
_atom_site.label_asym_id 
_atom_site.label_entity_id 
_atom_site.label_seq_id 
_atom_site.pdbx_PDB_ins_code 
_atom_site.Cartn_x 
_atom_site.Cartn_y 
_atom_site.Cartn_z 
_atom_site.occupancy 
_atom_site.B_iso_or_equiv 
_atom_site.pdbx_formal_charge 
_atom_site.auth_seq_id 
_atom_site.auth_comp_id 
_atom_site.auth_asym_id 
_atom_site.auth_atom_id 
_atom_site.pdbx_PDB_model_num 
ATOM   1    N  N   . VAL A 1 12  ? 6.097   -7.234  -16.602 1.00 26.42 ? 2   VAL A N   1 
ATOM   2    C  CA  . VAL A 1 12  ? 5.850   -7.495  -15.153 1.00 25.10 ? 2   VAL A CA  1 
ATOM   3    C  C   . VAL A 1 12  ? 5.085   -8.802  -14.948 1.00 25.48 ? 2   VAL A C   1 
ATOM   4    O  O   . VAL A 1 12  ? 3.937   -8.937  -15.371 1.00 27.11 ? 2   VAL A O   1 
ATOM   5    C  CB  . VAL A 1 12  ? 5.040   -6.351  -14.516 1.00 25.05 ? 2   VAL A CB  1 
ATOM   6    C  CG1 . VAL A 1 12  ? 4.842   -6.618  -13.031 1.00 23.58 ? 2   VAL A CG1 1 
ATOM   7    C  CG2 . VAL A 1 12  ? 5.751   -5.027  -14.738 1.00 23.90 ? 2   VAL A CG2 1 
ATOM   8    N  N   . GLU A 1 13  ? 5.729   -9.757  -14.286 1.00 24.73 ? 3   GLU A N   1 
ATOM   9    C  CA  . GLU A 1 13  ? 5.121   -11.055 -14.022 1.00 25.87 ? 3   GLU A CA  1 
ATOM   10   C  C   . GLU A 1 13  ? 4.093   -10.952 -12.905 1.00 25.30 ? 3   GLU A C   1 
ATOM   11   O  O   . GLU A 1 13  ? 4.355   -10.347 -11.867 1.00 26.51 ? 3   GLU A O   1 
ATOM   12   C  CB  . GLU A 1 13  ? 6.209   -12.067 -13.657 1.00 27.99 ? 3   GLU A CB  1 
ATOM   13   C  CG  . GLU A 1 13  ? 7.217   -12.288 -14.774 1.00 30.76 ? 3   GLU A CG  1 
ATOM   14   C  CD  . GLU A 1 13  ? 6.563   -12.795 -16.047 1.00 32.31 ? 3   GLU A CD  1 
ATOM   15   O  OE1 . GLU A 1 13  ? 6.032   -13.927 -16.033 1.00 33.64 ? 3   GLU A OE1 1 
ATOM   16   O  OE2 . GLU A 1 13  ? 6.573   -12.057 -17.059 1.00 34.01 ? 3   GLU A OE2 1 
ATOM   17   N  N   . THR A 1 14  ? 2.922   -11.543 -13.120 1.00 24.54 ? 4   THR A N   1 
ATOM   18   C  CA  . THR A 1 14  ? 1.859   -11.492 -12.121 1.00 24.03 ? 4   THR A CA  1 
ATOM   19   C  C   . THR A 1 14  ? 1.151   -12.832 -11.942 1.00 22.82 ? 4   THR A C   1 
ATOM   20   O  O   . THR A 1 14  ? 0.115   -12.912 -11.279 1.00 20.66 ? 4   THR A O   1 
ATOM   21   C  CB  . THR A 1 14  ? 0.806   -10.427 -12.495 1.00 25.15 ? 4   THR A CB  1 
ATOM   22   O  OG1 . THR A 1 14  ? 0.251   -10.735 -13.781 1.00 26.78 ? 4   THR A OG1 1 
ATOM   23   C  CG2 . THR A 1 14  ? 1.443   -9.045  -12.543 1.00 25.22 ? 4   THR A CG2 1 
ATOM   24   N  N   . SER A 1 15  ? 1.719   -13.883 -12.521 1.00 21.41 ? 5   SER A N   1 
ATOM   25   C  CA  . SER A 1 15  ? 1.123   -15.213 -12.432 1.00 20.69 ? 5   SER A CA  1 
ATOM   26   C  C   . SER A 1 15  ? 1.230   -15.825 -11.037 1.00 18.79 ? 5   SER A C   1 
ATOM   27   O  O   . SER A 1 15  ? 0.397   -16.642 -10.651 1.00 17.54 ? 5   SER A O   1 
ATOM   28   C  CB  . SER A 1 15  ? 1.788   -16.152 -13.441 1.00 22.03 ? 5   SER A CB  1 
ATOM   29   O  OG  . SER A 1 15  ? 3.120   -16.446 -13.054 1.00 25.79 ? 5   SER A OG  1 
ATOM   30   N  N   . LYS A 1 16  ? 2.250   -15.433 -10.282 1.00 16.84 ? 6   LYS A N   1 
ATOM   31   C  CA  . LYS A 1 16  ? 2.436   -15.989 -8.951  1.00 16.16 ? 6   LYS A CA  1 
ATOM   32   C  C   . LYS A 1 16  ? 1.573   -15.340 -7.874  1.00 14.28 ? 6   LYS A C   1 
ATOM   33   O  O   . LYS A 1 16  ? 1.579   -15.780 -6.728  1.00 15.65 ? 6   LYS A O   1 
ATOM   34   C  CB  . LYS A 1 16  ? 3.912   -15.920 -8.540  1.00 19.34 ? 6   LYS A CB  1 
ATOM   35   C  CG  . LYS A 1 16  ? 4.503   -14.517 -8.480  1.00 22.56 ? 6   LYS A CG  1 
ATOM   36   C  CD  . LYS A 1 16  ? 5.542   -14.288 -9.578  1.00 25.36 ? 6   LYS A CD  1 
ATOM   37   C  CE  . LYS A 1 16  ? 6.608   -15.380 -9.586  1.00 27.58 ? 6   LYS A CE  1 
ATOM   38   N  NZ  . LYS A 1 16  ? 7.151   -15.646 -8.221  1.00 29.05 ? 6   LYS A NZ  1 
ATOM   39   N  N   . PHE A 1 17  ? 0.826   -14.300 -8.225  1.00 13.40 ? 7   PHE A N   1 
ATOM   40   C  CA  . PHE A 1 17  ? -0.018  -13.652 -7.226  1.00 11.59 ? 7   PHE A CA  1 
ATOM   41   C  C   . PHE A 1 17  ? -1.417  -14.239 -7.237  1.00 12.17 ? 7   PHE A C   1 
ATOM   42   O  O   . PHE A 1 17  ? -1.894  -14.706 -8.268  1.00 11.45 ? 7   PHE A O   1 
ATOM   43   C  CB  . PHE A 1 17  ? -0.087  -12.142 -7.470  1.00 11.66 ? 7   PHE A CB  1 
ATOM   44   C  CG  . PHE A 1 17  ? 1.251   -11.467 -7.429  1.00 12.42 ? 7   PHE A CG  1 
ATOM   45   C  CD1 . PHE A 1 17  ? 1.972   -11.258 -8.599  1.00 15.59 ? 7   PHE A CD1 1 
ATOM   46   C  CD2 . PHE A 1 17  ? 1.815   -11.083 -6.219  1.00 14.20 ? 7   PHE A CD2 1 
ATOM   47   C  CE1 . PHE A 1 17  ? 3.238   -10.681 -8.566  1.00 16.08 ? 7   PHE A CE1 1 
ATOM   48   C  CE2 . PHE A 1 17  ? 3.083   -10.503 -6.174  1.00 15.51 ? 7   PHE A CE2 1 
ATOM   49   C  CZ  . PHE A 1 17  ? 3.793   -10.304 -7.350  1.00 15.15 ? 7   PHE A CZ  1 
ATOM   50   N  N   . LYS A 1 18  ? -2.072  -14.240 -6.081  1.00 12.62 ? 8   LYS A N   1 
ATOM   51   C  CA  . LYS A 1 18  ? -3.424  -14.766 -6.013  1.00 14.45 ? 8   LYS A CA  1 
ATOM   52   C  C   . LYS A 1 18  ? -4.277  -14.072 -4.969  1.00 12.35 ? 8   LYS A C   1 
ATOM   53   O  O   . LYS A 1 18  ? -3.798  -13.235 -4.198  1.00 8.79  ? 8   LYS A O   1 
ATOM   54   C  CB  . LYS A 1 18  ? -3.417  -16.272 -5.745  1.00 18.00 ? 8   LYS A CB  1 
ATOM   55   C  CG  . LYS A 1 18  ? -2.836  -16.679 -4.410  1.00 21.76 ? 8   LYS A CG  1 
ATOM   56   C  CD  . LYS A 1 18  ? -1.359  -16.990 -4.524  1.00 25.59 ? 8   LYS A CD  1 
ATOM   57   C  CE  . LYS A 1 18  ? -0.836  -17.587 -3.229  1.00 27.88 ? 8   LYS A CE  1 
ATOM   58   N  NZ  . LYS A 1 18  ? 0.570   -18.058 -3.361  1.00 28.92 ? 8   LYS A NZ  1 
ATOM   59   N  N   . PHE A 1 19  ? -5.554  -14.429 -4.963  1.00 11.92 ? 9   PHE A N   1 
ATOM   60   C  CA  . PHE A 1 19  ? -6.521  -13.860 -4.040  1.00 11.45 ? 9   PHE A CA  1 
ATOM   61   C  C   . PHE A 1 19  ? -6.895  -14.855 -2.952  1.00 10.97 ? 9   PHE A C   1 
ATOM   62   O  O   . PHE A 1 19  ? -7.096  -16.038 -3.220  1.00 12.01 ? 9   PHE A O   1 
ATOM   63   C  CB  . PHE A 1 19  ? -7.789  -13.460 -4.798  1.00 11.61 ? 9   PHE A CB  1 
ATOM   64   C  CG  . PHE A 1 19  ? -8.911  -13.010 -3.905  1.00 11.31 ? 9   PHE A CG  1 
ATOM   65   C  CD1 . PHE A 1 19  ? -8.934  -11.719 -3.389  1.00 10.90 ? 9   PHE A CD1 1 
ATOM   66   C  CD2 . PHE A 1 19  ? -9.918  -13.897 -3.539  1.00 11.81 ? 9   PHE A CD2 1 
ATOM   67   C  CE1 . PHE A 1 19  ? -9.944  -11.317 -2.523  1.00 10.95 ? 9   PHE A CE1 1 
ATOM   68   C  CE2 . PHE A 1 19  ? -10.933 -13.507 -2.672  1.00 9.18  ? 9   PHE A CE2 1 
ATOM   69   C  CZ  . PHE A 1 19  ? -10.945 -12.212 -2.160  1.00 11.49 ? 9   PHE A CZ  1 
ATOM   70   N  N   . LYS A 1 20  ? -6.977  -14.375 -1.719  1.00 9.93  ? 10  LYS A N   1 
ATOM   71   C  CA  . LYS A 1 20  ? -7.381  -15.232 -0.622  1.00 9.88  ? 10  LYS A CA  1 
ATOM   72   C  C   . LYS A 1 20  ? -8.589  -14.612 0.060   1.00 10.77 ? 10  LYS A C   1 
ATOM   73   O  O   . LYS A 1 20  ? -9.645  -15.241 0.171   1.00 11.43 ? 10  LYS A O   1 
ATOM   74   C  CB  . LYS A 1 20  ? -6.239  -15.433 0.383   1.00 9.15  ? 10  LYS A CB  1 
ATOM   75   C  CG  . LYS A 1 20  ? -5.096  -16.298 -0.153  1.00 9.44  ? 10  LYS A CG  1 
ATOM   76   C  CD  . LYS A 1 20  ? -4.075  -16.645 0.930   1.00 11.19 ? 10  LYS A CD  1 
ATOM   77   C  CE  . LYS A 1 20  ? -2.880  -17.382 0.336   1.00 11.32 ? 10  LYS A CE  1 
ATOM   78   N  NZ  . LYS A 1 20  ? -1.844  -17.716 1.351   1.00 12.99 ? 10  LYS A NZ  1 
ATOM   79   N  N   . CYS A 1 21  ? -8.448  -13.366 0.493   1.00 8.14  ? 11  CYS A N   1 
ATOM   80   C  CA  . CYS A 1 21  ? -9.543  -12.690 1.172   1.00 7.64  ? 11  CYS A CA  1 
ATOM   81   C  C   . CYS A 1 21  ? -9.262  -11.201 1.329   1.00 9.63  ? 11  CYS A C   1 
ATOM   82   O  O   . CYS A 1 21  ? -8.146  -10.743 1.100   1.00 9.05  ? 11  CYS A O   1 
ATOM   83   C  CB  . CYS A 1 21  ? -9.715  -13.290 2.566   1.00 7.53  ? 11  CYS A CB  1 
ATOM   84   S  SG  . CYS A 1 21  ? -8.252  -13.048 3.629   1.00 12.68 ? 11  CYS A SG  1 
ATOM   85   N  N   . TYR A 1 22  ? -10.289 -10.448 1.706   1.00 9.62  ? 12  TYR A N   1 
ATOM   86   C  CA  . TYR A 1 22  ? -10.114 -9.031  1.970   1.00 10.13 ? 12  TYR A CA  1 
ATOM   87   C  C   . TYR A 1 22  ? -10.016 -8.974  3.491   1.00 12.17 ? 12  TYR A C   1 
ATOM   88   O  O   . TYR A 1 22  ? -11.022 -8.839  4.196   1.00 12.07 ? 12  TYR A O   1 
ATOM   89   C  CB  . TYR A 1 22  ? -11.303 -8.210  1.458   1.00 10.28 ? 12  TYR A CB  1 
ATOM   90   C  CG  . TYR A 1 22  ? -11.386 -8.160  -0.051  1.00 8.79  ? 12  TYR A CG  1 
ATOM   91   C  CD1 . TYR A 1 22  ? -12.237 -9.016  -0.756  1.00 10.98 ? 12  TYR A CD1 1 
ATOM   92   C  CD2 . TYR A 1 22  ? -10.572 -7.291  -0.782  1.00 7.74  ? 12  TYR A CD2 1 
ATOM   93   C  CE1 . TYR A 1 22  ? -12.269 -9.009  -2.153  1.00 9.98  ? 12  TYR A CE1 1 
ATOM   94   C  CE2 . TYR A 1 22  ? -10.593 -7.277  -2.175  1.00 7.37  ? 12  TYR A CE2 1 
ATOM   95   C  CZ  . TYR A 1 22  ? -11.443 -8.139  -2.854  1.00 10.44 ? 12  TYR A CZ  1 
ATOM   96   O  OH  . TYR A 1 22  ? -11.451 -8.143  -4.233  1.00 11.43 ? 12  TYR A OH  1 
ATOM   97   N  N   . GLY A 1 23  ? -8.790  -9.119  3.987   1.00 12.77 ? 13  GLY A N   1 
ATOM   98   C  CA  . GLY A 1 23  ? -8.547  -9.112  5.417   1.00 14.52 ? 13  GLY A CA  1 
ATOM   99   C  C   . GLY A 1 23  ? -8.803  -7.779  6.089   1.00 15.84 ? 13  GLY A C   1 
ATOM   100  O  O   . GLY A 1 23  ? -9.204  -6.812  5.443   1.00 16.45 ? 13  GLY A O   1 
ATOM   101  N  N   . ASP A 1 24  ? -8.556  -7.719  7.391   1.00 17.34 ? 14  ASP A N   1 
ATOM   102  C  CA  . ASP A 1 24  ? -8.789  -6.491  8.137   1.00 18.06 ? 14  ASP A CA  1 
ATOM   103  C  C   . ASP A 1 24  ? -7.529  -5.657  8.313   1.00 15.55 ? 14  ASP A C   1 
ATOM   104  O  O   . ASP A 1 24  ? -7.360  -4.992  9.333   1.00 15.63 ? 14  ASP A O   1 
ATOM   105  C  CB  . ASP A 1 24  ? -9.382  -6.811  9.509   1.00 23.36 ? 14  ASP A CB  1 
ATOM   106  C  CG  . ASP A 1 24  ? -8.404  -7.530  10.407  1.00 28.55 ? 14  ASP A CG  1 
ATOM   107  O  OD1 . ASP A 1 24  ? -7.858  -8.569  9.974   1.00 30.22 ? 14  ASP A OD1 1 
ATOM   108  O  OD2 . ASP A 1 24  ? -8.178  -7.061  11.547  1.00 32.84 ? 14  ASP A OD2 1 
ATOM   109  N  N   . PHE A 1 25  ? -6.634  -5.698  7.333   1.00 12.70 ? 15  PHE A N   1 
ATOM   110  C  CA  . PHE A 1 25  ? -5.419  -4.896  7.423   1.00 10.04 ? 15  PHE A CA  1 
ATOM   111  C  C   . PHE A 1 25  ? -5.045  -4.302  6.077   1.00 8.11  ? 15  PHE A C   1 
ATOM   112  O  O   . PHE A 1 25  ? -5.243  -4.926  5.042   1.00 6.51  ? 15  PHE A O   1 
ATOM   113  C  CB  . PHE A 1 25  ? -4.248  -5.731  7.961   1.00 9.70  ? 15  PHE A CB  1 
ATOM   114  C  CG  . PHE A 1 25  ? -3.744  -6.778  7.002   1.00 9.33  ? 15  PHE A CG  1 
ATOM   115  C  CD1 . PHE A 1 25  ? -2.784  -6.463  6.041   1.00 6.83  ? 15  PHE A CD1 1 
ATOM   116  C  CD2 . PHE A 1 25  ? -4.213  -8.085  7.075   1.00 9.39  ? 15  PHE A CD2 1 
ATOM   117  C  CE1 . PHE A 1 25  ? -2.306  -7.433  5.156   1.00 9.53  ? 15  PHE A CE1 1 
ATOM   118  C  CE2 . PHE A 1 25  ? -3.743  -9.062  6.195   1.00 9.77  ? 15  PHE A CE2 1 
ATOM   119  C  CZ  . PHE A 1 25  ? -2.783  -8.735  5.236   1.00 7.31  ? 15  PHE A CZ  1 
ATOM   120  N  N   . TRP A 1 26  ? -4.528  -3.079  6.101   1.00 6.23  ? 16  TRP A N   1 
ATOM   121  C  CA  . TRP A 1 26  ? -4.085  -2.434  4.879   1.00 6.51  ? 16  TRP A CA  1 
ATOM   122  C  C   . TRP A 1 26  ? -2.603  -2.736  4.766   1.00 5.03  ? 16  TRP A C   1 
ATOM   123  O  O   . TRP A 1 26  ? -1.935  -3.002  5.769   1.00 6.58  ? 16  TRP A O   1 
ATOM   124  C  CB  . TRP A 1 26  ? -4.325  -0.922  4.927   1.00 5.64  ? 16  TRP A CB  1 
ATOM   125  C  CG  . TRP A 1 26  ? -5.751  -0.551  4.685   1.00 8.83  ? 16  TRP A CG  1 
ATOM   126  C  CD1 . TRP A 1 26  ? -6.763  -0.542  5.596   1.00 10.09 ? 16  TRP A CD1 1 
ATOM   127  C  CD2 . TRP A 1 26  ? -6.336  -0.181  3.430   1.00 9.10  ? 16  TRP A CD2 1 
ATOM   128  N  NE1 . TRP A 1 26  ? -7.949  -0.186  4.986   1.00 10.83 ? 16  TRP A NE1 1 
ATOM   129  C  CE2 . TRP A 1 26  ? -7.711  0.043   3.655   1.00 10.17 ? 16  TRP A CE2 1 
ATOM   130  C  CE3 . TRP A 1 26  ? -5.827  -0.010  2.133   1.00 9.85  ? 16  TRP A CE3 1 
ATOM   131  C  CZ2 . TRP A 1 26  ? -8.590  0.418   2.634   1.00 10.74 ? 16  TRP A CZ2 1 
ATOM   132  C  CZ3 . TRP A 1 26  ? -6.703  0.365   1.113   1.00 10.20 ? 16  TRP A CZ3 1 
ATOM   133  C  CH2 . TRP A 1 26  ? -8.069  0.577   1.375   1.00 9.80  ? 16  TRP A CH2 1 
ATOM   134  N  N   . LEU A 1 27  ? -2.096  -2.700  3.542   1.00 5.10  ? 17  LEU A N   1 
ATOM   135  C  CA  . LEU A 1 27  ? -0.700  -3.001  3.283   1.00 4.18  ? 17  LEU A CA  1 
ATOM   136  C  C   . LEU A 1 27  ? -0.010  -1.870  2.539   1.00 5.43  ? 17  LEU A C   1 
ATOM   137  O  O   . LEU A 1 27  ? -0.632  -1.184  1.733   1.00 6.79  ? 17  LEU A O   1 
ATOM   138  C  CB  . LEU A 1 27  ? -0.606  -4.266  2.428   1.00 4.39  ? 17  LEU A CB  1 
ATOM   139  C  CG  . LEU A 1 27  ? 0.793   -4.736  2.017   1.00 4.82  ? 17  LEU A CG  1 
ATOM   140  C  CD1 . LEU A 1 27  ? 1.513   -5.251  3.254   1.00 6.48  ? 17  LEU A CD1 1 
ATOM   141  C  CD2 . LEU A 1 27  ? 0.696   -5.850  0.960   1.00 7.10  ? 17  LEU A CD2 1 
ATOM   142  N  N   . SER A 1 28  ? 1.268   -1.665  2.829   1.00 4.78  ? 18  SER A N   1 
ATOM   143  C  CA  . SER A 1 28  ? 2.062   -0.668  2.120   1.00 5.38  ? 18  SER A CA  1 
ATOM   144  C  C   . SER A 1 28  ? 3.403   -1.375  1.952   1.00 7.11  ? 18  SER A C   1 
ATOM   145  O  O   . SER A 1 28  ? 3.891   -2.013  2.883   1.00 8.22  ? 18  SER A O   1 
ATOM   146  C  CB  . SER A 1 28  ? 2.213   0.635   2.922   1.00 8.28  ? 18  SER A CB  1 
ATOM   147  O  OG  . SER A 1 28  ? 3.331   0.609   3.781   1.00 10.08 ? 18  SER A OG  1 
ATOM   148  N  N   . VAL A 1 29  ? 3.959   -1.307  0.748   1.00 7.07  ? 19  VAL A N   1 
ATOM   149  C  CA  . VAL A 1 29  ? 5.236   -1.941  0.433   1.00 6.03  ? 19  VAL A CA  1 
ATOM   150  C  C   . VAL A 1 29  ? 6.204   -0.826  0.072   1.00 5.00  ? 19  VAL A C   1 
ATOM   151  O  O   . VAL A 1 29  ? 6.134   -0.256  -1.016  1.00 4.80  ? 19  VAL A O   1 
ATOM   152  C  CB  . VAL A 1 29  ? 5.081   -2.907  -0.763  1.00 4.79  ? 19  VAL A CB  1 
ATOM   153  C  CG1 . VAL A 1 29  ? 6.418   -3.546  -1.108  1.00 6.14  ? 19  VAL A CG1 1 
ATOM   154  C  CG2 . VAL A 1 29  ? 4.036   -3.970  -0.438  1.00 4.87  ? 19  VAL A CG2 1 
ATOM   155  N  N   . ASN A 1 30  ? 7.100   -0.505  0.994   1.00 6.83  ? 20  ASN A N   1 
ATOM   156  C  CA  . ASN A 1 30  ? 8.044   0.577   0.765   1.00 6.65  ? 20  ASN A CA  1 
ATOM   157  C  C   . ASN A 1 30  ? 9.100   0.657   1.855   1.00 7.97  ? 20  ASN A C   1 
ATOM   158  O  O   . ASN A 1 30  ? 8.780   0.579   3.041   1.00 8.71  ? 20  ASN A O   1 
ATOM   159  C  CB  . ASN A 1 30  ? 7.289   1.911   0.694   1.00 8.01  ? 20  ASN A CB  1 
ATOM   160  C  CG  . ASN A 1 30  ? 6.078   1.953   1.618   1.00 8.17  ? 20  ASN A CG  1 
ATOM   161  O  OD1 . ASN A 1 30  ? 6.115   1.449   2.748   1.00 11.40 ? 20  ASN A OD1 1 
ATOM   162  N  ND2 . ASN A 1 30  ? 5.007   2.574   1.151   1.00 6.06  ? 20  ASN A ND2 1 
ATOM   163  N  N   . ARG A 1 31  ? 10.359  0.811   1.451   1.00 7.09  ? 21  ARG A N   1 
ATOM   164  C  CA  . ARG A 1 31  ? 11.453  0.924   2.413   1.00 9.18  ? 21  ARG A CA  1 
ATOM   165  C  C   . ARG A 1 31  ? 11.166  2.127   3.307   1.00 8.57  ? 21  ARG A C   1 
ATOM   166  O  O   . ARG A 1 31  ? 10.439  3.037   2.912   1.00 8.01  ? 21  ARG A O   1 
ATOM   167  C  CB  . ARG A 1 31  ? 12.784  1.138   1.696   1.00 12.76 ? 21  ARG A CB  1 
ATOM   168  C  CG  . ARG A 1 31  ? 13.798  0.037   1.931   1.00 21.55 ? 21  ARG A CG  1 
ATOM   169  C  CD  . ARG A 1 31  ? 13.696  -1.048  0.871   1.00 25.10 ? 21  ARG A CD  1 
ATOM   170  N  NE  . ARG A 1 31  ? 14.761  -2.039  1.016   1.00 27.22 ? 21  ARG A NE  1 
ATOM   171  C  CZ  . ARG A 1 31  ? 14.749  -3.032  1.900   1.00 28.92 ? 21  ARG A CZ  1 
ATOM   172  N  NH1 . ARG A 1 31  ? 15.769  -3.878  1.961   1.00 28.43 ? 21  ARG A NH1 1 
ATOM   173  N  NH2 . ARG A 1 31  ? 13.711  -3.192  2.710   1.00 26.90 ? 21  ARG A NH2 1 
ATOM   174  N  N   . ILE A 1 32  ? 11.739  2.140   4.505   1.00 9.06  ? 22  ILE A N   1 
ATOM   175  C  CA  . ILE A 1 32  ? 11.496  3.236   5.437   1.00 10.05 ? 22  ILE A CA  1 
ATOM   176  C  C   . ILE A 1 32  ? 12.427  4.420   5.167   1.00 11.68 ? 22  ILE A C   1 
ATOM   177  O  O   . ILE A 1 32  ? 13.361  4.682   5.928   1.00 12.10 ? 22  ILE A O   1 
ATOM   178  C  CB  . ILE A 1 32  ? 11.664  2.772   6.908   1.00 8.88  ? 22  ILE A CB  1 
ATOM   179  C  CG1 . ILE A 1 32  ? 10.950  1.436   7.130   1.00 9.34  ? 22  ILE A CG1 1 
ATOM   180  C  CG2 . ILE A 1 32  ? 11.101  3.834   7.851   1.00 8.22  ? 22  ILE A CG2 1 
ATOM   181  C  CD1 . ILE A 1 32  ? 9.452   1.445   6.873   1.00 15.07 ? 22  ILE A CD1 1 
ATOM   182  N  N   . TYR A 1 33  ? 12.158  5.127   4.073   1.00 10.98 ? 23  TYR A N   1 
ATOM   183  C  CA  . TYR A 1 33  ? 12.942  6.288   3.672   1.00 10.95 ? 23  TYR A CA  1 
ATOM   184  C  C   . TYR A 1 33  ? 12.041  7.508   3.472   1.00 9.51  ? 23  TYR A C   1 
ATOM   185  O  O   . TYR A 1 33  ? 10.854  7.371   3.193   1.00 8.70  ? 23  TYR A O   1 
ATOM   186  C  CB  . TYR A 1 33  ? 13.710  5.971   2.392   1.00 12.42 ? 23  TYR A CB  1 
ATOM   187  C  CG  . TYR A 1 33  ? 14.873  5.031   2.620   1.00 15.32 ? 23  TYR A CG  1 
ATOM   188  C  CD1 . TYR A 1 33  ? 16.187  5.489   2.540   1.00 17.04 ? 23  TYR A CD1 1 
ATOM   189  C  CD2 . TYR A 1 33  ? 14.660  3.693   2.956   1.00 17.64 ? 23  TYR A CD2 1 
ATOM   190  C  CE1 . TYR A 1 33  ? 17.261  4.640   2.785   1.00 18.68 ? 23  TYR A CE1 1 
ATOM   191  C  CE2 . TYR A 1 33  ? 15.732  2.834   3.209   1.00 19.58 ? 23  TYR A CE2 1 
ATOM   192  C  CZ  . TYR A 1 33  ? 17.029  3.318   3.121   1.00 20.54 ? 23  TYR A CZ  1 
ATOM   193  O  OH  . TYR A 1 33  ? 18.095  2.482   3.372   1.00 22.45 ? 23  TYR A OH  1 
ATOM   194  N  N   . PRO A 1 34  ? 12.600  8.723   3.613   1.00 10.12 ? 24  PRO A N   1 
ATOM   195  C  CA  . PRO A 1 34  ? 11.838  9.970   3.452   1.00 10.08 ? 24  PRO A CA  1 
ATOM   196  C  C   . PRO A 1 34  ? 11.016  10.075  2.171   1.00 8.78  ? 24  PRO A C   1 
ATOM   197  O  O   . PRO A 1 34  ? 9.885   10.556  2.189   1.00 8.73  ? 24  PRO A O   1 
ATOM   198  C  CB  . PRO A 1 34  ? 12.921  11.045  3.524   1.00 11.37 ? 24  PRO A CB  1 
ATOM   199  C  CG  . PRO A 1 34  ? 13.919  10.444  4.462   1.00 11.52 ? 24  PRO A CG  1 
ATOM   200  C  CD  . PRO A 1 34  ? 13.998  9.009   3.985   1.00 11.35 ? 24  PRO A CD  1 
ATOM   201  N  N   . GLU A 1 35  ? 11.594  9.618   1.065   1.00 8.94  ? 25  GLU A N   1 
ATOM   202  C  CA  . GLU A 1 35  ? 10.943  9.678   -0.236  1.00 10.03 ? 25  GLU A CA  1 
ATOM   203  C  C   . GLU A 1 35  ? 9.668   8.837   -0.327  1.00 10.83 ? 25  GLU A C   1 
ATOM   204  O  O   . GLU A 1 35  ? 8.884   8.999   -1.261  1.00 10.02 ? 25  GLU A O   1 
ATOM   205  C  CB  . GLU A 1 35  ? 11.923  9.227   -1.317  1.00 12.39 ? 25  GLU A CB  1 
ATOM   206  C  CG  . GLU A 1 35  ? 12.504  7.842   -1.058  1.00 16.52 ? 25  GLU A CG  1 
ATOM   207  C  CD  . GLU A 1 35  ? 13.878  7.873   -0.406  1.00 19.82 ? 25  GLU A CD  1 
ATOM   208  O  OE1 . GLU A 1 35  ? 14.087  8.654   0.553   1.00 18.95 ? 25  GLU A OE1 1 
ATOM   209  O  OE2 . GLU A 1 35  ? 14.752  7.096   -0.852  1.00 22.01 ? 25  GLU A OE2 1 
ATOM   210  N  N   . LYS A 1 36  ? 9.464   7.942   0.636   1.00 8.49  ? 26  LYS A N   1 
ATOM   211  C  CA  . LYS A 1 36  ? 8.279   7.087   0.644   1.00 8.79  ? 26  LYS A CA  1 
ATOM   212  C  C   . LYS A 1 36  ? 7.085   7.719   1.365   1.00 8.88  ? 26  LYS A C   1 
ATOM   213  O  O   . LYS A 1 36  ? 5.966   7.197   1.304   1.00 5.72  ? 26  LYS A O   1 
ATOM   214  C  CB  . LYS A 1 36  ? 8.609   5.743   1.297   1.00 9.14  ? 26  LYS A CB  1 
ATOM   215  C  CG  . LYS A 1 36  ? 9.752   4.997   0.630   1.00 10.73 ? 26  LYS A CG  1 
ATOM   216  C  CD  . LYS A 1 36  ? 9.500   4.777   -0.855  1.00 11.98 ? 26  LYS A CD  1 
ATOM   217  C  CE  . LYS A 1 36  ? 10.613  3.939   -1.484  1.00 14.28 ? 26  LYS A CE  1 
ATOM   218  N  NZ  . LYS A 1 36  ? 10.344  3.644   -2.923  1.00 13.42 ? 26  LYS A NZ  1 
ATOM   219  N  N   . ARG A 1 37  ? 7.324   8.839   2.042   1.00 8.00  ? 27  ARG A N   1 
ATOM   220  C  CA  . ARG A 1 37  ? 6.270   9.538   2.781   1.00 10.50 ? 27  ARG A CA  1 
ATOM   221  C  C   . ARG A 1 37  ? 5.607   8.646   3.821   1.00 10.40 ? 27  ARG A C   1 
ATOM   222  O  O   . ARG A 1 37  ? 4.381   8.649   3.954   1.00 9.66  ? 27  ARG A O   1 
ATOM   223  C  CB  . ARG A 1 37  ? 5.192   10.058  1.828   1.00 13.85 ? 27  ARG A CB  1 
ATOM   224  C  CG  . ARG A 1 37  ? 5.612   11.194  0.917   1.00 18.44 ? 27  ARG A CG  1 
ATOM   225  C  CD  . ARG A 1 37  ? 4.455   11.555  -0.001  1.00 20.33 ? 27  ARG A CD  1 
ATOM   226  N  NE  . ARG A 1 37  ? 4.712   12.732  -0.817  1.00 20.68 ? 27  ARG A NE  1 
ATOM   227  C  CZ  . ARG A 1 37  ? 4.432   12.809  -2.113  1.00 20.18 ? 27  ARG A CZ  1 
ATOM   228  N  NH1 . ARG A 1 37  ? 4.691   13.923  -2.779  1.00 20.63 ? 27  ARG A NH1 1 
ATOM   229  N  NH2 . ARG A 1 37  ? 3.912   11.760  -2.746  1.00 17.30 ? 27  ARG A NH2 1 
ATOM   230  N  N   . ILE A 1 38  ? 6.405   7.879   4.553   1.00 9.53  ? 28  ILE A N   1 
ATOM   231  C  CA  . ILE A 1 38  ? 5.852   6.999   5.573   1.00 10.56 ? 28  ILE A CA  1 
ATOM   232  C  C   . ILE A 1 38  ? 5.065   7.835   6.587   1.00 11.97 ? 28  ILE A C   1 
ATOM   233  O  O   . ILE A 1 38  ? 4.014   7.406   7.072   1.00 12.24 ? 28  ILE A O   1 
ATOM   234  C  CB  . ILE A 1 38  ? 6.966   6.207   6.310   1.00 11.32 ? 28  ILE A CB  1 
ATOM   235  C  CG1 . ILE A 1 38  ? 7.883   5.510   5.295   1.00 13.42 ? 28  ILE A CG1 1 
ATOM   236  C  CG2 . ILE A 1 38  ? 6.342   5.154   7.227   1.00 9.72  ? 28  ILE A CG2 1 
ATOM   237  C  CD1 . ILE A 1 38  ? 7.194   4.454   4.453   1.00 9.53  ? 28  ILE A CD1 1 
ATOM   238  N  N   . GLU A 1 39  ? 5.550   9.039   6.885   1.00 11.09 ? 29  GLU A N   1 
ATOM   239  C  CA  . GLU A 1 39  ? 4.868   9.899   7.859   1.00 12.82 ? 29  GLU A CA  1 
ATOM   240  C  C   . GLU A 1 39  ? 3.399   10.100  7.527   1.00 11.43 ? 29  GLU A C   1 
ATOM   241  O  O   . GLU A 1 39  ? 2.553   10.105  8.416   1.00 12.46 ? 29  GLU A O   1 
ATOM   242  C  CB  . GLU A 1 39  ? 5.536   11.272  7.951   1.00 15.96 ? 29  GLU A CB  1 
ATOM   243  C  CG  . GLU A 1 39  ? 6.999   11.223  8.291   1.00 21.23 ? 29  GLU A CG  1 
ATOM   244  C  CD  . GLU A 1 39  ? 7.861   11.448  7.077   1.00 23.90 ? 29  GLU A CD  1 
ATOM   245  O  OE1 . GLU A 1 39  ? 7.570   10.833  6.030   1.00 20.28 ? 29  GLU A OE1 1 
ATOM   246  O  OE2 . GLU A 1 39  ? 8.827   12.237  7.176   1.00 26.30 ? 29  GLU A OE2 1 
ATOM   247  N  N   . LEU A 1 40  ? 3.106   10.286  6.243   1.00 10.87 ? 30  LEU A N   1 
ATOM   248  C  CA  . LEU A 1 40  ? 1.739   10.486  5.791   1.00 9.16  ? 30  LEU A CA  1 
ATOM   249  C  C   . LEU A 1 40  ? 0.880   9.283   6.178   1.00 8.05  ? 30  LEU A C   1 
ATOM   250  O  O   . LEU A 1 40  ? -0.219  9.435   6.714   1.00 9.25  ? 30  LEU A O   1 
ATOM   251  C  CB  . LEU A 1 40  ? 1.718   10.677  4.273   1.00 9.66  ? 30  LEU A CB  1 
ATOM   252  C  CG  . LEU A 1 40  ? 0.363   10.896  3.604   1.00 11.30 ? 30  LEU A CG  1 
ATOM   253  C  CD1 . LEU A 1 40  ? -0.324  12.118  4.207   1.00 9.59  ? 30  LEU A CD1 1 
ATOM   254  C  CD2 . LEU A 1 40  ? 0.575   11.090  2.102   1.00 12.59 ? 30  LEU A CD2 1 
ATOM   255  N  N   . GLN A 1 41  ? 1.391   8.085   5.907   1.00 6.63  ? 31  GLN A N   1 
ATOM   256  C  CA  . GLN A 1 41  ? 0.670   6.859   6.236   1.00 6.70  ? 31  GLN A CA  1 
ATOM   257  C  C   . GLN A 1 41  ? 0.380   6.793   7.738   1.00 6.07  ? 31  GLN A C   1 
ATOM   258  O  O   . GLN A 1 41  ? -0.711  6.395   8.149   1.00 7.08  ? 31  GLN A O   1 
ATOM   259  C  CB  . GLN A 1 41  ? 1.479   5.627   5.810   1.00 6.94  ? 31  GLN A CB  1 
ATOM   260  C  CG  . GLN A 1 41  ? 1.892   5.627   4.335   1.00 7.48  ? 31  GLN A CG  1 
ATOM   261  C  CD  . GLN A 1 41  ? 2.629   4.358   3.928   1.00 10.66 ? 31  GLN A CD  1 
ATOM   262  O  OE1 . GLN A 1 41  ? 3.183   4.271   2.829   1.00 12.54 ? 31  GLN A OE1 1 
ATOM   263  N  NE2 . GLN A 1 41  ? 2.631   3.366   4.812   1.00 5.43  ? 31  GLN A NE2 1 
ATOM   264  N  N   . LEU A 1 42  ? 1.352   7.186   8.555   1.00 6.16  ? 32  LEU A N   1 
ATOM   265  C  CA  . LEU A 1 42  ? 1.175   7.173   10.006  1.00 8.48  ? 32  LEU A CA  1 
ATOM   266  C  C   . LEU A 1 42  ? 0.048   8.098   10.459  1.00 9.33  ? 32  LEU A C   1 
ATOM   267  O  O   . LEU A 1 42  ? -0.758  7.729   11.314  1.00 8.88  ? 32  LEU A O   1 
ATOM   268  C  CB  . LEU A 1 42  ? 2.477   7.586   10.698  1.00 9.85  ? 32  LEU A CB  1 
ATOM   269  C  CG  . LEU A 1 42  ? 3.396   6.470   11.196  1.00 13.99 ? 32  LEU A CG  1 
ATOM   270  C  CD1 . LEU A 1 42  ? 3.466   5.346   10.190  1.00 12.91 ? 32  LEU A CD1 1 
ATOM   271  C  CD2 . LEU A 1 42  ? 4.772   7.051   11.482  1.00 12.57 ? 32  LEU A CD2 1 
ATOM   272  N  N   . GLU A 1 43  ? 0.002   9.297   9.885   1.00 10.44 ? 33  GLU A N   1 
ATOM   273  C  CA  . GLU A 1 43  ? -1.013  10.287  10.228  1.00 11.32 ? 33  GLU A CA  1 
ATOM   274  C  C   . GLU A 1 43  ? -2.397  9.748   9.911   1.00 10.35 ? 33  GLU A C   1 
ATOM   275  O  O   . GLU A 1 43  ? -3.369  10.019  10.620  1.00 10.04 ? 33  GLU A O   1 
ATOM   276  C  CB  . GLU A 1 43  ? -0.773  11.576  9.443   1.00 12.67 ? 33  GLU A CB  1 
ATOM   277  C  CG  . GLU A 1 43  ? 0.507   12.307  9.823   1.00 20.69 ? 33  GLU A CG  1 
ATOM   278  C  CD  . GLU A 1 43  ? 0.462   12.849  11.240  1.00 24.00 ? 33  GLU A CD  1 
ATOM   279  O  OE1 . GLU A 1 43  ? -0.417  13.690  11.527  1.00 29.53 ? 33  GLU A OE1 1 
ATOM   280  O  OE2 . GLU A 1 43  ? 1.305   12.441  12.068  1.00 27.27 ? 33  GLU A OE2 1 
ATOM   281  N  N   . VAL A 1 44  ? -2.481  8.991   8.826   1.00 8.49  ? 34  VAL A N   1 
ATOM   282  C  CA  . VAL A 1 44  ? -3.740  8.394   8.417   1.00 5.88  ? 34  VAL A CA  1 
ATOM   283  C  C   . VAL A 1 44  ? -4.231  7.407   9.472   1.00 7.69  ? 34  VAL A C   1 
ATOM   284  O  O   . VAL A 1 44  ? -5.376  7.484   9.923   1.00 6.75  ? 34  VAL A O   1 
ATOM   285  C  CB  . VAL A 1 44  ? -3.589  7.668   7.060   1.00 6.96  ? 34  VAL A CB  1 
ATOM   286  C  CG1 . VAL A 1 44  ? -4.805  6.783   6.794   1.00 8.30  ? 34  VAL A CG1 1 
ATOM   287  C  CG2 . VAL A 1 44  ? -3.445  8.697   5.946   1.00 7.25  ? 34  VAL A CG2 1 
ATOM   288  N  N   . PHE A 1 45  ? -3.371  6.486   9.886   1.00 7.23  ? 35  PHE A N   1 
ATOM   289  C  CA  . PHE A 1 45  ? -3.804  5.509   10.873  1.00 9.45  ? 35  PHE A CA  1 
ATOM   290  C  C   . PHE A 1 45  ? -3.924  6.035   12.300  1.00 9.63  ? 35  PHE A C   1 
ATOM   291  O  O   . PHE A 1 45  ? -4.522  5.385   13.155  1.00 11.33 ? 35  PHE A O   1 
ATOM   292  C  CB  . PHE A 1 45  ? -2.924  4.267   10.778  1.00 10.42 ? 35  PHE A CB  1 
ATOM   293  C  CG  . PHE A 1 45  ? -3.238  3.429   9.570   1.00 9.82  ? 35  PHE A CG  1 
ATOM   294  C  CD1 . PHE A 1 45  ? -4.102  2.339   9.665   1.00 11.65 ? 35  PHE A CD1 1 
ATOM   295  C  CD2 . PHE A 1 45  ? -2.750  3.789   8.317   1.00 9.45  ? 35  PHE A CD2 1 
ATOM   296  C  CE1 . PHE A 1 45  ? -4.479  1.622   8.531   1.00 9.98  ? 35  PHE A CE1 1 
ATOM   297  C  CE2 . PHE A 1 45  ? -3.121  3.083   7.174   1.00 9.26  ? 35  PHE A CE2 1 
ATOM   298  C  CZ  . PHE A 1 45  ? -3.989  1.996   7.278   1.00 9.93  ? 35  PHE A CZ  1 
ATOM   299  N  N   . LYS A 1 46  ? -3.376  7.218   12.558  1.00 9.98  ? 36  LYS A N   1 
ATOM   300  C  CA  . LYS A 1 46  ? -3.510  7.814   13.881  1.00 11.35 ? 36  LYS A CA  1 
ATOM   301  C  C   . LYS A 1 46  ? -4.970  8.240   14.027  1.00 12.91 ? 36  LYS A C   1 
ATOM   302  O  O   . LYS A 1 46  ? -5.503  8.311   15.137  1.00 12.64 ? 36  LYS A O   1 
ATOM   303  C  CB  . LYS A 1 46  ? -2.602  9.035   14.022  1.00 12.51 ? 36  LYS A CB  1 
ATOM   304  C  CG  . LYS A 1 46  ? -1.162  8.698   14.329  1.00 15.76 ? 36  LYS A CG  1 
ATOM   305  C  CD  . LYS A 1 46  ? -0.335  9.960   14.491  1.00 21.07 ? 36  LYS A CD  1 
ATOM   306  C  CE  . LYS A 1 46  ? 1.056   9.640   14.999  1.00 23.15 ? 36  LYS A CE  1 
ATOM   307  N  NZ  . LYS A 1 46  ? 1.883   10.870  15.110  1.00 26.84 ? 36  LYS A NZ  1 
ATOM   308  N  N   . LYS A 1 47  ? -5.612  8.525   12.896  1.00 12.69 ? 37  LYS A N   1 
ATOM   309  C  CA  . LYS A 1 47  ? -7.013  8.937   12.899  1.00 13.98 ? 37  LYS A CA  1 
ATOM   310  C  C   . LYS A 1 47  ? -7.932  7.728   12.774  1.00 14.61 ? 37  LYS A C   1 
ATOM   311  O  O   . LYS A 1 47  ? -8.968  7.654   13.434  1.00 14.50 ? 37  LYS A O   1 
ATOM   312  C  CB  . LYS A 1 47  ? -7.292  9.913   11.754  1.00 15.96 ? 37  LYS A CB  1 
ATOM   313  C  CG  . LYS A 1 47  ? -6.487  11.199  11.831  1.00 15.81 ? 37  LYS A CG  1 
ATOM   314  C  CD  . LYS A 1 47  ? -7.029  12.246  10.875  1.00 19.15 ? 37  LYS A CD  1 
ATOM   315  C  CE  . LYS A 1 47  ? -6.265  13.554  11.006  1.00 22.48 ? 37  LYS A CE  1 
ATOM   316  N  NZ  . LYS A 1 47  ? -6.894  14.648  10.213  1.00 23.62 ? 37  LYS A NZ  1 
ATOM   317  N  N   . LEU A 1 48  ? -7.549  6.782   11.921  1.00 14.16 ? 38  LEU A N   1 
ATOM   318  C  CA  . LEU A 1 48  ? -8.338  5.578   11.723  1.00 15.38 ? 38  LEU A CA  1 
ATOM   319  C  C   . LEU A 1 48  ? -7.891  4.507   12.714  1.00 16.20 ? 38  LEU A C   1 
ATOM   320  O  O   . LEU A 1 48  ? -7.298  3.501   12.332  1.00 14.79 ? 38  LEU A O   1 
ATOM   321  C  CB  . LEU A 1 48  ? -8.166  5.078   10.289  1.00 16.65 ? 38  LEU A CB  1 
ATOM   322  C  CG  . LEU A 1 48  ? -8.559  6.079   9.202   1.00 15.63 ? 38  LEU A CG  1 
ATOM   323  C  CD1 . LEU A 1 48  ? -8.400  5.441   7.830   1.00 16.01 ? 38  LEU A CD1 1 
ATOM   324  C  CD2 . LEU A 1 48  ? -9.998  6.524   9.418   1.00 16.25 ? 38  LEU A CD2 1 
ATOM   325  N  N   . GLN A 1 49  ? -8.187  4.729   13.992  1.00 17.24 ? 39  GLN A N   1 
ATOM   326  C  CA  . GLN A 1 49  ? -7.802  3.793   15.040  1.00 18.59 ? 39  GLN A CA  1 
ATOM   327  C  C   . GLN A 1 49  ? -8.493  2.438   14.906  1.00 19.55 ? 39  GLN A C   1 
ATOM   328  O  O   . GLN A 1 49  ? -8.100  1.467   15.555  1.00 20.55 ? 39  GLN A O   1 
ATOM   329  C  CB  . GLN A 1 49  ? -8.101  4.401   16.413  1.00 22.27 ? 39  GLN A CB  1 
ATOM   330  C  CG  . GLN A 1 49  ? -7.346  5.695   16.686  1.00 26.35 ? 39  GLN A CG  1 
ATOM   331  C  CD  . GLN A 1 49  ? -7.702  6.313   18.026  1.00 29.74 ? 39  GLN A CD  1 
ATOM   332  O  OE1 . GLN A 1 49  ? -7.571  5.678   19.075  1.00 32.43 ? 39  GLN A OE1 1 
ATOM   333  N  NE2 . GLN A 1 49  ? -8.152  7.562   17.998  1.00 32.03 ? 39  GLN A NE2 1 
ATOM   334  N  N   . ASP A 1 50  ? -9.517  2.378   14.060  1.00 19.14 ? 40  ASP A N   1 
ATOM   335  C  CA  . ASP A 1 50  ? -10.264 1.145   13.831  1.00 20.20 ? 40  ASP A CA  1 
ATOM   336  C  C   . ASP A 1 50  ? -9.711  0.338   12.657  1.00 18.81 ? 40  ASP A C   1 
ATOM   337  O  O   . ASP A 1 50  ? -10.242 -0.718  12.316  1.00 19.25 ? 40  ASP A O   1 
ATOM   338  C  CB  . ASP A 1 50  ? -11.744 1.457   13.579  1.00 23.83 ? 40  ASP A CB  1 
ATOM   339  C  CG  . ASP A 1 50  ? -11.959 2.819   12.940  1.00 27.18 ? 40  ASP A CG  1 
ATOM   340  O  OD1 . ASP A 1 50  ? -11.306 3.128   11.917  1.00 26.31 ? 40  ASP A OD1 1 
ATOM   341  O  OD2 . ASP A 1 50  ? -12.797 3.584   13.465  1.00 30.88 ? 40  ASP A OD2 1 
ATOM   342  N  N   . GLU A 1 51  ? -8.651  0.845   12.038  1.00 15.32 ? 41  GLU A N   1 
ATOM   343  C  CA  . GLU A 1 51  ? -8.030  0.164   10.910  1.00 14.28 ? 41  GLU A CA  1 
ATOM   344  C  C   . GLU A 1 51  ? -6.626  -0.280  11.308  1.00 12.02 ? 41  GLU A C   1 
ATOM   345  O  O   . GLU A 1 51  ? -6.106  0.134   12.344  1.00 12.65 ? 41  GLU A O   1 
ATOM   346  C  CB  . GLU A 1 51  ? -7.957  1.095   9.693   1.00 15.74 ? 41  GLU A CB  1 
ATOM   347  C  CG  . GLU A 1 51  ? -9.311  1.551   9.147   1.00 20.30 ? 41  GLU A CG  1 
ATOM   348  C  CD  . GLU A 1 51  ? -10.163 0.405   8.625   1.00 23.23 ? 41  GLU A CD  1 
ATOM   349  O  OE1 . GLU A 1 51  ? -9.669  -0.381  7.785   1.00 24.22 ? 41  GLU A OE1 1 
ATOM   350  O  OE2 . GLU A 1 51  ? -11.334 0.292   9.048   1.00 25.50 ? 41  GLU A OE2 1 
ATOM   351  N  N   . LYS A 1 52  ? -6.020  -1.127  10.484  1.00 11.57 ? 42  LYS A N   1 
ATOM   352  C  CA  . LYS A 1 52  ? -4.681  -1.631  10.760  1.00 9.23  ? 42  LYS A CA  1 
ATOM   353  C  C   . LYS A 1 52  ? -3.803  -1.528  9.520   1.00 7.56  ? 42  LYS A C   1 
ATOM   354  O  O   . LYS A 1 52  ? -4.274  -1.721  8.400   1.00 7.22  ? 42  LYS A O   1 
ATOM   355  C  CB  . LYS A 1 52  ? -4.764  -3.090  11.229  1.00 12.83 ? 42  LYS A CB  1 
ATOM   356  C  CG  . LYS A 1 52  ? -5.764  -3.305  12.361  1.00 19.18 ? 42  LYS A CG  1 
ATOM   357  C  CD  . LYS A 1 52  ? -5.929  -4.777  12.723  1.00 24.09 ? 42  LYS A CD  1 
ATOM   358  C  CE  . LYS A 1 52  ? -6.993  -4.954  13.801  1.00 26.00 ? 42  LYS A CE  1 
ATOM   359  N  NZ  . LYS A 1 52  ? -7.181  -6.383  14.175  1.00 27.59 ? 42  LYS A NZ  1 
ATOM   360  N  N   . LEU A 1 53  ? -2.528  -1.200  9.718   1.00 7.30  ? 43  LEU A N   1 
ATOM   361  C  CA  . LEU A 1 53  ? -1.587  -1.092  8.602   1.00 5.37  ? 43  LEU A CA  1 
ATOM   362  C  C   . LEU A 1 53  ? -0.356  -1.961  8.830   1.00 5.58  ? 43  LEU A C   1 
ATOM   363  O  O   . LEU A 1 53  ? 0.256   -1.920  9.897   1.00 5.37  ? 43  LEU A O   1 
ATOM   364  C  CB  . LEU A 1 53  ? -1.136  0.364   8.403   1.00 5.60  ? 43  LEU A CB  1 
ATOM   365  C  CG  . LEU A 1 53  ? -0.039  0.592   7.356   1.00 6.36  ? 43  LEU A CG  1 
ATOM   366  C  CD1 . LEU A 1 53  ? -0.560  0.242   5.966   1.00 7.79  ? 43  LEU A CD1 1 
ATOM   367  C  CD2 . LEU A 1 53  ? 0.420   2.052   7.390   1.00 6.16  ? 43  LEU A CD2 1 
ATOM   368  N  N   . TYR A 1 54  ? -0.018  -2.764  7.825   1.00 5.26  ? 44  TYR A N   1 
ATOM   369  C  CA  . TYR A 1 54  ? 1.164   -3.618  7.870   1.00 7.31  ? 44  TYR A CA  1 
ATOM   370  C  C   . TYR A 1 54  ? 2.118   -3.018  6.847   1.00 5.23  ? 44  TYR A C   1 
ATOM   371  O  O   . TYR A 1 54  ? 1.785   -2.929  5.668   1.00 6.01  ? 44  TYR A O   1 
ATOM   372  C  CB  . TYR A 1 54  ? 0.833   -5.058  7.455   1.00 9.29  ? 44  TYR A CB  1 
ATOM   373  C  CG  . TYR A 1 54  ? 0.029   -5.858  8.459   1.00 11.65 ? 44  TYR A CG  1 
ATOM   374  C  CD1 . TYR A 1 54  ? -0.488  -5.263  9.611   1.00 14.22 ? 44  TYR A CD1 1 
ATOM   375  C  CD2 . TYR A 1 54  ? -0.205  -7.223  8.259   1.00 13.27 ? 44  TYR A CD2 1 
ATOM   376  C  CE1 . TYR A 1 54  ? -1.215  -6.005  10.539  1.00 15.88 ? 44  TYR A CE1 1 
ATOM   377  C  CE2 . TYR A 1 54  ? -0.931  -7.973  9.184   1.00 14.49 ? 44  TYR A CE2 1 
ATOM   378  C  CZ  . TYR A 1 54  ? -1.428  -7.358  10.321  1.00 17.51 ? 44  TYR A CZ  1 
ATOM   379  O  OH  . TYR A 1 54  ? -2.125  -8.092  11.257  1.00 19.32 ? 44  TYR A OH  1 
ATOM   380  N  N   . ILE A 1 55  ? 3.295   -2.596  7.300   1.00 6.27  ? 45  ILE A N   1 
ATOM   381  C  CA  . ILE A 1 55  ? 4.283   -1.994  6.417   1.00 4.15  ? 45  ILE A CA  1 
ATOM   382  C  C   . ILE A 1 55  ? 5.418   -2.963  6.108   1.00 6.95  ? 45  ILE A C   1 
ATOM   383  O  O   . ILE A 1 55  ? 6.095   -3.448  7.013   1.00 7.19  ? 45  ILE A O   1 
ATOM   384  C  CB  . ILE A 1 55  ? 4.904   -0.727  7.043   1.00 6.48  ? 45  ILE A CB  1 
ATOM   385  C  CG1 . ILE A 1 55  ? 3.818   0.310   7.326   1.00 5.92  ? 45  ILE A CG1 1 
ATOM   386  C  CG2 . ILE A 1 55  ? 5.969   -0.155  6.110   1.00 5.09  ? 45  ILE A CG2 1 
ATOM   387  C  CD1 . ILE A 1 55  ? 4.336   1.582   7.939   1.00 9.83  ? 45  ILE A CD1 1 
ATOM   388  N  N   . VAL A 1 56  ? 5.610   -3.243  4.826   1.00 6.05  ? 46  VAL A N   1 
ATOM   389  C  CA  . VAL A 1 56  ? 6.678   -4.125  4.383   1.00 7.50  ? 46  VAL A CA  1 
ATOM   390  C  C   . VAL A 1 56  ? 7.812   -3.236  3.894   1.00 7.96  ? 46  VAL A C   1 
ATOM   391  O  O   . VAL A 1 56  ? 7.623   -2.436  2.979   1.00 8.71  ? 46  VAL A O   1 
ATOM   392  C  CB  . VAL A 1 56  ? 6.218   -5.019  3.223   1.00 6.93  ? 46  VAL A CB  1 
ATOM   393  C  CG1 . VAL A 1 56  ? 7.417   -5.748  2.617   1.00 8.27  ? 46  VAL A CG1 1 
ATOM   394  C  CG2 . VAL A 1 56  ? 5.181   -6.015  3.718   1.00 7.71  ? 46  VAL A CG2 1 
ATOM   395  N  N   . GLY A 1 57  ? 8.980   -3.368  4.511   1.00 9.14  ? 47  GLY A N   1 
ATOM   396  C  CA  . GLY A 1 57  ? 10.120  -2.564  4.110   1.00 11.36 ? 47  GLY A CA  1 
ATOM   397  C  C   . GLY A 1 57  ? 11.026  -2.290  5.294   1.00 12.63 ? 47  GLY A C   1 
ATOM   398  O  O   . GLY A 1 57  ? 10.558  -2.178  6.422   1.00 14.13 ? 47  GLY A O   1 
ATOM   399  N  N   . TRP A 1 58  ? 12.326  -2.192  5.054   1.00 15.29 ? 48  TRP A N   1 
ATOM   400  C  CA  . TRP A 1 58  ? 13.237  -1.924  6.155   1.00 16.76 ? 48  TRP A CA  1 
ATOM   401  C  C   . TRP A 1 58  ? 14.219  -0.838  5.760   1.00 16.58 ? 48  TRP A C   1 
ATOM   402  O  O   . TRP A 1 58  ? 13.902  0.031   4.949   1.00 16.19 ? 48  TRP A O   1 
ATOM   403  C  CB  . TRP A 1 58  ? 13.992  -3.195  6.541   1.00 19.00 ? 48  TRP A CB  1 
ATOM   404  C  CG  . TRP A 1 58  ? 14.503  -3.188  7.953   1.00 21.84 ? 48  TRP A CG  1 
ATOM   405  C  CD1 . TRP A 1 58  ? 15.766  -3.497  8.368   1.00 22.78 ? 48  TRP A CD1 1 
ATOM   406  C  CD2 . TRP A 1 58  ? 13.745  -2.911  9.143   1.00 21.86 ? 48  TRP A CD2 1 
ATOM   407  N  NE1 . TRP A 1 58  ? 15.843  -3.435  9.740   1.00 23.01 ? 48  TRP A NE1 1 
ATOM   408  C  CE2 . TRP A 1 58  ? 14.623  -3.084  10.238  1.00 23.70 ? 48  TRP A CE2 1 
ATOM   409  C  CE3 . TRP A 1 58  ? 12.416  -2.545  9.385   1.00 22.57 ? 48  TRP A CE3 1 
ATOM   410  C  CZ2 . TRP A 1 58  ? 14.204  -2.894  11.564  1.00 22.57 ? 48  TRP A CZ2 1 
ATOM   411  C  CZ3 . TRP A 1 58  ? 12.004  -2.358  10.701  1.00 23.14 ? 48  TRP A CZ3 1 
ATOM   412  C  CH2 . TRP A 1 58  ? 12.897  -2.536  11.774  1.00 24.72 ? 48  TRP A CH2 1 
ATOM   413  N  N   . PHE A 1 59  ? 15.412  -0.889  6.334   1.00 16.89 ? 49  PHE A N   1 
ATOM   414  C  CA  . PHE A 1 59  ? 16.440  0.097   6.028   1.00 18.51 ? 49  PHE A CA  1 
ATOM   415  C  C   . PHE A 1 59  ? 17.806  -0.543  6.187   1.00 18.95 ? 49  PHE A C   1 
ATOM   416  O  O   . PHE A 1 59  ? 17.925  -1.649  6.716   1.00 19.10 ? 49  PHE A O   1 
ATOM   417  C  CB  . PHE A 1 59  ? 16.308  1.299   6.965   1.00 18.72 ? 49  PHE A CB  1 
ATOM   418  C  CG  . PHE A 1 59  ? 16.470  0.950   8.414   1.00 20.28 ? 49  PHE A CG  1 
ATOM   419  C  CD1 . PHE A 1 59  ? 17.727  0.956   9.013   1.00 21.62 ? 49  PHE A CD1 1 
ATOM   420  C  CD2 . PHE A 1 59  ? 15.364  0.593   9.178   1.00 22.00 ? 49  PHE A CD2 1 
ATOM   421  C  CE1 . PHE A 1 59  ? 17.878  0.610   10.351  1.00 21.46 ? 49  PHE A CE1 1 
ATOM   422  C  CE2 . PHE A 1 59  ? 15.504  0.245   10.515  1.00 22.08 ? 49  PHE A CE2 1 
ATOM   423  C  CZ  . PHE A 1 59  ? 16.765  0.254   11.106  1.00 22.92 ? 49  PHE A CZ  1 
ATOM   424  N  N   . SER A 1 60  ? 18.833  0.161   5.732   1.00 19.31 ? 50  SER A N   1 
ATOM   425  C  CA  . SER A 1 60  ? 20.195  -0.342  5.817   1.00 19.49 ? 50  SER A CA  1 
ATOM   426  C  C   . SER A 1 60  ? 20.861  0.060   7.125   1.00 18.98 ? 50  SER A C   1 
ATOM   427  O  O   . SER A 1 60  ? 21.121  1.238   7.361   1.00 17.75 ? 50  SER A O   1 
ATOM   428  C  CB  . SER A 1 60  ? 21.025  0.181   4.646   1.00 19.46 ? 50  SER A CB  1 
ATOM   429  O  OG  . SER A 1 60  ? 22.354  -0.303  4.730   1.00 21.90 ? 50  SER A OG  1 
ATOM   430  N  N   . LYS A 1 61  ? 21.132  -0.929  7.972   1.00 19.30 ? 51  LYS A N   1 
ATOM   431  C  CA  . LYS A 1 61  ? 21.780  -0.687  9.253   1.00 20.99 ? 51  LYS A CA  1 
ATOM   432  C  C   . LYS A 1 61  ? 23.108  0.035   9.047   1.00 20.12 ? 51  LYS A C   1 
ATOM   433  O  O   . LYS A 1 61  ? 23.872  -0.295  8.138   1.00 17.90 ? 51  LYS A O   1 
ATOM   434  C  CB  . LYS A 1 61  ? 22.034  -2.009  9.980   1.00 23.91 ? 51  LYS A CB  1 
ATOM   435  C  CG  . LYS A 1 61  ? 22.872  -1.853  11.236  1.00 27.21 ? 51  LYS A CG  1 
ATOM   436  C  CD  . LYS A 1 61  ? 23.556  -3.153  11.621  1.00 28.34 ? 51  LYS A CD  1 
ATOM   437  C  CE  . LYS A 1 61  ? 24.808  -2.863  12.434  1.00 29.39 ? 51  LYS A CE  1 
ATOM   438  N  NZ  . LYS A 1 61  ? 25.701  -1.893  11.724  1.00 28.15 ? 51  LYS A NZ  1 
ATOM   439  N  N   . GLY A 1 62  ? 23.379  1.018   9.900   1.00 19.56 ? 52  GLY A N   1 
ATOM   440  C  CA  . GLY A 1 62  ? 24.616  1.769   9.797   1.00 21.22 ? 52  GLY A CA  1 
ATOM   441  C  C   . GLY A 1 62  ? 24.516  2.971   8.879   1.00 21.14 ? 52  GLY A C   1 
ATOM   442  O  O   . GLY A 1 62  ? 25.378  3.848   8.902   1.00 23.08 ? 52  GLY A O   1 
ATOM   443  N  N   . ASP A 1 63  ? 23.464  3.015   8.066   1.00 20.82 ? 53  ASP A N   1 
ATOM   444  C  CA  . ASP A 1 63  ? 23.259  4.120   7.135   1.00 19.58 ? 53  ASP A CA  1 
ATOM   445  C  C   . ASP A 1 63  ? 22.515  5.274   7.800   1.00 19.76 ? 53  ASP A C   1 
ATOM   446  O  O   . ASP A 1 63  ? 21.828  5.087   8.798   1.00 18.00 ? 53  ASP A O   1 
ATOM   447  C  CB  . ASP A 1 63  ? 22.481  3.635   5.911   1.00 20.27 ? 53  ASP A CB  1 
ATOM   448  C  CG  . ASP A 1 63  ? 23.366  2.923   4.902   1.00 22.39 ? 53  ASP A CG  1 
ATOM   449  O  OD1 . ASP A 1 63  ? 24.308  2.217   5.326   1.00 22.71 ? 53  ASP A OD1 1 
ATOM   450  O  OD2 . ASP A 1 63  ? 23.114  3.066   3.686   1.00 21.89 ? 53  ASP A OD2 1 
ATOM   451  N  N   . HIS A 1 64  ? 22.661  6.468   7.236   1.00 20.34 ? 54  HIS A N   1 
ATOM   452  C  CA  . HIS A 1 64  ? 22.011  7.655   7.774   1.00 20.89 ? 54  HIS A CA  1 
ATOM   453  C  C   . HIS A 1 64  ? 20.496  7.527   7.866   1.00 19.66 ? 54  HIS A C   1 
ATOM   454  O  O   . HIS A 1 64  ? 19.873  8.088   8.772   1.00 19.30 ? 54  HIS A O   1 
ATOM   455  C  CB  . HIS A 1 64  ? 22.367  8.874   6.923   1.00 22.97 ? 54  HIS A CB  1 
ATOM   456  C  CG  . HIS A 1 64  ? 21.468  10.049  7.145   1.00 25.24 ? 54  HIS A CG  1 
ATOM   457  N  ND1 . HIS A 1 64  ? 20.386  10.325  6.332   1.00 27.55 ? 54  HIS A ND1 1 
ATOM   458  C  CD2 . HIS A 1 64  ? 21.472  11.015  8.095   1.00 25.61 ? 54  HIS A CD2 1 
ATOM   459  C  CE1 . HIS A 1 64  ? 19.769  11.405  6.770   1.00 26.58 ? 54  HIS A CE1 1 
ATOM   460  N  NE2 . HIS A 1 64  ? 20.411  11.844  7.843   1.00 27.93 ? 54  HIS A NE2 1 
ATOM   461  N  N   . ALA A 1 65  ? 19.909  6.794   6.926   1.00 17.89 ? 55  ALA A N   1 
ATOM   462  C  CA  . ALA A 1 65  ? 18.464  6.600   6.888   1.00 17.59 ? 55  ALA A CA  1 
ATOM   463  C  C   . ALA A 1 65  ? 17.936  5.939   8.152   1.00 15.38 ? 55  ALA A C   1 
ATOM   464  O  O   . ALA A 1 65  ? 16.741  5.993   8.443   1.00 15.65 ? 55  ALA A O   1 
ATOM   465  C  CB  . ALA A 1 65  ? 18.094  5.763   5.681   1.00 19.91 ? 55  ALA A CB  1 
ATOM   466  N  N   . GLU A 1 66  ? 18.830  5.307   8.901   1.00 14.14 ? 56  GLU A N   1 
ATOM   467  C  CA  . GLU A 1 66  ? 18.429  4.639   10.129  1.00 13.59 ? 56  GLU A CA  1 
ATOM   468  C  C   . GLU A 1 66  ? 17.772  5.595   11.124  1.00 11.91 ? 56  GLU A C   1 
ATOM   469  O  O   . GLU A 1 66  ? 16.816  5.226   11.807  1.00 10.89 ? 56  GLU A O   1 
ATOM   470  C  CB  . GLU A 1 66  ? 19.638  3.958   10.764  1.00 16.77 ? 56  GLU A CB  1 
ATOM   471  C  CG  . GLU A 1 66  ? 19.420  3.513   12.190  1.00 21.07 ? 56  GLU A CG  1 
ATOM   472  C  CD  . GLU A 1 66  ? 20.377  2.418   12.597  1.00 22.93 ? 56  GLU A CD  1 
ATOM   473  O  OE1 . GLU A 1 66  ? 21.509  2.393   12.065  1.00 26.49 ? 56  GLU A OE1 1 
ATOM   474  O  OE2 . GLU A 1 66  ? 20.000  1.594   13.452  1.00 22.41 ? 56  GLU A OE2 1 
ATOM   475  N  N   . ARG A 1 67  ? 18.277  6.821   11.203  1.00 11.41 ? 57  ARG A N   1 
ATOM   476  C  CA  . ARG A 1 67  ? 17.708  7.802   12.124  1.00 12.38 ? 57  ARG A CA  1 
ATOM   477  C  C   . ARG A 1 67  ? 16.248  8.072   11.771  1.00 11.59 ? 57  ARG A C   1 
ATOM   478  O  O   . ARG A 1 67  ? 15.374  8.077   12.645  1.00 11.76 ? 57  ARG A O   1 
ATOM   479  C  CB  . ARG A 1 67  ? 18.504  9.109   12.067  1.00 13.00 ? 57  ARG A CB  1 
ATOM   480  C  CG  . ARG A 1 67  ? 18.082  10.141  13.110  1.00 15.34 ? 57  ARG A CG  1 
ATOM   481  C  CD  . ARG A 1 67  ? 18.860  11.437  12.921  1.00 16.98 ? 57  ARG A CD  1 
ATOM   482  N  NE  . ARG A 1 67  ? 18.799  12.309  14.092  1.00 19.30 ? 57  ARG A NE  1 
ATOM   483  C  CZ  . ARG A 1 67  ? 17.714  12.960  14.490  1.00 22.49 ? 57  ARG A CZ  1 
ATOM   484  N  NH1 . ARG A 1 67  ? 17.764  13.728  15.571  1.00 23.91 ? 57  ARG A NH1 1 
ATOM   485  N  NH2 . ARG A 1 67  ? 16.582  12.852  13.806  1.00 25.75 ? 57  ARG A NH2 1 
ATOM   486  N  N   . TYR A 1 68  ? 15.989  8.297   10.485  1.00 11.26 ? 58  TYR A N   1 
ATOM   487  C  CA  . TYR A 1 68  ? 14.635  8.556   10.006  1.00 10.95 ? 58  TYR A CA  1 
ATOM   488  C  C   . TYR A 1 68  ? 13.744  7.344   10.263  1.00 8.63  ? 58  TYR A C   1 
ATOM   489  O  O   . TYR A 1 68  ? 12.606  7.485   10.701  1.00 7.25  ? 58  TYR A O   1 
ATOM   490  C  CB  . TYR A 1 68  ? 14.649  8.857   8.503   1.00 11.48 ? 58  TYR A CB  1 
ATOM   491  C  CG  . TYR A 1 68  ? 13.270  8.925   7.880   1.00 12.48 ? 58  TYR A CG  1 
ATOM   492  C  CD1 . TYR A 1 68  ? 12.464  10.053  8.027   1.00 12.85 ? 58  TYR A CD1 1 
ATOM   493  C  CD2 . TYR A 1 68  ? 12.756  7.837   7.174   1.00 13.35 ? 58  TYR A CD2 1 
ATOM   494  C  CE1 . TYR A 1 68  ? 11.178  10.095  7.483   1.00 13.88 ? 58  TYR A CE1 1 
ATOM   495  C  CE2 . TYR A 1 68  ? 11.478  7.868   6.632   1.00 14.42 ? 58  TYR A CE2 1 
ATOM   496  C  CZ  . TYR A 1 68  ? 10.694  9.000   6.790   1.00 13.26 ? 58  TYR A CZ  1 
ATOM   497  O  OH  . TYR A 1 68  ? 9.431   9.020   6.258   1.00 16.75 ? 58  TYR A OH  1 
ATOM   498  N  N   . ALA A 1 69  ? 14.272  6.159   9.977   1.00 8.32  ? 59  ALA A N   1 
ATOM   499  C  CA  . ALA A 1 69  ? 13.521  4.928   10.168  1.00 10.47 ? 59  ALA A CA  1 
ATOM   500  C  C   . ALA A 1 69  ? 13.097  4.741   11.618  1.00 9.65  ? 59  ALA A C   1 
ATOM   501  O  O   . ALA A 1 69  ? 11.926  4.480   11.901  1.00 10.63 ? 59  ALA A O   1 
ATOM   502  C  CB  . ALA A 1 69  ? 14.346  3.735   9.707   1.00 10.78 ? 59  ALA A CB  1 
ATOM   503  N  N   . ARG A 1 70  ? 14.038  4.876   12.546  1.00 8.80  ? 60  ARG A N   1 
ATOM   504  C  CA  . ARG A 1 70  ? 13.699  4.697   13.954  1.00 9.41  ? 60  ARG A CA  1 
ATOM   505  C  C   . ARG A 1 70  ? 12.715  5.757   14.444  1.00 9.68  ? 60  ARG A C   1 
ATOM   506  O  O   . ARG A 1 70  ? 11.848  5.471   15.273  1.00 9.88  ? 60  ARG A O   1 
ATOM   507  C  CB  . ARG A 1 70  ? 14.966  4.703   14.810  1.00 10.20 ? 60  ARG A CB  1 
ATOM   508  C  CG  . ARG A 1 70  ? 15.800  3.431   14.658  1.00 9.03  ? 60  ARG A CG  1 
ATOM   509  C  CD  . ARG A 1 70  ? 17.185  3.630   15.242  1.00 11.19 ? 60  ARG A CD  1 
ATOM   510  N  NE  . ARG A 1 70  ? 18.033  2.442   15.146  1.00 12.27 ? 60  ARG A NE  1 
ATOM   511  C  CZ  . ARG A 1 70  ? 18.015  1.431   16.010  1.00 14.44 ? 60  ARG A CZ  1 
ATOM   512  N  NH1 . ARG A 1 70  ? 17.186  1.451   17.043  1.00 15.87 ? 60  ARG A NH1 1 
ATOM   513  N  NH2 . ARG A 1 70  ? 18.839  0.405   15.850  1.00 13.45 ? 60  ARG A NH2 1 
ATOM   514  N  N   . LYS A 1 71  ? 12.846  6.975   13.925  1.00 10.61 ? 61  LYS A N   1 
ATOM   515  C  CA  . LYS A 1 71  ? 11.951  8.065   14.307  1.00 11.30 ? 61  LYS A CA  1 
ATOM   516  C  C   . LYS A 1 71  ? 10.530  7.701   13.885  1.00 10.32 ? 61  LYS A C   1 
ATOM   517  O  O   . LYS A 1 71  ? 9.573   7.855   14.651  1.00 10.40 ? 61  LYS A O   1 
ATOM   518  C  CB  . LYS A 1 71  ? 12.382  9.364   13.622  1.00 13.34 ? 61  LYS A CB  1 
ATOM   519  C  CG  . LYS A 1 71  ? 11.528  10.571  13.977  1.00 20.19 ? 61  LYS A CG  1 
ATOM   520  C  CD  . LYS A 1 71  ? 12.073  11.832  13.324  1.00 24.13 ? 61  LYS A CD  1 
ATOM   521  C  CE  . LYS A 1 71  ? 11.214  13.036  13.669  1.00 27.83 ? 61  LYS A CE  1 
ATOM   522  N  NZ  . LYS A 1 71  ? 11.718  14.292  13.046  1.00 28.94 ? 61  LYS A NZ  1 
ATOM   523  N  N   . ILE A 1 72  ? 10.402  7.220   12.656  1.00 9.81  ? 62  ILE A N   1 
ATOM   524  C  CA  . ILE A 1 72  ? 9.111   6.815   12.122  1.00 10.65 ? 62  ILE A CA  1 
ATOM   525  C  C   . ILE A 1 72  ? 8.474   5.766   13.028  1.00 11.22 ? 62  ILE A C   1 
ATOM   526  O  O   . ILE A 1 72  ? 7.322   5.894   13.424  1.00 12.60 ? 62  ILE A O   1 
ATOM   527  C  CB  . ILE A 1 72  ? 9.267   6.230   10.697  1.00 11.62 ? 62  ILE A CB  1 
ATOM   528  C  CG1 . ILE A 1 72  ? 9.608   7.352   9.713   1.00 13.33 ? 62  ILE A CG1 1 
ATOM   529  C  CG2 . ILE A 1 72  ? 7.997   5.498   10.275  1.00 12.36 ? 62  ILE A CG2 1 
ATOM   530  C  CD1 . ILE A 1 72  ? 8.577   8.472   9.682   1.00 17.37 ? 62  ILE A CD1 1 
HETATM 531  N  N   . MSE A 1 73  ? 9.237   4.737   13.371  1.00 12.57 ? 63  MSE A N   1 
HETATM 532  C  CA  . MSE A 1 73  ? 8.707   3.673   14.208  1.00 16.07 ? 63  MSE A CA  1 
HETATM 533  C  C   . MSE A 1 73  ? 8.309   4.099   15.618  1.00 16.81 ? 63  MSE A C   1 
HETATM 534  O  O   . MSE A 1 73  ? 7.478   3.449   16.252  1.00 17.03 ? 63  MSE A O   1 
HETATM 535  C  CB  . MSE A 1 73  ? 9.700   2.518   14.258  1.00 18.86 ? 63  MSE A CB  1 
HETATM 536  C  CG  . MSE A 1 73  ? 10.001  1.961   12.883  1.00 23.66 ? 63  MSE A CG  1 
HETATM 537  SE SE  . MSE A 1 73  ? 11.125  0.398   12.931  1.00 32.45 ? 63  MSE A SE  1 
HETATM 538  C  CE  . MSE A 1 73  ? 12.847  1.277   12.907  1.00 30.75 ? 63  MSE A CE  1 
ATOM   539  N  N   . LYS A 1 74  ? 8.885   5.190   16.112  1.00 17.87 ? 64  LYS A N   1 
ATOM   540  C  CA  . LYS A 1 74  ? 8.546   5.656   17.452  1.00 19.51 ? 64  LYS A CA  1 
ATOM   541  C  C   . LYS A 1 74  ? 7.304   6.546   17.442  1.00 19.41 ? 64  LYS A C   1 
ATOM   542  O  O   . LYS A 1 74  ? 6.546   6.576   18.412  1.00 19.90 ? 64  LYS A O   1 
ATOM   543  C  CB  . LYS A 1 74  ? 9.718   6.418   18.074  1.00 22.96 ? 64  LYS A CB  1 
ATOM   544  C  CG  . LYS A 1 74  ? 9.975   7.779   17.462  1.00 27.68 ? 64  LYS A CG  1 
ATOM   545  C  CD  . LYS A 1 74  ? 11.108  8.503   18.171  1.00 31.33 ? 64  LYS A CD  1 
ATOM   546  C  CE  . LYS A 1 74  ? 11.385  9.851   17.527  1.00 31.68 ? 64  LYS A CE  1 
ATOM   547  N  NZ  . LYS A 1 74  ? 12.609  10.486  18.078  1.00 34.76 ? 64  LYS A NZ  1 
ATOM   548  N  N   . ILE A 1 75  ? 7.094   7.272   16.350  1.00 18.18 ? 65  ILE A N   1 
ATOM   549  C  CA  . ILE A 1 75  ? 5.931   8.144   16.257  1.00 18.37 ? 65  ILE A CA  1 
ATOM   550  C  C   . ILE A 1 75  ? 4.700   7.422   15.712  1.00 16.52 ? 65  ILE A C   1 
ATOM   551  O  O   . ILE A 1 75  ? 3.592   7.960   15.742  1.00 15.57 ? 65  ILE A O   1 
ATOM   552  C  CB  . ILE A 1 75  ? 6.218   9.378   15.369  1.00 19.79 ? 65  ILE A CB  1 
ATOM   553  C  CG1 . ILE A 1 75  ? 6.595   8.933   13.959  1.00 22.50 ? 65  ILE A CG1 1 
ATOM   554  C  CG2 . ILE A 1 75  ? 7.334   10.211  15.985  1.00 21.20 ? 65  ILE A CG2 1 
ATOM   555  C  CD1 . ILE A 1 75  ? 6.915   10.084  13.023  1.00 24.26 ? 65  ILE A CD1 1 
ATOM   556  N  N   . ALA A 1 76  ? 4.885   6.199   15.225  1.00 13.03 ? 66  ALA A N   1 
ATOM   557  C  CA  . ALA A 1 76  ? 3.769   5.435   14.672  1.00 12.02 ? 66  ALA A CA  1 
ATOM   558  C  C   . ALA A 1 76  ? 2.800   4.963   15.749  1.00 11.59 ? 66  ALA A C   1 
ATOM   559  O  O   . ALA A 1 76  ? 3.212   4.603   16.856  1.00 10.64 ? 66  ALA A O   1 
ATOM   560  C  CB  . ALA A 1 76  ? 4.294   4.230   13.892  1.00 11.08 ? 66  ALA A CB  1 
ATOM   561  N  N   . PRO A 1 77  ? 1.493   4.966   15.438  1.00 10.12 ? 67  PRO A N   1 
ATOM   562  C  CA  . PRO A 1 77  ? 0.477   4.526   16.393  1.00 12.78 ? 67  PRO A CA  1 
ATOM   563  C  C   . PRO A 1 77  ? 0.537   3.006   16.563  1.00 13.53 ? 67  PRO A C   1 
ATOM   564  O  O   . PRO A 1 77  ? 1.199   2.314   15.787  1.00 13.70 ? 67  PRO A O   1 
ATOM   565  C  CB  . PRO A 1 77  ? -0.823  4.996   15.751  1.00 12.03 ? 67  PRO A CB  1 
ATOM   566  C  CG  . PRO A 1 77  ? -0.528  4.852   14.295  1.00 11.31 ? 67  PRO A CG  1 
ATOM   567  C  CD  . PRO A 1 77  ? 0.872   5.406   14.177  1.00 10.83 ? 67  PRO A CD  1 
ATOM   568  N  N   . ASP A 1 78  ? -0.162  2.498   17.571  1.00 12.94 ? 68  ASP A N   1 
ATOM   569  C  CA  . ASP A 1 78  ? -0.175  1.071   17.875  1.00 16.56 ? 68  ASP A CA  1 
ATOM   570  C  C   . ASP A 1 78  ? -0.804  0.195   16.787  1.00 14.38 ? 68  ASP A C   1 
ATOM   571  O  O   . ASP A 1 78  ? -0.533  -1.003  16.726  1.00 14.03 ? 68  ASP A O   1 
ATOM   572  C  CB  . ASP A 1 78  ? -0.909  0.844   19.202  1.00 22.26 ? 68  ASP A CB  1 
ATOM   573  C  CG  . ASP A 1 78  ? -0.656  -0.527  19.789  1.00 28.09 ? 68  ASP A CG  1 
ATOM   574  O  OD1 . ASP A 1 78  ? -1.312  -0.865  20.802  1.00 32.61 ? 68  ASP A OD1 1 
ATOM   575  O  OD2 . ASP A 1 78  ? 0.199   -1.265  19.253  1.00 33.21 ? 68  ASP A OD2 1 
ATOM   576  N  N   . ASN A 1 79  ? -1.635  0.785   15.932  1.00 11.62 ? 69  ASN A N   1 
ATOM   577  C  CA  . ASN A 1 79  ? -2.293  0.018   14.873  1.00 11.15 ? 69  ASN A CA  1 
ATOM   578  C  C   . ASN A 1 79  ? -1.451  -0.126  13.607  1.00 10.64 ? 69  ASN A C   1 
ATOM   579  O  O   . ASN A 1 79  ? -1.940  -0.563  12.562  1.00 11.27 ? 69  ASN A O   1 
ATOM   580  C  CB  . ASN A 1 79  ? -3.668  0.628   14.554  1.00 9.65  ? 69  ASN A CB  1 
ATOM   581  C  CG  . ASN A 1 79  ? -3.592  2.083   14.120  1.00 10.78 ? 69  ASN A CG  1 
ATOM   582  O  OD1 . ASN A 1 79  ? -2.709  2.827   14.541  1.00 12.40 ? 69  ASN A OD1 1 
ATOM   583  N  ND2 . ASN A 1 79  ? -4.542  2.500   13.287  1.00 10.53 ? 69  ASN A ND2 1 
ATOM   584  N  N   . VAL A 1 80  ? -0.176  0.235   13.720  1.00 9.57  ? 70  VAL A N   1 
ATOM   585  C  CA  . VAL A 1 80  ? 0.761   0.132   12.609  1.00 9.23  ? 70  VAL A CA  1 
ATOM   586  C  C   . VAL A 1 80  ? 1.839   -0.891  12.963  1.00 9.41  ? 70  VAL A C   1 
ATOM   587  O  O   . VAL A 1 80  ? 2.462   -0.813  14.026  1.00 8.05  ? 70  VAL A O   1 
ATOM   588  C  CB  . VAL A 1 80  ? 1.437   1.487   12.311  1.00 7.62  ? 70  VAL A CB  1 
ATOM   589  C  CG1 . VAL A 1 80  ? 2.465   1.318   11.204  1.00 10.20 ? 70  VAL A CG1 1 
ATOM   590  C  CG2 . VAL A 1 80  ? 0.388   2.511   11.892  1.00 9.69  ? 70  VAL A CG2 1 
ATOM   591  N  N   . LYS A 1 81  ? 2.043   -1.853  12.071  1.00 8.51  ? 71  LYS A N   1 
ATOM   592  C  CA  . LYS A 1 81  ? 3.041   -2.895  12.267  1.00 11.26 ? 71  LYS A CA  1 
ATOM   593  C  C   . LYS A 1 81  ? 4.160   -2.798  11.237  1.00 9.96  ? 71  LYS A C   1 
ATOM   594  O  O   . LYS A 1 81  ? 3.903   -2.713  10.035  1.00 10.23 ? 71  LYS A O   1 
ATOM   595  C  CB  . LYS A 1 81  ? 2.400   -4.284  12.163  1.00 13.59 ? 71  LYS A CB  1 
ATOM   596  C  CG  . LYS A 1 81  ? 1.596   -4.721  13.371  1.00 19.92 ? 71  LYS A CG  1 
ATOM   597  C  CD  . LYS A 1 81  ? 1.192   -6.183  13.228  1.00 22.13 ? 71  LYS A CD  1 
ATOM   598  C  CE  . LYS A 1 81  ? 0.536   -6.715  14.490  1.00 24.82 ? 71  LYS A CE  1 
ATOM   599  N  NZ  . LYS A 1 81  ? 0.122   -8.139  14.334  1.00 24.19 ? 71  LYS A NZ  1 
ATOM   600  N  N   . PHE A 1 82  ? 5.403   -2.808  11.715  1.00 9.28  ? 72  PHE A N   1 
ATOM   601  C  CA  . PHE A 1 82  ? 6.569   -2.748  10.842  1.00 9.50  ? 72  PHE A CA  1 
ATOM   602  C  C   . PHE A 1 82  ? 7.105   -4.163  10.675  1.00 10.05 ? 72  PHE A C   1 
ATOM   603  O  O   . PHE A 1 82  ? 7.737   -4.710  11.582  1.00 12.99 ? 72  PHE A O   1 
ATOM   604  C  CB  . PHE A 1 82  ? 7.650   -1.855  11.455  1.00 10.69 ? 72  PHE A CB  1 
ATOM   605  C  CG  . PHE A 1 82  ? 7.296   -0.402  11.451  1.00 10.31 ? 72  PHE A CG  1 
ATOM   606  C  CD1 . PHE A 1 82  ? 7.518   0.376   10.317  1.00 7.49  ? 72  PHE A CD1 1 
ATOM   607  C  CD2 . PHE A 1 82  ? 6.703   0.184   12.563  1.00 10.96 ? 72  PHE A CD2 1 
ATOM   608  C  CE1 . PHE A 1 82  ? 7.145   1.716   10.286  1.00 11.06 ? 72  PHE A CE1 1 
ATOM   609  C  CE2 . PHE A 1 82  ? 6.325   1.522   12.544  1.00 12.81 ? 72  PHE A CE2 1 
ATOM   610  C  CZ  . PHE A 1 82  ? 6.548   2.292   11.402  1.00 10.88 ? 72  PHE A CZ  1 
ATOM   611  N  N   . LEU A 1 83  ? 6.853   -4.754  9.514   1.00 8.16  ? 73  LEU A N   1 
ATOM   612  C  CA  . LEU A 1 83  ? 7.288   -6.121  9.246   1.00 9.43  ? 73  LEU A CA  1 
ATOM   613  C  C   . LEU A 1 83  ? 8.753   -6.247  8.847   1.00 10.73 ? 73  LEU A C   1 
ATOM   614  O  O   . LEU A 1 83  ? 9.362   -7.302  9.031   1.00 12.46 ? 73  LEU A O   1 
ATOM   615  C  CB  . LEU A 1 83  ? 6.411   -6.742  8.153   1.00 8.59  ? 73  LEU A CB  1 
ATOM   616  C  CG  . LEU A 1 83  ? 4.905   -6.831  8.437   1.00 8.33  ? 73  LEU A CG  1 
ATOM   617  C  CD1 . LEU A 1 83  ? 4.186   -7.461  7.244   1.00 7.41  ? 73  LEU A CD1 1 
ATOM   618  C  CD2 . LEU A 1 83  ? 4.665   -7.659  9.692   1.00 8.22  ? 73  LEU A CD2 1 
ATOM   619  N  N   . GLY A 1 84  ? 9.322   -5.177  8.308   1.00 10.30 ? 74  GLY A N   1 
ATOM   620  C  CA  . GLY A 1 84  ? 10.708  -5.227  7.879   1.00 10.81 ? 74  GLY A CA  1 
ATOM   621  C  C   . GLY A 1 84  ? 10.788  -5.864  6.506   1.00 9.71  ? 74  GLY A C   1 
ATOM   622  O  O   . GLY A 1 84  ? 9.819   -5.830  5.750   1.00 10.89 ? 74  GLY A O   1 
ATOM   623  N  N   . SER A 1 85  ? 11.938  -6.445  6.180   1.00 10.49 ? 75  SER A N   1 
ATOM   624  C  CA  . SER A 1 85  ? 12.137  -7.102  4.887   1.00 10.51 ? 75  SER A CA  1 
ATOM   625  C  C   . SER A 1 85  ? 11.548  -8.514  4.910   1.00 10.10 ? 75  SER A C   1 
ATOM   626  O  O   . SER A 1 85  ? 11.866  -9.305  5.799   1.00 11.72 ? 75  SER A O   1 
ATOM   627  C  CB  . SER A 1 85  ? 13.630  -7.180  4.573   1.00 14.07 ? 75  SER A CB  1 
ATOM   628  O  OG  . SER A 1 85  ? 14.219  -5.893  4.609   1.00 19.78 ? 75  SER A OG  1 
ATOM   629  N  N   . VAL A 1 86  ? 10.701  -8.832  3.933   1.00 6.86  ? 76  VAL A N   1 
ATOM   630  C  CA  . VAL A 1 86  ? 10.068  -10.150 3.876   1.00 6.05  ? 76  VAL A CA  1 
ATOM   631  C  C   . VAL A 1 86  ? 10.441  -10.932 2.618   1.00 7.93  ? 76  VAL A C   1 
ATOM   632  O  O   . VAL A 1 86  ? 10.978  -10.374 1.663   1.00 7.95  ? 76  VAL A O   1 
ATOM   633  C  CB  . VAL A 1 86  ? 8.529   -10.038 3.898   1.00 4.94  ? 76  VAL A CB  1 
ATOM   634  C  CG1 . VAL A 1 86  ? 8.081   -9.206  5.097   1.00 5.79  ? 76  VAL A CG1 1 
ATOM   635  C  CG2 . VAL A 1 86  ? 8.030   -9.423  2.603   1.00 7.69  ? 76  VAL A CG2 1 
ATOM   636  N  N   . SER A 1 87  ? 10.150  -12.229 2.623   1.00 8.60  ? 77  SER A N   1 
ATOM   637  C  CA  . SER A 1 87  ? 10.439  -13.073 1.466   1.00 9.13  ? 77  SER A CA  1 
ATOM   638  C  C   . SER A 1 87  ? 9.313   -12.906 0.452   1.00 9.14  ? 77  SER A C   1 
ATOM   639  O  O   . SER A 1 87  ? 8.257   -12.353 0.772   1.00 7.73  ? 77  SER A O   1 
ATOM   640  C  CB  . SER A 1 87  ? 10.531  -14.537 1.890   1.00 8.92  ? 77  SER A CB  1 
ATOM   641  O  OG  . SER A 1 87  ? 9.303   -14.972 2.444   1.00 10.09 ? 77  SER A OG  1 
ATOM   642  N  N   . GLU A 1 88  ? 9.530   -13.387 -0.768  1.00 9.47  ? 78  GLU A N   1 
ATOM   643  C  CA  . GLU A 1 88  ? 8.500   -13.273 -1.792  1.00 10.36 ? 78  GLU A CA  1 
ATOM   644  C  C   . GLU A 1 88  ? 7.260   -14.053 -1.378  1.00 9.86  ? 78  GLU A C   1 
ATOM   645  O  O   . GLU A 1 88  ? 6.141   -13.618 -1.636  1.00 7.64  ? 78  GLU A O   1 
ATOM   646  C  CB  . GLU A 1 88  ? 9.005   -13.778 -3.147  1.00 15.38 ? 78  GLU A CB  1 
ATOM   647  C  CG  . GLU A 1 88  ? 7.995   -13.588 -4.272  1.00 20.59 ? 78  GLU A CG  1 
ATOM   648  C  CD  . GLU A 1 88  ? 8.616   -13.740 -5.646  1.00 25.77 ? 78  GLU A CD  1 
ATOM   649  O  OE1 . GLU A 1 88  ? 7.888   -13.603 -6.653  1.00 28.98 ? 78  GLU A OE1 1 
ATOM   650  O  OE2 . GLU A 1 88  ? 9.836   -13.989 -5.721  1.00 29.20 ? 78  GLU A OE2 1 
ATOM   651  N  N   . GLU A 1 89  ? 7.456   -15.201 -0.731  1.00 10.51 ? 79  GLU A N   1 
ATOM   652  C  CA  . GLU A 1 89  ? 6.322   -16.009 -0.278  1.00 10.78 ? 79  GLU A CA  1 
ATOM   653  C  C   . GLU A 1 89  ? 5.446   -15.172 0.648   1.00 9.83  ? 79  GLU A C   1 
ATOM   654  O  O   . GLU A 1 89  ? 4.216   -15.188 0.546   1.00 7.25  ? 79  GLU A O   1 
ATOM   655  C  CB  . GLU A 1 89  ? 6.789   -17.252 0.492   1.00 13.82 ? 79  GLU A CB  1 
ATOM   656  C  CG  . GLU A 1 89  ? 7.461   -18.330 -0.347  1.00 19.94 ? 79  GLU A CG  1 
ATOM   657  C  CD  . GLU A 1 89  ? 8.946   -18.101 -0.540  1.00 23.16 ? 79  GLU A CD  1 
ATOM   658  O  OE1 . GLU A 1 89  ? 9.602   -18.970 -1.157  1.00 27.64 ? 79  GLU A OE1 1 
ATOM   659  O  OE2 . GLU A 1 89  ? 9.463   -17.058 -0.079  1.00 23.41 ? 79  GLU A OE2 1 
ATOM   660  N  N   . GLU A 1 90  ? 6.092   -14.455 1.564   1.00 8.09  ? 80  GLU A N   1 
ATOM   661  C  CA  . GLU A 1 90  ? 5.388   -13.605 2.515   1.00 8.42  ? 80  GLU A CA  1 
ATOM   662  C  C   . GLU A 1 90  ? 4.668   -12.471 1.804   1.00 7.07  ? 80  GLU A C   1 
ATOM   663  O  O   . GLU A 1 90  ? 3.504   -12.180 2.093   1.00 6.85  ? 80  GLU A O   1 
ATOM   664  C  CB  . GLU A 1 90  ? 6.366   -13.013 3.534   1.00 10.60 ? 80  GLU A CB  1 
ATOM   665  C  CG  . GLU A 1 90  ? 6.920   -14.013 4.527   1.00 10.88 ? 80  GLU A CG  1 
ATOM   666  C  CD  . GLU A 1 90  ? 8.025   -13.432 5.387   1.00 14.66 ? 80  GLU A CD  1 
ATOM   667  O  OE1 . GLU A 1 90  ? 7.718   -12.626 6.295   1.00 14.12 ? 80  GLU A OE1 1 
ATOM   668  O  OE2 . GLU A 1 90  ? 9.203   -13.776 5.142   1.00 14.08 ? 80  GLU A OE2 1 
ATOM   669  N  N   . LEU A 1 91  ? 5.368   -11.825 0.880   1.00 5.87  ? 81  LEU A N   1 
ATOM   670  C  CA  . LEU A 1 91  ? 4.789   -10.714 0.133   1.00 6.81  ? 81  LEU A CA  1 
ATOM   671  C  C   . LEU A 1 91  ? 3.534   -11.162 -0.609  1.00 5.77  ? 81  LEU A C   1 
ATOM   672  O  O   . LEU A 1 91  ? 2.485   -10.527 -0.507  1.00 5.06  ? 81  LEU A O   1 
ATOM   673  C  CB  . LEU A 1 91  ? 5.814   -10.158 -0.857  1.00 6.42  ? 81  LEU A CB  1 
ATOM   674  C  CG  . LEU A 1 91  ? 5.356   -8.977  -1.717  1.00 9.72  ? 81  LEU A CG  1 
ATOM   675  C  CD1 . LEU A 1 91  ? 5.076   -7.763  -0.841  1.00 10.40 ? 81  LEU A CD1 1 
ATOM   676  C  CD2 . LEU A 1 91  ? 6.445   -8.661  -2.739  1.00 8.94  ? 81  LEU A CD2 1 
ATOM   677  N  N   . ILE A 1 92  ? 3.648   -12.255 -1.354  1.00 5.29  ? 82  ILE A N   1 
ATOM   678  C  CA  . ILE A 1 92  ? 2.506   -12.784 -2.097  1.00 6.55  ? 82  ILE A CA  1 
ATOM   679  C  C   . ILE A 1 92  ? 1.324   -13.024 -1.160  1.00 5.00  ? 82  ILE A C   1 
ATOM   680  O  O   . ILE A 1 92  ? 0.190   -12.649 -1.468  1.00 5.26  ? 82  ILE A O   1 
ATOM   681  C  CB  . ILE A 1 92  ? 2.875   -14.106 -2.807  1.00 6.37  ? 82  ILE A CB  1 
ATOM   682  C  CG1 . ILE A 1 92  ? 3.859   -13.819 -3.946  1.00 8.11  ? 82  ILE A CG1 1 
ATOM   683  C  CG2 . ILE A 1 92  ? 1.617   -14.796 -3.329  1.00 7.57  ? 82  ILE A CG2 1 
ATOM   684  C  CD1 . ILE A 1 92  ? 4.485   -15.069 -4.558  1.00 6.15  ? 82  ILE A CD1 1 
ATOM   685  N  N   . ASP A 1 93  ? 1.593   -13.635 -0.010  1.00 5.51  ? 83  ASP A N   1 
ATOM   686  C  CA  . ASP A 1 93  ? 0.544   -13.924 0.968   1.00 6.21  ? 83  ASP A CA  1 
ATOM   687  C  C   . ASP A 1 93  ? -0.074  -12.634 1.505   1.00 6.34  ? 83  ASP A C   1 
ATOM   688  O  O   . ASP A 1 93  ? -1.298  -12.525 1.619   1.00 5.83  ? 83  ASP A O   1 
ATOM   689  C  CB  . ASP A 1 93  ? 1.124   -14.766 2.116   1.00 8.53  ? 83  ASP A CB  1 
ATOM   690  C  CG  . ASP A 1 93  ? 0.112   -15.052 3.213   1.00 9.80  ? 83  ASP A CG  1 
ATOM   691  O  OD1 . ASP A 1 93  ? -1.028  -15.474 2.897   1.00 8.29  ? 83  ASP A OD1 1 
ATOM   692  O  OD2 . ASP A 1 93  ? 0.466   -14.866 4.399   1.00 9.75  ? 83  ASP A OD2 1 
ATOM   693  N  N   . LEU A 1 94  ? 0.767   -11.654 1.829   1.00 5.49  ? 84  LEU A N   1 
ATOM   694  C  CA  . LEU A 1 94  ? 0.272   -10.378 2.345   1.00 5.35  ? 84  LEU A CA  1 
ATOM   695  C  C   . LEU A 1 94  ? -0.641  -9.698  1.312   1.00 5.83  ? 84  LEU A C   1 
ATOM   696  O  O   . LEU A 1 94  ? -1.739  -9.228  1.648   1.00 4.65  ? 84  LEU A O   1 
ATOM   697  C  CB  . LEU A 1 94  ? 1.454   -9.476  2.736   1.00 5.32  ? 84  LEU A CB  1 
ATOM   698  C  CG  . LEU A 1 94  ? 2.155   -9.942  4.034   1.00 4.19  ? 84  LEU A CG  1 
ATOM   699  C  CD1 . LEU A 1 94  ? 3.548   -9.346  4.152   1.00 4.99  ? 84  LEU A CD1 1 
ATOM   700  C  CD2 . LEU A 1 94  ? 1.296   -9.555  5.228   1.00 4.23  ? 84  LEU A CD2 1 
ATOM   701  N  N   . TYR A 1 95  ? -0.196  -9.649  0.059   1.00 5.84  ? 85  TYR A N   1 
ATOM   702  C  CA  . TYR A 1 95  ? -1.013  -9.061  -1.005  1.00 6.16  ? 85  TYR A CA  1 
ATOM   703  C  C   . TYR A 1 95  ? -2.348  -9.796  -1.089  1.00 6.47  ? 85  TYR A C   1 
ATOM   704  O  O   . TYR A 1 95  ? -3.408  -9.181  -1.233  1.00 7.02  ? 85  TYR A O   1 
ATOM   705  C  CB  . TYR A 1 95  ? -0.339  -9.211  -2.366  1.00 7.34  ? 85  TYR A CB  1 
ATOM   706  C  CG  . TYR A 1 95  ? 0.716   -8.191  -2.707  1.00 8.59  ? 85  TYR A CG  1 
ATOM   707  C  CD1 . TYR A 1 95  ? 0.464   -6.829  -2.580  1.00 8.88  ? 85  TYR A CD1 1 
ATOM   708  C  CD2 . TYR A 1 95  ? 1.936   -8.591  -3.251  1.00 8.22  ? 85  TYR A CD2 1 
ATOM   709  C  CE1 . TYR A 1 95  ? 1.398   -5.885  -2.999  1.00 9.10  ? 85  TYR A CE1 1 
ATOM   710  C  CE2 . TYR A 1 95  ? 2.879   -7.660  -3.669  1.00 6.36  ? 85  TYR A CE2 1 
ATOM   711  C  CZ  . TYR A 1 95  ? 2.601   -6.310  -3.545  1.00 8.41  ? 85  TYR A CZ  1 
ATOM   712  O  OH  . TYR A 1 95  ? 3.515   -5.382  -3.991  1.00 7.60  ? 85  TYR A OH  1 
ATOM   713  N  N   . SER A 1 96  ? -2.283  -11.122 -1.017  1.00 5.96  ? 86  SER A N   1 
ATOM   714  C  CA  . SER A 1 96  ? -3.475  -11.963 -1.126  1.00 6.35  ? 86  SER A CA  1 
ATOM   715  C  C   . SER A 1 96  ? -4.487  -11.830 0.011   1.00 4.43  ? 86  SER A C   1 
ATOM   716  O  O   . SER A 1 96  ? -5.643  -12.198 -0.161  1.00 6.70  ? 86  SER A O   1 
ATOM   717  C  CB  . SER A 1 96  ? -3.064  -13.432 -1.239  1.00 5.54  ? 86  SER A CB  1 
ATOM   718  O  OG  . SER A 1 96  ? -2.824  -13.988 0.052   1.00 8.32  ? 86  SER A OG  1 
ATOM   719  N  N   . ARG A 1 97  ? -4.064  -11.309 1.161   1.00 4.88  ? 87  ARG A N   1 
ATOM   720  C  CA  . ARG A 1 97  ? -4.972  -11.180 2.295   1.00 5.35  ? 87  ARG A CA  1 
ATOM   721  C  C   . ARG A 1 97  ? -5.290  -9.754  2.747   1.00 5.08  ? 87  ARG A C   1 
ATOM   722  O  O   . ARG A 1 97  ? -6.174  -9.557  3.575   1.00 5.20  ? 87  ARG A O   1 
ATOM   723  C  CB  . ARG A 1 97  ? -4.437  -11.974 3.501   1.00 4.61  ? 87  ARG A CB  1 
ATOM   724  C  CG  . ARG A 1 97  ? -4.346  -13.484 3.286   1.00 6.05  ? 87  ARG A CG  1 
ATOM   725  C  CD  . ARG A 1 97  ? -3.921  -14.216 4.565   1.00 9.36  ? 87  ARG A CD  1 
ATOM   726  N  NE  . ARG A 1 97  ? -2.504  -14.029 4.881   1.00 11.29 ? 87  ARG A NE  1 
ATOM   727  C  CZ  . ARG A 1 97  ? -2.036  -13.282 5.878   1.00 9.91  ? 87  ARG A CZ  1 
ATOM   728  N  NH1 . ARG A 1 97  ? -2.871  -12.636 6.682   1.00 12.46 ? 87  ARG A NH1 1 
ATOM   729  N  NH2 . ARG A 1 97  ? -0.726  -13.183 6.075   1.00 8.95  ? 87  ARG A NH2 1 
ATOM   730  N  N   . CYS A 1 98  ? -4.594  -8.760  2.208   1.00 5.01  ? 88  CYS A N   1 
ATOM   731  C  CA  . CYS A 1 98  ? -4.843  -7.382  2.627   1.00 5.63  ? 88  CYS A CA  1 
ATOM   732  C  C   . CYS A 1 98  ? -6.197  -6.872  2.164   1.00 6.03  ? 88  CYS A C   1 
ATOM   733  O  O   . CYS A 1 98  ? -6.819  -7.448  1.269   1.00 6.95  ? 88  CYS A O   1 
ATOM   734  C  CB  . CYS A 1 98  ? -3.749  -6.446  2.097   1.00 4.54  ? 88  CYS A CB  1 
ATOM   735  S  SG  . CYS A 1 98  ? -3.754  -6.152  0.300   1.00 7.76  ? 88  CYS A SG  1 
ATOM   736  N  N   . LYS A 1 99  ? -6.661  -5.792  2.787   1.00 5.68  ? 89  LYS A N   1 
ATOM   737  C  CA  . LYS A 1 99  ? -7.934  -5.195  2.408   1.00 7.39  ? 89  LYS A CA  1 
ATOM   738  C  C   . LYS A 1 99  ? -7.677  -4.374  1.151   1.00 7.15  ? 89  LYS A C   1 
ATOM   739  O  O   . LYS A 1 99  ? -8.539  -4.244  0.283   1.00 7.42  ? 89  LYS A O   1 
ATOM   740  C  CB  . LYS A 1 99  ? -8.461  -4.287  3.525   1.00 8.39  ? 89  LYS A CB  1 
ATOM   741  C  CG  . LYS A 1 99  ? -9.816  -3.664  3.203   1.00 13.85 ? 89  LYS A CG  1 
ATOM   742  C  CD  . LYS A 1 99  ? -10.287 -2.696  4.282   1.00 17.05 ? 89  LYS A CD  1 
ATOM   743  C  CE  . LYS A 1 99  ? -10.506 -3.386  5.617   1.00 18.91 ? 89  LYS A CE  1 
ATOM   744  N  NZ  . LYS A 1 99  ? -11.112 -2.441  6.602   1.00 19.30 ? 89  LYS A NZ  1 
ATOM   745  N  N   . GLY A 1 100 ? -6.463  -3.839  1.063   1.00 6.05  ? 90  GLY A N   1 
ATOM   746  C  CA  . GLY A 1 100 ? -6.075  -3.033  -0.074  1.00 4.93  ? 90  GLY A CA  1 
ATOM   747  C  C   . GLY A 1 100 ? -4.667  -2.520  0.131   1.00 4.34  ? 90  GLY A C   1 
ATOM   748  O  O   . GLY A 1 100 ? -4.095  -2.686  1.210   1.00 4.88  ? 90  GLY A O   1 
ATOM   749  N  N   . LEU A 1 101 ? -4.112  -1.894  -0.899  1.00 4.09  ? 91  LEU A N   1 
ATOM   750  C  CA  . LEU A 1 101 ? -2.759  -1.356  -0.851  1.00 4.26  ? 91  LEU A CA  1 
ATOM   751  C  C   . LEU A 1 101 ? -2.776  0.167   -0.780  1.00 5.56  ? 91  LEU A C   1 
ATOM   752  O  O   . LEU A 1 101 ? -3.586  0.823   -1.440  1.00 6.82  ? 91  LEU A O   1 
ATOM   753  C  CB  . LEU A 1 101 ? -1.995  -1.785  -2.102  1.00 5.27  ? 91  LEU A CB  1 
ATOM   754  C  CG  . LEU A 1 101 ? -0.546  -1.309  -2.246  1.00 4.55  ? 91  LEU A CG  1 
ATOM   755  C  CD1 . LEU A 1 101 ? 0.338   -2.066  -1.270  1.00 6.76  ? 91  LEU A CD1 1 
ATOM   756  C  CD2 . LEU A 1 101 ? -0.090  -1.545  -3.670  1.00 4.96  ? 91  LEU A CD2 1 
ATOM   757  N  N   . LEU A 1 102 ? -1.883  0.720   0.036   1.00 2.73  ? 92  LEU A N   1 
ATOM   758  C  CA  . LEU A 1 102 ? -1.745  2.165   0.178   1.00 4.28  ? 92  LEU A CA  1 
ATOM   759  C  C   . LEU A 1 102 ? -0.354  2.547   -0.340  1.00 3.96  ? 92  LEU A C   1 
ATOM   760  O  O   . LEU A 1 102 ? 0.646   1.990   0.106   1.00 4.80  ? 92  LEU A O   1 
ATOM   761  C  CB  . LEU A 1 102 ? -1.878  2.572   1.652   1.00 3.02  ? 92  LEU A CB  1 
ATOM   762  C  CG  . LEU A 1 102 ? -1.545  4.033   1.960   1.00 8.24  ? 92  LEU A CG  1 
ATOM   763  C  CD1 . LEU A 1 102 ? -2.476  4.930   1.166   1.00 9.83  ? 92  LEU A CD1 1 
ATOM   764  C  CD2 . LEU A 1 102 ? -1.672  4.311   3.460   1.00 9.13  ? 92  LEU A CD2 1 
ATOM   765  N  N   . CYS A 1 103 ? -0.293  3.485   -1.286  1.00 6.03  ? 93  CYS A N   1 
ATOM   766  C  CA  . CYS A 1 103 ? 0.981   3.935   -1.855  1.00 6.67  ? 93  CYS A CA  1 
ATOM   767  C  C   . CYS A 1 103 ? 1.113   5.443   -1.699  1.00 7.50  ? 93  CYS A C   1 
ATOM   768  O  O   . CYS A 1 103 ? 0.217   6.188   -2.095  1.00 8.07  ? 93  CYS A O   1 
ATOM   769  C  CB  . CYS A 1 103 ? 1.063   3.603   -3.348  1.00 7.48  ? 93  CYS A CB  1 
ATOM   770  S  SG  . CYS A 1 103 ? 0.715   1.899   -3.769  1.00 9.67  ? 93  CYS A SG  1 
ATOM   771  N  N   . THR A 1 104 ? 2.241   5.887   -1.152  1.00 6.18  ? 94  THR A N   1 
ATOM   772  C  CA  . THR A 1 104 ? 2.478   7.309   -0.934  1.00 7.32  ? 94  THR A CA  1 
ATOM   773  C  C   . THR A 1 104 ? 3.852   7.794   -1.416  1.00 8.30  ? 94  THR A C   1 
ATOM   774  O  O   . THR A 1 104 ? 4.171   8.977   -1.298  1.00 8.27  ? 94  THR A O   1 
ATOM   775  C  CB  . THR A 1 104 ? 2.360   7.641   0.566   1.00 6.83  ? 94  THR A CB  1 
ATOM   776  O  OG1 . THR A 1 104 ? 3.299   6.847   1.299   1.00 6.71  ? 94  THR A OG1 1 
ATOM   777  C  CG2 . THR A 1 104 ? 0.957   7.332   1.076   1.00 6.95  ? 94  THR A CG2 1 
ATOM   778  N  N   . ALA A 1 105 ? 4.654   6.888   -1.968  1.00 6.75  ? 95  ALA A N   1 
ATOM   779  C  CA  . ALA A 1 105 ? 5.997   7.226   -2.436  1.00 7.51  ? 95  ALA A CA  1 
ATOM   780  C  C   . ALA A 1 105 ? 6.030   8.241   -3.570  1.00 8.97  ? 95  ALA A C   1 
ATOM   781  O  O   . ALA A 1 105 ? 5.074   8.383   -4.331  1.00 7.05  ? 95  ALA A O   1 
ATOM   782  C  CB  . ALA A 1 105 ? 6.729   5.968   -2.870  1.00 5.83  ? 95  ALA A CB  1 
ATOM   783  N  N   . LYS A 1 106 ? 7.141   8.957   -3.678  1.00 10.13 ? 96  LYS A N   1 
ATOM   784  C  CA  . LYS A 1 106 ? 7.271   9.935   -4.747  1.00 12.42 ? 96  LYS A CA  1 
ATOM   785  C  C   . LYS A 1 106 ? 8.387   9.559   -5.702  1.00 12.29 ? 96  LYS A C   1 
ATOM   786  O  O   . LYS A 1 106 ? 8.594   10.228  -6.714  1.00 12.59 ? 96  LYS A O   1 
ATOM   787  C  CB  . LYS A 1 106 ? 7.506   11.323  -4.149  1.00 17.21 ? 96  LYS A CB  1 
ATOM   788  C  CG  . LYS A 1 106 ? 8.670   11.374  -3.191  1.00 19.93 ? 96  LYS A CG  1 
ATOM   789  C  CD  . LYS A 1 106 ? 8.531   12.534  -2.224  1.00 25.33 ? 96  LYS A CD  1 
ATOM   790  C  CE  . LYS A 1 106 ? 8.545   13.868  -2.940  1.00 25.38 ? 96  LYS A CE  1 
ATOM   791  N  NZ  . LYS A 1 106 ? 8.313   14.959  -1.963  1.00 30.24 ? 96  LYS A NZ  1 
ATOM   792  N  N   . ASP A 1 107 ? 9.091   8.473   -5.389  1.00 13.64 ? 97  ASP A N   1 
ATOM   793  C  CA  . ASP A 1 107 ? 10.208  8.015   -6.218  1.00 14.13 ? 97  ASP A CA  1 
ATOM   794  C  C   . ASP A 1 107 ? 9.967   6.670   -6.906  1.00 14.30 ? 97  ASP A C   1 
ATOM   795  O  O   . ASP A 1 107 ? 10.916  5.986   -7.282  1.00 15.65 ? 97  ASP A O   1 
ATOM   796  C  CB  . ASP A 1 107 ? 11.481  7.930   -5.370  1.00 15.45 ? 97  ASP A CB  1 
ATOM   797  C  CG  . ASP A 1 107 ? 11.403  6.843   -4.317  1.00 18.22 ? 97  ASP A CG  1 
ATOM   798  O  OD1 . ASP A 1 107 ? 10.322  6.683   -3.716  1.00 16.99 ? 97  ASP A OD1 1 
ATOM   799  O  OD2 . ASP A 1 107 ? 12.421  6.158   -4.079  1.00 20.83 ? 97  ASP A OD2 1 
ATOM   800  N  N   . GLU A 1 108 ? 8.700   6.290   -7.064  1.00 13.78 ? 98  GLU A N   1 
ATOM   801  C  CA  . GLU A 1 108 ? 8.356   5.037   -7.732  1.00 12.63 ? 98  GLU A CA  1 
ATOM   802  C  C   . GLU A 1 108 ? 7.691   5.371   -9.066  1.00 13.19 ? 98  GLU A C   1 
ATOM   803  O  O   . GLU A 1 108 ? 6.528   5.769   -9.103  1.00 9.77  ? 98  GLU A O   1 
ATOM   804  C  CB  . GLU A 1 108 ? 7.431   4.202   -6.840  1.00 15.25 ? 98  GLU A CB  1 
ATOM   805  C  CG  . GLU A 1 108 ? 8.211   3.336   -5.841  1.00 16.53 ? 98  GLU A CG  1 
ATOM   806  C  CD  . GLU A 1 108 ? 7.357   2.734   -4.731  1.00 16.69 ? 98  GLU A CD  1 
ATOM   807  O  OE1 . GLU A 1 108 ? 6.202   2.337   -4.996  1.00 16.44 ? 98  GLU A OE1 1 
ATOM   808  O  OE2 . GLU A 1 108 ? 7.861   2.635   -3.589  1.00 16.19 ? 98  GLU A OE2 1 
ATOM   809  N  N   . ASP A 1 109 ? 8.426   5.210   -10.165 1.00 11.89 ? 99  ASP A N   1 
ATOM   810  C  CA  . ASP A 1 109 ? 7.865   5.559   -11.469 1.00 14.18 ? 99  ASP A CA  1 
ATOM   811  C  C   . ASP A 1 109 ? 7.238   4.420   -12.264 1.00 12.33 ? 99  ASP A C   1 
ATOM   812  O  O   . ASP A 1 109 ? 6.635   4.674   -13.300 1.00 10.89 ? 99  ASP A O   1 
ATOM   813  C  CB  . ASP A 1 109 ? 8.915   6.223   -12.374 1.00 16.86 ? 99  ASP A CB  1 
ATOM   814  C  CG  . ASP A 1 109 ? 9.945   7.037   -11.610 1.00 18.19 ? 99  ASP A CG  1 
ATOM   815  O  OD1 . ASP A 1 109 ? 9.587   7.764   -10.662 1.00 21.03 ? 99  ASP A OD1 1 
ATOM   816  O  OD2 . ASP A 1 109 ? 11.132  6.960   -11.995 1.00 21.83 ? 99  ASP A OD2 1 
ATOM   817  N  N   . PHE A 1 110 ? 7.356   3.182   -11.793 1.00 13.38 ? 100 PHE A N   1 
ATOM   818  C  CA  . PHE A 1 110 ? 6.819   2.060   -12.552 1.00 12.82 ? 100 PHE A CA  1 
ATOM   819  C  C   . PHE A 1 110 ? 5.496   1.487   -12.054 1.00 13.59 ? 100 PHE A C   1 
ATOM   820  O  O   . PHE A 1 110 ? 4.731   0.914   -12.833 1.00 15.55 ? 100 PHE A O   1 
ATOM   821  C  CB  . PHE A 1 110 ? 7.888   0.970   -12.643 1.00 11.78 ? 100 PHE A CB  1 
ATOM   822  C  CG  . PHE A 1 110 ? 9.226   1.490   -13.094 1.00 14.66 ? 100 PHE A CG  1 
ATOM   823  C  CD1 . PHE A 1 110 ? 9.408   1.931   -14.402 1.00 14.59 ? 100 PHE A CD1 1 
ATOM   824  C  CD2 . PHE A 1 110 ? 10.279  1.620   -12.193 1.00 13.61 ? 100 PHE A CD2 1 
ATOM   825  C  CE1 . PHE A 1 110 ? 10.618  2.499   -14.808 1.00 15.28 ? 100 PHE A CE1 1 
ATOM   826  C  CE2 . PHE A 1 110 ? 11.493  2.187   -12.586 1.00 14.17 ? 100 PHE A CE2 1 
ATOM   827  C  CZ  . PHE A 1 110 ? 11.659  2.628   -13.897 1.00 15.85 ? 100 PHE A CZ  1 
ATOM   828  N  N   . GLY A 1 111 ? 5.219   1.646   -10.767 1.00 12.72 ? 101 GLY A N   1 
ATOM   829  C  CA  . GLY A 1 111 ? 3.970   1.145   -10.217 1.00 13.15 ? 101 GLY A CA  1 
ATOM   830  C  C   . GLY A 1 111 ? 3.939   -0.364  -10.063 1.00 11.93 ? 101 GLY A C   1 
ATOM   831  O  O   . GLY A 1 111 ? 2.896   -0.996  -10.245 1.00 11.99 ? 101 GLY A O   1 
ATOM   832  N  N   . LEU A 1 112 ? 5.082   -0.945  -9.722  1.00 10.10 ? 102 LEU A N   1 
ATOM   833  C  CA  . LEU A 1 112 ? 5.154   -2.384  -9.534  1.00 12.39 ? 102 LEU A CA  1 
ATOM   834  C  C   . LEU A 1 112 ? 4.254   -2.854  -8.401  1.00 10.04 ? 102 LEU A C   1 
ATOM   835  O  O   . LEU A 1 112 ? 3.584   -3.878  -8.527  1.00 10.60 ? 102 LEU A O   1 
ATOM   836  C  CB  . LEU A 1 112 ? 6.594   -2.823  -9.247  1.00 15.70 ? 102 LEU A CB  1 
ATOM   837  C  CG  . LEU A 1 112 ? 7.396   -3.375  -10.428 1.00 18.48 ? 102 LEU A CG  1 
ATOM   838  C  CD1 . LEU A 1 112 ? 6.734   -4.647  -10.932 1.00 21.75 ? 102 LEU A CD1 1 
ATOM   839  C  CD2 . LEU A 1 112 ? 7.483   -2.340  -11.534 1.00 20.46 ? 102 LEU A CD2 1 
ATOM   840  N  N   . THR A 1 113 ? 4.225   -2.113  -7.296  1.00 9.53  ? 103 THR A N   1 
ATOM   841  C  CA  . THR A 1 113 ? 3.397   -2.545  -6.172  1.00 8.37  ? 103 THR A CA  1 
ATOM   842  C  C   . THR A 1 113 ? 1.902   -2.551  -6.484  1.00 8.19  ? 103 THR A C   1 
ATOM   843  O  O   . THR A 1 113 ? 1.198   -3.486  -6.107  1.00 7.96  ? 103 THR A O   1 
ATOM   844  C  CB  . THR A 1 113 ? 3.704   -1.742  -4.867  1.00 10.26 ? 103 THR A CB  1 
ATOM   845  O  OG1 . THR A 1 113 ? 3.676   -0.332  -5.116  1.00 13.84 ? 103 THR A OG1 1 
ATOM   846  C  CG2 . THR A 1 113 ? 5.072   -2.134  -4.338  1.00 12.99 ? 103 THR A CG2 1 
ATOM   847  N  N   . PRO A 1 114 ? 1.393   -1.515  -7.178  1.00 6.92  ? 104 PRO A N   1 
ATOM   848  C  CA  . PRO A 1 114 ? -0.039  -1.508  -7.499  1.00 6.93  ? 104 PRO A CA  1 
ATOM   849  C  C   . PRO A 1 114 ? -0.395  -2.695  -8.401  1.00 6.47  ? 104 PRO A C   1 
ATOM   850  O  O   . PRO A 1 114 ? -1.446  -3.317  -8.241  1.00 6.25  ? 104 PRO A O   1 
ATOM   851  C  CB  . PRO A 1 114 ? -0.227  -0.180  -8.228  1.00 6.62  ? 104 PRO A CB  1 
ATOM   852  C  CG  . PRO A 1 114 ? 0.793   0.699   -7.576  1.00 8.53  ? 104 PRO A CG  1 
ATOM   853  C  CD  . PRO A 1 114 ? 2.001   -0.201  -7.458  1.00 6.27  ? 104 PRO A CD  1 
ATOM   854  N  N   . ILE A 1 115 ? 0.488   -2.999  -9.351  1.00 5.63  ? 105 ILE A N   1 
ATOM   855  C  CA  . ILE A 1 115 ? 0.261   -4.107  -10.277 1.00 6.62  ? 105 ILE A CA  1 
ATOM   856  C  C   . ILE A 1 115 ? 0.150   -5.431  -9.526  1.00 6.95  ? 105 ILE A C   1 
ATOM   857  O  O   . ILE A 1 115 ? -0.764  -6.223  -9.772  1.00 5.63  ? 105 ILE A O   1 
ATOM   858  C  CB  . ILE A 1 115 ? 1.399   -4.202  -11.330 1.00 7.98  ? 105 ILE A CB  1 
ATOM   859  C  CG1 . ILE A 1 115 ? 1.381   -2.945  -12.213 1.00 10.95 ? 105 ILE A CG1 1 
ATOM   860  C  CG2 . ILE A 1 115 ? 1.211   -5.446  -12.204 1.00 8.40  ? 105 ILE A CG2 1 
ATOM   861  C  CD1 . ILE A 1 115 ? 2.522   -2.861  -13.199 1.00 12.31 ? 105 ILE A CD1 1 
ATOM   862  N  N   . GLU A 1 116 ? 1.075   -5.661  -8.600  1.00 5.76  ? 106 GLU A N   1 
ATOM   863  C  CA  . GLU A 1 116 ? 1.074   -6.896  -7.817  1.00 6.99  ? 106 GLU A CA  1 
ATOM   864  C  C   . GLU A 1 116 ? -0.175  -6.976  -6.939  1.00 5.87  ? 106 GLU A C   1 
ATOM   865  O  O   . GLU A 1 116 ? -0.783  -8.041  -6.807  1.00 5.43  ? 106 GLU A O   1 
ATOM   866  C  CB  . GLU A 1 116 ? 2.350   -6.974  -6.969  1.00 8.22  ? 106 GLU A CB  1 
ATOM   867  C  CG  . GLU A 1 116 ? 3.619   -6.814  -7.817  1.00 11.15 ? 106 GLU A CG  1 
ATOM   868  C  CD  . GLU A 1 116 ? 4.910   -7.143  -7.081  1.00 14.65 ? 106 GLU A CD  1 
ATOM   869  O  OE1 . GLU A 1 116 ? 5.047   -6.773  -5.897  1.00 16.47 ? 106 GLU A OE1 1 
ATOM   870  O  OE2 . GLU A 1 116 ? 5.802   -7.756  -7.708  1.00 16.27 ? 106 GLU A OE2 1 
ATOM   871  N  N   . ALA A 1 117 ? -0.568  -5.848  -6.353  1.00 4.76  ? 107 ALA A N   1 
ATOM   872  C  CA  . ALA A 1 117 ? -1.760  -5.829  -5.518  1.00 5.38  ? 107 ALA A CA  1 
ATOM   873  C  C   . ALA A 1 117 ? -3.013  -6.095  -6.355  1.00 5.49  ? 107 ALA A C   1 
ATOM   874  O  O   . ALA A 1 117 ? -3.898  -6.835  -5.935  1.00 4.56  ? 107 ALA A O   1 
ATOM   875  C  CB  . ALA A 1 117 ? -1.887  -4.482  -4.807  1.00 3.58  ? 107 ALA A CB  1 
HETATM 876  N  N   . MSE A 1 118 ? -3.103  -5.484  -7.533  1.00 4.12  ? 108 MSE A N   1 
HETATM 877  C  CA  . MSE A 1 118 ? -4.283  -5.698  -8.361  1.00 4.41  ? 108 MSE A CA  1 
HETATM 878  C  C   . MSE A 1 118 ? -4.316  -7.137  -8.888  1.00 4.48  ? 108 MSE A C   1 
HETATM 879  O  O   . MSE A 1 118 ? -5.392  -7.728  -9.036  1.00 4.44  ? 108 MSE A O   1 
HETATM 880  C  CB  . MSE A 1 118 ? -4.322  -4.685  -9.506  1.00 5.11  ? 108 MSE A CB  1 
HETATM 881  C  CG  . MSE A 1 118 ? -4.452  -3.243  -9.023  1.00 8.04  ? 108 MSE A CG  1 
HETATM 882  SE SE  . MSE A 1 118 ? -4.709  -1.977  -10.473 1.00 17.28 ? 108 MSE A SE  1 
HETATM 883  C  CE  . MSE A 1 118 ? -2.870  -1.796  -11.048 1.00 11.22 ? 108 MSE A CE  1 
ATOM   884  N  N   . ALA A 1 119 ? -3.142  -7.708  -9.148  1.00 3.54  ? 109 ALA A N   1 
ATOM   885  C  CA  . ALA A 1 119 ? -3.053  -9.088  -9.613  1.00 4.80  ? 109 ALA A CA  1 
ATOM   886  C  C   . ALA A 1 119 ? -3.607  -9.983  -8.506  1.00 7.52  ? 109 ALA A C   1 
ATOM   887  O  O   . ALA A 1 119 ? -3.989  -11.132 -8.747  1.00 7.32  ? 109 ALA A O   1 
ATOM   888  C  CB  . ALA A 1 119 ? -1.599  -9.453  -9.906  1.00 6.79  ? 109 ALA A CB  1 
ATOM   889  N  N   . SER A 1 120 ? -3.649  -9.447  -7.289  1.00 5.96  ? 110 SER A N   1 
ATOM   890  C  CA  . SER A 1 120 ? -4.174  -10.190 -6.147  1.00 5.97  ? 110 SER A CA  1 
ATOM   891  C  C   . SER A 1 120 ? -5.652  -9.872  -5.915  1.00 6.13  ? 110 SER A C   1 
ATOM   892  O  O   . SER A 1 120 ? -6.240  -10.332 -4.936  1.00 5.55  ? 110 SER A O   1 
ATOM   893  C  CB  . SER A 1 120 ? -3.362  -9.869  -4.889  1.00 5.92  ? 110 SER A CB  1 
ATOM   894  O  OG  . SER A 1 120 ? -2.005  -10.213 -5.088  1.00 5.76  ? 110 SER A OG  1 
ATOM   895  N  N   . GLY A 1 121 ? -6.234  -9.092  -6.828  1.00 4.68  ? 111 GLY A N   1 
ATOM   896  C  CA  . GLY A 1 121 ? -7.637  -8.716  -6.739  1.00 5.29  ? 111 GLY A CA  1 
ATOM   897  C  C   . GLY A 1 121 ? -7.906  -7.589  -5.764  1.00 7.32  ? 111 GLY A C   1 
ATOM   898  O  O   . GLY A 1 121 ? -9.052  -7.347  -5.376  1.00 8.19  ? 111 GLY A O   1 
ATOM   899  N  N   . LYS A 1 122 ? -6.858  -6.870  -5.381  1.00 6.56  ? 112 LYS A N   1 
ATOM   900  C  CA  . LYS A 1 122 ? -7.017  -5.810  -4.391  1.00 5.73  ? 112 LYS A CA  1 
ATOM   901  C  C   . LYS A 1 122 ? -7.039  -4.376  -4.905  1.00 6.48  ? 112 LYS A C   1 
ATOM   902  O  O   . LYS A 1 122 ? -6.316  -4.017  -5.839  1.00 4.97  ? 112 LYS A O   1 
ATOM   903  C  CB  . LYS A 1 122 ? -5.926  -5.958  -3.322  1.00 6.13  ? 112 LYS A CB  1 
ATOM   904  C  CG  . LYS A 1 122 ? -5.814  -7.376  -2.743  1.00 7.09  ? 112 LYS A CG  1 
ATOM   905  C  CD  . LYS A 1 122 ? -7.150  -7.877  -2.184  1.00 7.27  ? 112 LYS A CD  1 
ATOM   906  C  CE  . LYS A 1 122 ? -7.031  -9.305  -1.640  1.00 9.11  ? 112 LYS A CE  1 
ATOM   907  N  NZ  . LYS A 1 122 ? -6.167  -9.393  -0.416  1.00 6.47  ? 112 LYS A NZ  1 
ATOM   908  N  N   . PRO A 1 123 ? -7.898  -3.535  -4.300  1.00 6.87  ? 113 PRO A N   1 
ATOM   909  C  CA  . PRO A 1 123 ? -8.000  -2.132  -4.705  1.00 6.34  ? 113 PRO A CA  1 
ATOM   910  C  C   . PRO A 1 123 ? -6.761  -1.387  -4.215  1.00 5.89  ? 113 PRO A C   1 
ATOM   911  O  O   . PRO A 1 123 ? -6.133  -1.789  -3.231  1.00 5.62  ? 113 PRO A O   1 
ATOM   912  C  CB  . PRO A 1 123 ? -9.284  -1.667  -4.022  1.00 6.45  ? 113 PRO A CB  1 
ATOM   913  C  CG  . PRO A 1 123 ? -9.313  -2.496  -2.773  1.00 6.47  ? 113 PRO A CG  1 
ATOM   914  C  CD  . PRO A 1 123 ? -8.883  -3.858  -3.249  1.00 6.32  ? 113 PRO A CD  1 
ATOM   915  N  N   . VAL A 1 124 ? -6.402  -0.316  -4.908  1.00 4.92  ? 114 VAL A N   1 
ATOM   916  C  CA  . VAL A 1 124 ? -5.224  0.453   -4.539  1.00 4.40  ? 114 VAL A CA  1 
ATOM   917  C  C   . VAL A 1 124 ? -5.524  1.921   -4.328  1.00 4.22  ? 114 VAL A C   1 
ATOM   918  O  O   . VAL A 1 124 ? -6.154  2.555   -5.169  1.00 4.14  ? 114 VAL A O   1 
ATOM   919  C  CB  . VAL A 1 124 ? -4.136  0.365   -5.631  1.00 3.77  ? 114 VAL A CB  1 
ATOM   920  C  CG1 . VAL A 1 124 ? -2.920  1.176   -5.211  1.00 6.24  ? 114 VAL A CG1 1 
ATOM   921  C  CG2 . VAL A 1 124 ? -3.758  -1.086  -5.885  1.00 5.04  ? 114 VAL A CG2 1 
ATOM   922  N  N   . ILE A 1 125 ? -5.085  2.460   -3.196  1.00 3.42  ? 115 ILE A N   1 
ATOM   923  C  CA  . ILE A 1 125 ? -5.268  3.878   -2.925  1.00 4.09  ? 115 ILE A CA  1 
ATOM   924  C  C   . ILE A 1 125 ? -3.871  4.450   -3.004  1.00 4.03  ? 115 ILE A C   1 
ATOM   925  O  O   . ILE A 1 125 ? -2.985  4.054   -2.243  1.00 4.23  ? 115 ILE A O   1 
ATOM   926  C  CB  . ILE A 1 125 ? -5.852  4.138   -1.530  1.00 5.93  ? 115 ILE A CB  1 
ATOM   927  C  CG1 . ILE A 1 125 ? -7.294  3.629   -1.483  1.00 7.59  ? 115 ILE A CG1 1 
ATOM   928  C  CG2 . ILE A 1 125 ? -5.810  5.632   -1.219  1.00 5.80  ? 115 ILE A CG2 1 
ATOM   929  C  CD1 . ILE A 1 125 ? -7.908  3.654   -0.120  1.00 12.07 ? 115 ILE A CD1 1 
ATOM   930  N  N   . ALA A 1 126 ? -3.659  5.374   -3.932  1.00 4.09  ? 116 ALA A N   1 
ATOM   931  C  CA  . ALA A 1 126 ? -2.325  5.922   -4.091  1.00 4.34  ? 116 ALA A CA  1 
ATOM   932  C  C   . ALA A 1 126 ? -2.294  7.380   -4.483  1.00 5.82  ? 116 ALA A C   1 
ATOM   933  O  O   . ALA A 1 126 ? -3.249  7.913   -5.050  1.00 6.20  ? 116 ALA A O   1 
ATOM   934  C  CB  . ALA A 1 126 ? -1.568  5.104   -5.133  1.00 4.05  ? 116 ALA A CB  1 
ATOM   935  N  N   . VAL A 1 127 ? -1.175  8.018   -4.170  1.00 5.06  ? 117 VAL A N   1 
ATOM   936  C  CA  . VAL A 1 127 ? -0.977  9.409   -4.526  1.00 7.78  ? 117 VAL A CA  1 
ATOM   937  C  C   . VAL A 1 127 ? -0.925  9.456   -6.052  1.00 7.47  ? 117 VAL A C   1 
ATOM   938  O  O   . VAL A 1 127 ? -0.421  8.534   -6.697  1.00 6.92  ? 117 VAL A O   1 
ATOM   939  C  CB  . VAL A 1 127 ? 0.333   9.947   -3.914  1.00 6.48  ? 117 VAL A CB  1 
ATOM   940  C  CG1 . VAL A 1 127 ? 0.206   9.998   -2.398  1.00 9.58  ? 117 VAL A CG1 1 
ATOM   941  C  CG2 . VAL A 1 127 ? 1.499   9.048   -4.308  1.00 10.98 ? 117 VAL A CG2 1 
ATOM   942  N  N   . ASN A 1 128 ? -1.470  10.525  -6.618  1.00 9.15  ? 118 ASN A N   1 
ATOM   943  C  CA  . ASN A 1 128 ? -1.543  10.720  -8.065  1.00 9.81  ? 118 ASN A CA  1 
ATOM   944  C  C   . ASN A 1 128 ? -0.184  11.135  -8.625  1.00 11.34 ? 118 ASN A C   1 
ATOM   945  O  O   . ASN A 1 128 ? -0.023  12.259  -9.105  1.00 9.83  ? 118 ASN A O   1 
ATOM   946  C  CB  . ASN A 1 128 ? -2.591  11.804  -8.361  1.00 12.26 ? 118 ASN A CB  1 
ATOM   947  C  CG  . ASN A 1 128 ? -2.968  11.881  -9.826  1.00 13.33 ? 118 ASN A CG  1 
ATOM   948  O  OD1 . ASN A 1 128 ? -3.477  12.902  -10.293 1.00 17.20 ? 118 ASN A OD1 1 
ATOM   949  N  ND2 . ASN A 1 128 ? -2.738  10.798  -10.556 1.00 10.81 ? 118 ASN A ND2 1 
ATOM   950  N  N   . GLU A 1 129 ? 0.784   10.219  -8.564  1.00 11.34 ? 119 GLU A N   1 
ATOM   951  C  CA  . GLU A 1 129 ? 2.142   10.477  -9.037  1.00 11.90 ? 119 GLU A CA  1 
ATOM   952  C  C   . GLU A 1 129 ? 2.833   9.227   -9.572  1.00 10.85 ? 119 GLU A C   1 
ATOM   953  O  O   . GLU A 1 129 ? 2.442   8.106   -9.259  1.00 9.30  ? 119 GLU A O   1 
ATOM   954  C  CB  . GLU A 1 129 ? 3.000   11.032  -7.899  1.00 13.88 ? 119 GLU A CB  1 
ATOM   955  C  CG  . GLU A 1 129 ? 2.496   12.325  -7.295  1.00 18.20 ? 119 GLU A CG  1 
ATOM   956  C  CD  . GLU A 1 129 ? 3.264   12.716  -6.047  1.00 20.18 ? 119 GLU A CD  1 
ATOM   957  O  OE1 . GLU A 1 129 ? 4.509   12.783  -6.109  1.00 24.03 ? 119 GLU A OE1 1 
ATOM   958  O  OE2 . GLU A 1 129 ? 2.622   12.963  -5.006  1.00 21.30 ? 119 GLU A OE2 1 
ATOM   959  N  N   . GLY A 1 130 ? 3.871   9.446   -10.376 1.00 10.06 ? 120 GLY A N   1 
ATOM   960  C  CA  . GLY A 1 130 ? 4.668   8.368   -10.937 1.00 10.74 ? 120 GLY A CA  1 
ATOM   961  C  C   . GLY A 1 130 ? 3.965   7.137   -11.470 1.00 9.14  ? 120 GLY A C   1 
ATOM   962  O  O   . GLY A 1 130 ? 2.963   7.228   -12.176 1.00 10.71 ? 120 GLY A O   1 
ATOM   963  N  N   . GLY A 1 131 ? 4.517   5.976   -11.134 1.00 8.14  ? 121 GLY A N   1 
ATOM   964  C  CA  . GLY A 1 131 ? 3.950   4.722   -11.592 1.00 8.59  ? 121 GLY A CA  1 
ATOM   965  C  C   . GLY A 1 131 ? 2.560   4.423   -11.058 1.00 9.23  ? 121 GLY A C   1 
ATOM   966  O  O   . GLY A 1 131 ? 1.854   3.578   -11.607 1.00 7.94  ? 121 GLY A O   1 
ATOM   967  N  N   . PHE A 1 132 ? 2.157   5.101   -9.988  1.00 7.80  ? 122 PHE A N   1 
ATOM   968  C  CA  . PHE A 1 132 ? 0.835   4.852   -9.430  1.00 7.95  ? 122 PHE A CA  1 
ATOM   969  C  C   . PHE A 1 132 ? -0.200  5.385   -10.406 1.00 7.98  ? 122 PHE A C   1 
ATOM   970  O  O   . PHE A 1 132 ? -1.176  4.710   -10.727 1.00 7.72  ? 122 PHE A O   1 
ATOM   971  C  CB  . PHE A 1 132 ? 0.683   5.530   -8.064  1.00 9.09  ? 122 PHE A CB  1 
ATOM   972  C  CG  . PHE A 1 132 ? 1.786   5.201   -7.098  1.00 6.47  ? 122 PHE A CG  1 
ATOM   973  C  CD1 . PHE A 1 132 ? 2.267   3.899   -6.982  1.00 8.46  ? 122 PHE A CD1 1 
ATOM   974  C  CD2 . PHE A 1 132 ? 2.356   6.194   -6.311  1.00 9.50  ? 122 PHE A CD2 1 
ATOM   975  C  CE1 . PHE A 1 132 ? 3.298   3.592   -6.097  1.00 7.07  ? 122 PHE A CE1 1 
ATOM   976  C  CE2 . PHE A 1 132 ? 3.388   5.896   -5.422  1.00 8.10  ? 122 PHE A CE2 1 
ATOM   977  C  CZ  . PHE A 1 132 ? 3.858   4.593   -5.318  1.00 9.48  ? 122 PHE A CZ  1 
ATOM   978  N  N   . LYS A 1 133 ? 0.032   6.598   -10.892 1.00 9.75  ? 123 LYS A N   1 
ATOM   979  C  CA  . LYS A 1 133 ? -0.878  7.224   -11.843 1.00 12.99 ? 123 LYS A CA  1 
ATOM   980  C  C   . LYS A 1 133 ? -0.923  6.424   -13.149 1.00 12.25 ? 123 LYS A C   1 
ATOM   981  O  O   . LYS A 1 133 ? -1.935  6.424   -13.850 1.00 13.18 ? 123 LYS A O   1 
ATOM   982  C  CB  . LYS A 1 133 ? -0.416  8.654   -12.136 1.00 16.34 ? 123 LYS A CB  1 
ATOM   983  C  CG  . LYS A 1 133 ? -1.233  9.367   -13.207 1.00 22.33 ? 123 LYS A CG  1 
ATOM   984  C  CD  . LYS A 1 133 ? -0.412  10.454  -13.891 1.00 24.91 ? 123 LYS A CD  1 
ATOM   985  C  CE  . LYS A 1 133 ? 0.814   9.855   -14.572 1.00 28.64 ? 123 LYS A CE  1 
ATOM   986  N  NZ  . LYS A 1 133 ? 1.622   10.856  -15.324 1.00 28.40 ? 123 LYS A NZ  1 
ATOM   987  N  N   . GLU A 1 134 ? 0.172   5.736   -13.464 1.00 10.54 ? 124 GLU A N   1 
ATOM   988  C  CA  . GLU A 1 134 ? 0.266   4.949   -14.694 1.00 11.88 ? 124 GLU A CA  1 
ATOM   989  C  C   . GLU A 1 134 ? -0.325  3.545   -14.618 1.00 11.02 ? 124 GLU A C   1 
ATOM   990  O  O   . GLU A 1 134 ? -0.447  2.868   -15.639 1.00 12.21 ? 124 GLU A O   1 
ATOM   991  C  CB  . GLU A 1 134 ? 1.729   4.837   -15.130 1.00 14.74 ? 124 GLU A CB  1 
ATOM   992  C  CG  . GLU A 1 134 ? 2.359   6.151   -15.551 1.00 21.33 ? 124 GLU A CG  1 
ATOM   993  C  CD  . GLU A 1 134 ? 1.715   6.726   -16.799 1.00 23.80 ? 124 GLU A CD  1 
ATOM   994  O  OE1 . GLU A 1 134 ? 1.796   6.076   -17.861 1.00 27.43 ? 124 GLU A OE1 1 
ATOM   995  O  OE2 . GLU A 1 134 ? 1.130   7.824   -16.719 1.00 27.18 ? 124 GLU A OE2 1 
ATOM   996  N  N   . THR A 1 135 ? -0.685  3.103   -13.417 1.00 10.16 ? 125 THR A N   1 
ATOM   997  C  CA  . THR A 1 135 ? -1.238  1.762   -13.240 1.00 7.65  ? 125 THR A CA  1 
ATOM   998  C  C   . THR A 1 135 ? -2.663  1.739   -12.684 1.00 8.26  ? 125 THR A C   1 
ATOM   999  O  O   . THR A 1 135 ? -3.528  0.997   -13.166 1.00 9.58  ? 125 THR A O   1 
ATOM   1000 C  CB  . THR A 1 135 ? -0.343  0.921   -12.299 1.00 8.68  ? 125 THR A CB  1 
ATOM   1001 O  OG1 . THR A 1 135 ? -0.104  1.653   -11.091 1.00 5.77  ? 125 THR A OG1 1 
ATOM   1002 C  CG2 . THR A 1 135 ? 0.990   0.602   -12.970 1.00 9.33  ? 125 THR A CG2 1 
ATOM   1003 N  N   . VAL A 1 136 ? -2.900  2.545   -11.659 1.00 7.63  ? 126 VAL A N   1 
ATOM   1004 C  CA  . VAL A 1 136 ? -4.207  2.614   -11.018 1.00 7.36  ? 126 VAL A CA  1 
ATOM   1005 C  C   . VAL A 1 136 ? -5.210  3.414   -11.837 1.00 8.57  ? 126 VAL A C   1 
ATOM   1006 O  O   . VAL A 1 136 ? -4.881  4.464   -12.382 1.00 9.85  ? 126 VAL A O   1 
ATOM   1007 C  CB  . VAL A 1 136 ? -4.090  3.260   -9.619  1.00 7.05  ? 126 VAL A CB  1 
ATOM   1008 C  CG1 . VAL A 1 136 ? -5.456  3.306   -8.939  1.00 7.54  ? 126 VAL A CG1 1 
ATOM   1009 C  CG2 . VAL A 1 136 ? -3.103  2.474   -8.778  1.00 8.47  ? 126 VAL A CG2 1 
ATOM   1010 N  N   . ILE A 1 137 ? -6.436  2.908   -11.932 1.00 7.67  ? 127 ILE A N   1 
ATOM   1011 C  CA  . ILE A 1 137 ? -7.481  3.617   -12.660 1.00 10.08 ? 127 ILE A CA  1 
ATOM   1012 C  C   . ILE A 1 137 ? -8.450  4.147   -11.612 1.00 9.08  ? 127 ILE A C   1 
ATOM   1013 O  O   . ILE A 1 137 ? -9.166  3.384   -10.970 1.00 8.69  ? 127 ILE A O   1 
ATOM   1014 C  CB  . ILE A 1 137 ? -8.222  2.682   -13.623 1.00 10.92 ? 127 ILE A CB  1 
ATOM   1015 C  CG1 . ILE A 1 137 ? -7.208  2.019   -14.562 1.00 14.92 ? 127 ILE A CG1 1 
ATOM   1016 C  CG2 . ILE A 1 137 ? -9.256  3.473   -14.428 1.00 12.89 ? 127 ILE A CG2 1 
ATOM   1017 C  CD1 . ILE A 1 137 ? -7.676  0.712   -15.146 1.00 18.40 ? 127 ILE A CD1 1 
ATOM   1018 N  N   . ASN A 1 138 ? -8.455  5.460   -11.434 1.00 9.65  ? 128 ASN A N   1 
ATOM   1019 C  CA  . ASN A 1 138 ? -9.318  6.085   -10.447 1.00 11.08 ? 128 ASN A CA  1 
ATOM   1020 C  C   . ASN A 1 138 ? -10.774 5.627   -10.551 1.00 9.62  ? 128 ASN A C   1 
ATOM   1021 O  O   . ASN A 1 138 ? -11.380 5.675   -11.627 1.00 10.80 ? 128 ASN A O   1 
ATOM   1022 C  CB  . ASN A 1 138 ? -9.228  7.609   -10.573 1.00 10.18 ? 128 ASN A CB  1 
ATOM   1023 C  CG  . ASN A 1 138 ? -9.919  8.323   -9.433  1.00 13.36 ? 128 ASN A CG  1 
ATOM   1024 O  OD1 . ASN A 1 138 ? -9.603  8.093   -8.264  1.00 11.13 ? 128 ASN A OD1 1 
ATOM   1025 N  ND2 . ASN A 1 138 ? -10.866 9.201   -9.764  1.00 14.04 ? 128 ASN A ND2 1 
ATOM   1026 N  N   . GLU A 1 139 ? -11.318 5.179   -9.422  1.00 9.91  ? 129 GLU A N   1 
ATOM   1027 C  CA  . GLU A 1 139 ? -12.695 4.699   -9.319  1.00 11.95 ? 129 GLU A CA  1 
ATOM   1028 C  C   . GLU A 1 139 ? -13.000 3.402   -10.066 1.00 12.72 ? 129 GLU A C   1 
ATOM   1029 O  O   . GLU A 1 139 ? -14.167 3.033   -10.229 1.00 13.34 ? 129 GLU A O   1 
ATOM   1030 C  CB  . GLU A 1 139 ? -13.674 5.797   -9.761  1.00 15.57 ? 129 GLU A CB  1 
ATOM   1031 C  CG  . GLU A 1 139 ? -13.820 6.921   -8.744  1.00 18.57 ? 129 GLU A CG  1 
ATOM   1032 C  CD  . GLU A 1 139 ? -14.779 8.015   -9.193  1.00 22.63 ? 129 GLU A CD  1 
ATOM   1033 O  OE1 . GLU A 1 139 ? -15.120 8.878   -8.355  1.00 23.51 ? 129 GLU A OE1 1 
ATOM   1034 O  OE2 . GLU A 1 139 ? -15.183 8.017   -10.376 1.00 23.36 ? 129 GLU A OE2 1 
ATOM   1035 N  N   . LYS A 1 140 ? -11.958 2.703   -10.509 1.00 11.07 ? 130 LYS A N   1 
ATOM   1036 C  CA  . LYS A 1 140 ? -12.143 1.445   -11.226 1.00 12.06 ? 130 LYS A CA  1 
ATOM   1037 C  C   . LYS A 1 140 ? -11.282 0.323   -10.644 1.00 10.59 ? 130 LYS A C   1 
ATOM   1038 O  O   . LYS A 1 140 ? -11.712 -0.828  -10.597 1.00 10.06 ? 130 LYS A O   1 
ATOM   1039 C  CB  . LYS A 1 140 ? -11.850 1.644   -12.712 1.00 13.96 ? 130 LYS A CB  1 
ATOM   1040 C  CG  . LYS A 1 140 ? -12.605 2.839   -13.274 1.00 18.84 ? 130 LYS A CG  1 
ATOM   1041 C  CD  . LYS A 1 140 ? -12.753 2.802   -14.782 1.00 20.79 ? 130 LYS A CD  1 
ATOM   1042 C  CE  . LYS A 1 140 ? -13.556 4.009   -15.242 1.00 22.89 ? 130 LYS A CE  1 
ATOM   1043 N  NZ  . LYS A 1 140 ? -13.892 3.965   -16.684 1.00 24.11 ? 130 LYS A NZ  1 
ATOM   1044 N  N   . THR A 1 141 ? -10.066 0.644   -10.215 1.00 7.98  ? 131 THR A N   1 
ATOM   1045 C  CA  . THR A 1 141 ? -9.214  -0.368  -9.591  1.00 8.05  ? 131 THR A CA  1 
ATOM   1046 C  C   . THR A 1 141 ? -8.671  0.213   -8.294  1.00 7.53  ? 131 THR A C   1 
ATOM   1047 O  O   . THR A 1 141 ? -7.717  -0.297  -7.714  1.00 7.86  ? 131 THR A O   1 
ATOM   1048 C  CB  . THR A 1 141 ? -8.031  -0.804  -10.489 1.00 8.76  ? 131 THR A CB  1 
ATOM   1049 O  OG1 . THR A 1 141 ? -7.096  0.274   -10.634 1.00 9.36  ? 131 THR A OG1 1 
ATOM   1050 C  CG2 . THR A 1 141 ? -8.541  -1.247  -11.858 1.00 7.92  ? 131 THR A CG2 1 
ATOM   1051 N  N   . GLY A 1 142 ? -9.305  1.290   -7.846  1.00 8.97  ? 132 GLY A N   1 
ATOM   1052 C  CA  . GLY A 1 142 ? -8.886  1.949   -6.626  1.00 8.38  ? 132 GLY A CA  1 
ATOM   1053 C  C   . GLY A 1 142 ? -9.144  3.432   -6.756  1.00 7.25  ? 132 GLY A C   1 
ATOM   1054 O  O   . GLY A 1 142 ? -10.043 3.854   -7.486  1.00 7.49  ? 132 GLY A O   1 
ATOM   1055 N  N   . TYR A 1 143 ? -8.350  4.229   -6.056  1.00 7.25  ? 133 TYR A N   1 
ATOM   1056 C  CA  . TYR A 1 143 ? -8.517  5.674   -6.099  1.00 8.23  ? 133 TYR A CA  1 
ATOM   1057 C  C   . TYR A 1 143 ? -7.168  6.389   -6.140  1.00 8.99  ? 133 TYR A C   1 
ATOM   1058 O  O   . TYR A 1 143 ? -6.222  5.987   -5.466  1.00 9.01  ? 133 TYR A O   1 
ATOM   1059 C  CB  . TYR A 1 143 ? -9.299  6.138   -4.868  1.00 10.23 ? 133 TYR A CB  1 
ATOM   1060 C  CG  . TYR A 1 143 ? -10.665 5.506   -4.733  1.00 10.77 ? 133 TYR A CG  1 
ATOM   1061 C  CD1 . TYR A 1 143 ? -11.737 5.948   -5.507  1.00 13.07 ? 133 TYR A CD1 1 
ATOM   1062 C  CD2 . TYR A 1 143 ? -10.883 4.444   -3.852  1.00 11.45 ? 133 TYR A CD2 1 
ATOM   1063 C  CE1 . TYR A 1 143 ? -12.990 5.348   -5.410  1.00 13.58 ? 133 TYR A CE1 1 
ATOM   1064 C  CE2 . TYR A 1 143 ? -12.137 3.837   -3.752  1.00 14.10 ? 133 TYR A CE2 1 
ATOM   1065 C  CZ  . TYR A 1 143 ? -13.183 4.295   -4.534  1.00 14.58 ? 133 TYR A CZ  1 
ATOM   1066 O  OH  . TYR A 1 143 ? -14.422 3.695   -4.455  1.00 15.66 ? 133 TYR A OH  1 
ATOM   1067 N  N   . LEU A 1 144 ? -7.087  7.447   -6.940  1.00 9.54  ? 134 LEU A N   1 
ATOM   1068 C  CA  . LEU A 1 144 ? -5.868  8.239   -7.039  1.00 8.65  ? 134 LEU A CA  1 
ATOM   1069 C  C   . LEU A 1 144 ? -6.175  9.556   -6.348  1.00 10.31 ? 134 LEU A C   1 
ATOM   1070 O  O   . LEU A 1 144 ? -7.154  10.230  -6.681  1.00 11.39 ? 134 LEU A O   1 
ATOM   1071 C  CB  . LEU A 1 144 ? -5.486  8.478   -8.503  1.00 8.40  ? 134 LEU A CB  1 
ATOM   1072 C  CG  . LEU A 1 144 ? -4.866  7.297   -9.267  1.00 9.38  ? 134 LEU A CG  1 
ATOM   1073 C  CD1 . LEU A 1 144 ? -4.764  7.644   -10.745 1.00 8.05  ? 134 LEU A CD1 1 
ATOM   1074 C  CD2 . LEU A 1 144 ? -3.496  6.970   -8.700  1.00 11.35 ? 134 LEU A CD2 1 
ATOM   1075 N  N   . VAL A 1 145 ? -5.350  9.913   -5.371  1.00 9.65  ? 135 VAL A N   1 
ATOM   1076 C  CA  . VAL A 1 145 ? -5.558  11.142  -4.615  1.00 12.05 ? 135 VAL A CA  1 
ATOM   1077 C  C   . VAL A 1 145 ? -4.249  11.904  -4.461  1.00 10.75 ? 135 VAL A C   1 
ATOM   1078 O  O   . VAL A 1 145 ? -3.207  11.462  -4.925  1.00 11.78 ? 135 VAL A O   1 
ATOM   1079 C  CB  . VAL A 1 145 ? -6.108  10.837  -3.200  1.00 11.25 ? 135 VAL A CB  1 
ATOM   1080 C  CG1 . VAL A 1 145 ? -7.432  10.074  -3.300  1.00 13.70 ? 135 VAL A CG1 1 
ATOM   1081 C  CG2 . VAL A 1 145 ? -5.092  10.023  -2.411  1.00 13.39 ? 135 VAL A CG2 1 
ATOM   1082 N  N   . ASN A 1 146 ? -4.314  13.063  -3.819  1.00 12.37 ? 136 ASN A N   1 
ATOM   1083 C  CA  . ASN A 1 146 ? -3.117  13.854  -3.586  1.00 13.76 ? 136 ASN A CA  1 
ATOM   1084 C  C   . ASN A 1 146 ? -2.523  13.358  -2.270  1.00 12.61 ? 136 ASN A C   1 
ATOM   1085 O  O   . ASN A 1 146 ? -3.210  12.679  -1.501  1.00 13.48 ? 136 ASN A O   1 
ATOM   1086 C  CB  . ASN A 1 146 ? -3.483  15.334  -3.481  1.00 16.41 ? 136 ASN A CB  1 
ATOM   1087 C  CG  . ASN A 1 146 ? -4.115  15.869  -4.753  1.00 19.43 ? 136 ASN A CG  1 
ATOM   1088 O  OD1 . ASN A 1 146 ? -3.508  15.838  -5.825  1.00 19.92 ? 136 ASN A OD1 1 
ATOM   1089 N  ND2 . ASN A 1 146 ? -5.343  16.366  -4.640  1.00 18.83 ? 136 ASN A ND2 1 
ATOM   1090 N  N   . ALA A 1 147 ? -1.254  13.674  -2.021  1.00 11.51 ? 137 ALA A N   1 
ATOM   1091 C  CA  . ALA A 1 147 ? -0.593  13.269  -0.783  1.00 11.42 ? 137 ALA A CA  1 
ATOM   1092 C  C   . ALA A 1 147 ? -1.271  14.095  0.294   1.00 11.52 ? 137 ALA A C   1 
ATOM   1093 O  O   . ALA A 1 147 ? -0.761  15.133  0.718   1.00 11.40 ? 137 ALA A O   1 
ATOM   1094 C  CB  . ALA A 1 147 ? 0.895   13.599  -0.846  1.00 11.22 ? 137 ALA A CB  1 
ATOM   1095 N  N   . ASP A 1 148 ? -2.429  13.618  0.728   1.00 9.83  ? 138 ASP A N   1 
ATOM   1096 C  CA  . ASP A 1 148 ? -3.235  14.327  1.704   1.00 10.26 ? 138 ASP A CA  1 
ATOM   1097 C  C   . ASP A 1 148 ? -3.938  13.346  2.637   1.00 8.96  ? 138 ASP A C   1 
ATOM   1098 O  O   . ASP A 1 148 ? -4.641  12.447  2.185   1.00 7.10  ? 138 ASP A O   1 
ATOM   1099 C  CB  . ASP A 1 148 ? -4.257  15.172  0.942   1.00 11.61 ? 138 ASP A CB  1 
ATOM   1100 C  CG  . ASP A 1 148 ? -5.169  15.959  1.853   1.00 13.79 ? 138 ASP A CG  1 
ATOM   1101 O  OD1 . ASP A 1 148 ? -5.978  15.332  2.559   1.00 12.30 ? 138 ASP A OD1 1 
ATOM   1102 O  OD2 . ASP A 1 148 ? -5.067  17.203  1.851   1.00 16.04 ? 138 ASP A OD2 1 
ATOM   1103 N  N   . VAL A 1 149 ? -3.736  13.526  3.937   1.00 8.39  ? 139 VAL A N   1 
ATOM   1104 C  CA  . VAL A 1 149 ? -4.340  12.654  4.938   1.00 8.40  ? 139 VAL A CA  1 
ATOM   1105 C  C   . VAL A 1 149 ? -5.847  12.478  4.764   1.00 8.19  ? 139 VAL A C   1 
ATOM   1106 O  O   . VAL A 1 149 ? -6.337  11.355  4.740   1.00 7.29  ? 139 VAL A O   1 
ATOM   1107 C  CB  . VAL A 1 149 ? -4.071  13.180  6.368   1.00 9.38  ? 139 VAL A CB  1 
ATOM   1108 C  CG1 . VAL A 1 149 ? -4.709  12.254  7.393   1.00 8.95  ? 139 VAL A CG1 1 
ATOM   1109 C  CG2 . VAL A 1 149 ? -2.573  13.279  6.608   1.00 11.30 ? 139 VAL A CG2 1 
ATOM   1110 N  N   . ASN A 1 150 ? -6.582  13.579  4.633   1.00 8.48  ? 140 ASN A N   1 
ATOM   1111 C  CA  . ASN A 1 150 ? -8.029  13.483  4.513   1.00 8.17  ? 140 ASN A CA  1 
ATOM   1112 C  C   . ASN A 1 150 ? -8.485  12.770  3.242   1.00 8.73  ? 140 ASN A C   1 
ATOM   1113 O  O   . ASN A 1 150 ? -9.419  11.967  3.281   1.00 7.12  ? 140 ASN A O   1 
ATOM   1114 C  CB  . ASN A 1 150 ? -8.669  14.869  4.588   1.00 10.76 ? 140 ASN A CB  1 
ATOM   1115 C  CG  . ASN A 1 150 ? -10.115 14.809  5.050   1.00 13.93 ? 140 ASN A CG  1 
ATOM   1116 O  OD1 . ASN A 1 150 ? -10.406 14.295  6.132   1.00 13.35 ? 140 ASN A OD1 1 
ATOM   1117 N  ND2 . ASN A 1 150 ? -11.024 15.331  4.238   1.00 13.66 ? 140 ASN A ND2 1 
ATOM   1118 N  N   . GLU A 1 151 ? -7.826  13.058  2.122   1.00 7.80  ? 141 GLU A N   1 
ATOM   1119 C  CA  . GLU A 1 151 ? -8.178  12.427  0.851   1.00 8.11  ? 141 GLU A CA  1 
ATOM   1120 C  C   . GLU A 1 151 ? -7.953  10.918  0.896   1.00 8.54  ? 141 GLU A C   1 
ATOM   1121 O  O   . GLU A 1 151 ? -8.752  10.141  0.362   1.00 7.72  ? 141 GLU A O   1 
ATOM   1122 C  CB  . GLU A 1 151 ? -7.358  13.036  -0.287  1.00 7.51  ? 141 GLU A CB  1 
ATOM   1123 C  CG  . GLU A 1 151 ? -7.789  14.446  -0.663  1.00 12.58 ? 141 GLU A CG  1 
ATOM   1124 C  CD  . GLU A 1 151 ? -7.049  14.978  -1.873  1.00 15.77 ? 141 GLU A CD  1 
ATOM   1125 O  OE1 . GLU A 1 151 ? -7.008  14.263  -2.898  1.00 15.93 ? 141 GLU A OE1 1 
ATOM   1126 O  OE2 . GLU A 1 151 ? -6.521  16.110  -1.803  1.00 17.63 ? 141 GLU A OE2 1 
ATOM   1127 N  N   . ILE A 1 152 ? -6.856  10.504  1.522   1.00 7.55  ? 142 ILE A N   1 
ATOM   1128 C  CA  . ILE A 1 152 ? -6.548  9.085   1.638   1.00 6.99  ? 142 ILE A CA  1 
ATOM   1129 C  C   . ILE A 1 152 ? -7.592  8.384   2.508   1.00 8.02  ? 142 ILE A C   1 
ATOM   1130 O  O   . ILE A 1 152 ? -8.082  7.305   2.162   1.00 6.97  ? 142 ILE A O   1 
ATOM   1131 C  CB  . ILE A 1 152 ? -5.138  8.869   2.243   1.00 7.35  ? 142 ILE A CB  1 
ATOM   1132 C  CG1 . ILE A 1 152 ? -4.080  9.381   1.258   1.00 7.76  ? 142 ILE A CG1 1 
ATOM   1133 C  CG2 . ILE A 1 152 ? -4.931  7.396   2.577   1.00 6.34  ? 142 ILE A CG2 1 
ATOM   1134 C  CD1 . ILE A 1 152 ? -2.648  9.294   1.762   1.00 7.36  ? 142 ILE A CD1 1 
ATOM   1135 N  N   . ILE A 1 153 ? -7.938  9.002   3.635   1.00 7.30  ? 143 ILE A N   1 
ATOM   1136 C  CA  . ILE A 1 153 ? -8.925  8.421   4.537   1.00 8.71  ? 143 ILE A CA  1 
ATOM   1137 C  C   . ILE A 1 153 ? -10.282 8.269   3.841   1.00 9.21  ? 143 ILE A C   1 
ATOM   1138 O  O   . ILE A 1 153 ? -10.947 7.246   3.991   1.00 8.50  ? 143 ILE A O   1 
ATOM   1139 C  CB  . ILE A 1 153 ? -9.085  9.273   5.828   1.00 9.59  ? 143 ILE A CB  1 
ATOM   1140 C  CG1 . ILE A 1 153 ? -7.834  9.121   6.705   1.00 9.09  ? 143 ILE A CG1 1 
ATOM   1141 C  CG2 . ILE A 1 153 ? -10.328 8.829   6.601   1.00 11.53 ? 143 ILE A CG2 1 
ATOM   1142 C  CD1 . ILE A 1 153 ? -7.809  10.029  7.927   1.00 12.83 ? 143 ILE A CD1 1 
ATOM   1143 N  N   . ASP A 1 154 ? -10.690 9.278   3.078   1.00 9.08  ? 144 ASP A N   1 
ATOM   1144 C  CA  . ASP A 1 154 ? -11.965 9.197   2.379   1.00 8.72  ? 144 ASP A CA  1 
ATOM   1145 C  C   . ASP A 1 154 ? -11.980 8.021   1.403   1.00 10.02 ? 144 ASP A C   1 
ATOM   1146 O  O   . ASP A 1 154 ? -12.979 7.298   1.302   1.00 9.97  ? 144 ASP A O   1 
ATOM   1147 C  CB  . ASP A 1 154 ? -12.254 10.512  1.655   1.00 10.96 ? 144 ASP A CB  1 
ATOM   1148 C  CG  . ASP A 1 154 ? -12.767 11.589  2.603   1.00 15.17 ? 144 ASP A CG  1 
ATOM   1149 O  OD1 . ASP A 1 154 ? -12.940 12.747  2.174   1.00 17.34 ? 144 ASP A OD1 1 
ATOM   1150 O  OD2 . ASP A 1 154 ? -13.002 11.260  3.786   1.00 19.00 ? 144 ASP A OD2 1 
ATOM   1151 N  N   . ALA A 1 155 ? -10.869 7.825   0.696   1.00 8.62  ? 145 ALA A N   1 
ATOM   1152 C  CA  . ALA A 1 155 ? -10.741 6.731   -0.264  1.00 8.22  ? 145 ALA A CA  1 
ATOM   1153 C  C   . ALA A 1 155 ? -10.785 5.389   0.461   1.00 9.22  ? 145 ALA A C   1 
ATOM   1154 O  O   . ALA A 1 155 ? -11.440 4.445   0.012   1.00 8.31  ? 145 ALA A O   1 
ATOM   1155 C  CB  . ALA A 1 155 ? -9.432  6.864   -1.030  1.00 6.87  ? 145 ALA A CB  1 
HETATM 1156 N  N   . MSE A 1 156 ? -10.078 5.305   1.583   1.00 9.39  ? 146 MSE A N   1 
HETATM 1157 C  CA  . MSE A 1 156 ? -10.055 4.076   2.362   1.00 11.75 ? 146 MSE A CA  1 
HETATM 1158 C  C   . MSE A 1 156 ? -11.439 3.711   2.884   1.00 14.07 ? 146 MSE A C   1 
HETATM 1159 O  O   . MSE A 1 156 ? -11.808 2.535   2.906   1.00 14.67 ? 146 MSE A O   1 
HETATM 1160 C  CB  . MSE A 1 156 ? -9.077  4.209   3.528   1.00 14.31 ? 146 MSE A CB  1 
HETATM 1161 C  CG  . MSE A 1 156 ? -7.631  3.991   3.128   1.00 19.09 ? 146 MSE A CG  1 
HETATM 1162 SE SE  . MSE A 1 156 ? -6.431  4.368   4.588   1.00 30.15 ? 146 MSE A SE  1 
HETATM 1163 C  CE  . MSE A 1 156 ? -7.000  2.978   5.781   1.00 21.72 ? 146 MSE A CE  1 
ATOM   1164 N  N   . LYS A 1 157 ? -12.202 4.717   3.300   1.00 13.27 ? 147 LYS A N   1 
ATOM   1165 C  CA  . LYS A 1 157 ? -13.544 4.476   3.815   1.00 14.55 ? 147 LYS A CA  1 
ATOM   1166 C  C   . LYS A 1 157 ? -14.458 3.901   2.738   1.00 13.96 ? 147 LYS A C   1 
ATOM   1167 O  O   . LYS A 1 157 ? -15.352 3.103   3.037   1.00 15.75 ? 147 LYS A O   1 
ATOM   1168 C  CB  . LYS A 1 157 ? -14.147 5.766   4.380   1.00 16.25 ? 147 LYS A CB  1 
ATOM   1169 C  CG  . LYS A 1 157 ? -13.572 6.178   5.731   1.00 18.54 ? 147 LYS A CG  1 
ATOM   1170 C  CD  . LYS A 1 157 ? -14.248 7.434   6.264   1.00 22.15 ? 147 LYS A CD  1 
ATOM   1171 C  CE  . LYS A 1 157 ? -13.721 7.809   7.641   1.00 23.50 ? 147 LYS A CE  1 
ATOM   1172 N  NZ  . LYS A 1 157 ? -13.960 6.730   8.646   1.00 23.32 ? 147 LYS A NZ  1 
ATOM   1173 N  N   . LYS A 1 158 ? -14.242 4.303   1.488   1.00 11.84 ? 148 LYS A N   1 
ATOM   1174 C  CA  . LYS A 1 158 ? -15.051 3.789   0.387   1.00 12.83 ? 148 LYS A CA  1 
ATOM   1175 C  C   . LYS A 1 158 ? -14.797 2.295   0.231   1.00 12.67 ? 148 LYS A C   1 
ATOM   1176 O  O   . LYS A 1 158 ? -15.730 1.502   0.117   1.00 12.99 ? 148 LYS A O   1 
ATOM   1177 C  CB  . LYS A 1 158 ? -14.703 4.494   -0.926  1.00 14.42 ? 148 LYS A CB  1 
ATOM   1178 C  CG  . LYS A 1 158 ? -15.150 5.938   -1.011  1.00 15.80 ? 148 LYS A CG  1 
ATOM   1179 C  CD  . LYS A 1 158 ? -14.639 6.561   -2.298  1.00 17.48 ? 148 LYS A CD  1 
ATOM   1180 C  CE  . LYS A 1 158 ? -14.911 8.044   -2.351  1.00 20.08 ? 148 LYS A CE  1 
ATOM   1181 N  NZ  . LYS A 1 158 ? -14.188 8.681   -3.485  1.00 20.15 ? 148 LYS A NZ  1 
ATOM   1182 N  N   . VAL A 1 159 ? -13.522 1.922   0.225   1.00 13.41 ? 149 VAL A N   1 
ATOM   1183 C  CA  . VAL A 1 159 ? -13.133 0.523   0.086   1.00 13.26 ? 149 VAL A CA  1 
ATOM   1184 C  C   . VAL A 1 159 ? -13.725 -0.301  1.227   1.00 15.68 ? 149 VAL A C   1 
ATOM   1185 O  O   . VAL A 1 159 ? -14.236 -1.400  1.012   1.00 16.43 ? 149 VAL A O   1 
ATOM   1186 C  CB  . VAL A 1 159 ? -11.591 0.391   0.087   1.00 12.92 ? 149 VAL A CB  1 
ATOM   1187 C  CG1 . VAL A 1 159 ? -11.181 -1.073  -0.034  1.00 11.30 ? 149 VAL A CG1 1 
ATOM   1188 C  CG2 . VAL A 1 159 ? -11.011 1.201   -1.066  1.00 12.29 ? 149 VAL A CG2 1 
ATOM   1189 N  N   . SER A 1 160 ? -13.665 0.240   2.438   1.00 17.05 ? 150 SER A N   1 
ATOM   1190 C  CA  . SER A 1 160 ? -14.196 -0.457  3.602   1.00 19.94 ? 150 SER A CA  1 
ATOM   1191 C  C   . SER A 1 160 ? -15.672 -0.827  3.443   1.00 20.08 ? 150 SER A C   1 
ATOM   1192 O  O   . SER A 1 160 ? -16.113 -1.873  3.921   1.00 20.17 ? 150 SER A O   1 
ATOM   1193 C  CB  . SER A 1 160 ? -14.007 0.402   4.852   1.00 21.60 ? 150 SER A CB  1 
ATOM   1194 O  OG  . SER A 1 160 ? -12.626 0.634   5.087   1.00 25.75 ? 150 SER A OG  1 
ATOM   1195 N  N   . LYS A 1 161 ? -16.432 0.026   2.769   1.00 19.41 ? 151 LYS A N   1 
ATOM   1196 C  CA  . LYS A 1 161 ? -17.854 -0.231  2.561   1.00 20.09 ? 151 LYS A CA  1 
ATOM   1197 C  C   . LYS A 1 161 ? -18.120 -1.302  1.509   1.00 20.46 ? 151 LYS A C   1 
ATOM   1198 O  O   . LYS A 1 161 ? -19.130 -2.002  1.569   1.00 20.67 ? 151 LYS A O   1 
ATOM   1199 C  CB  . LYS A 1 161 ? -18.567 1.065   2.172   1.00 21.07 ? 151 LYS A CB  1 
ATOM   1200 C  CG  . LYS A 1 161 ? -18.878 1.977   3.346   1.00 21.38 ? 151 LYS A CG  1 
ATOM   1201 C  CD  . LYS A 1 161 ? -20.029 1.433   4.179   1.00 23.00 ? 151 LYS A CD  1 
ATOM   1202 C  CE  . LYS A 1 161 ? -20.315 2.323   5.385   1.00 25.62 ? 151 LYS A CE  1 
ATOM   1203 N  NZ  . LYS A 1 161 ? -21.499 1.851   6.169   1.00 22.92 ? 151 LYS A NZ  1 
ATOM   1204 N  N   . ASN A 1 162 ? -17.215 -1.431  0.545   1.00 19.52 ? 152 ASN A N   1 
ATOM   1205 C  CA  . ASN A 1 162 ? -17.374 -2.420  -0.517  1.00 18.93 ? 152 ASN A CA  1 
ATOM   1206 C  C   . ASN A 1 162 ? -15.987 -2.884  -0.966  1.00 19.38 ? 152 ASN A C   1 
ATOM   1207 O  O   . ASN A 1 162 ? -15.467 -2.421  -1.977  1.00 17.28 ? 152 ASN A O   1 
ATOM   1208 C  CB  . ASN A 1 162 ? -18.129 -1.795  -1.693  1.00 20.45 ? 152 ASN A CB  1 
ATOM   1209 C  CG  . ASN A 1 162 ? -18.564 -2.821  -2.716  1.00 21.34 ? 152 ASN A CG  1 
ATOM   1210 O  OD1 . ASN A 1 162 ? -18.223 -3.998  -2.616  1.00 22.61 ? 152 ASN A OD1 1 
ATOM   1211 N  ND2 . ASN A 1 162 ? -19.324 -2.376  -3.713  1.00 21.19 ? 152 ASN A ND2 1 
ATOM   1212 N  N   . PRO A 1 163 ? -15.382 -3.819  -0.216  1.00 20.52 ? 153 PRO A N   1 
ATOM   1213 C  CA  . PRO A 1 163 ? -14.050 -4.366  -0.499  1.00 20.78 ? 153 PRO A CA  1 
ATOM   1214 C  C   . PRO A 1 163 ? -13.823 -5.003  -1.871  1.00 19.53 ? 153 PRO A C   1 
ATOM   1215 O  O   . PRO A 1 163 ? -12.798 -4.748  -2.499  1.00 19.66 ? 153 PRO A O   1 
ATOM   1216 C  CB  . PRO A 1 163 ? -13.838 -5.358  0.643   1.00 22.21 ? 153 PRO A CB  1 
ATOM   1217 C  CG  . PRO A 1 163 ? -15.231 -5.841  0.919   1.00 24.52 ? 153 PRO A CG  1 
ATOM   1218 C  CD  . PRO A 1 163 ? -16.013 -4.544  0.901   1.00 22.37 ? 153 PRO A CD  1 
ATOM   1219 N  N   . ASP A 1 164 ? -14.768 -5.821  -2.334  1.00 16.97 ? 154 ASP A N   1 
ATOM   1220 C  CA  . ASP A 1 164 ? -14.625 -6.492  -3.628  1.00 16.59 ? 154 ASP A CA  1 
ATOM   1221 C  C   . ASP A 1 164 ? -15.258 -5.734  -4.791  1.00 15.38 ? 154 ASP A C   1 
ATOM   1222 O  O   . ASP A 1 164 ? -15.496 -6.307  -5.853  1.00 13.36 ? 154 ASP A O   1 
ATOM   1223 C  CB  . ASP A 1 164 ? -15.224 -7.903  -3.568  1.00 19.31 ? 154 ASP A CB  1 
ATOM   1224 C  CG  . ASP A 1 164 ? -16.725 -7.899  -3.312  1.00 22.02 ? 154 ASP A CG  1 
ATOM   1225 O  OD1 . ASP A 1 164 ? -17.347 -8.975  -3.422  1.00 25.15 ? 154 ASP A OD1 1 
ATOM   1226 O  OD2 . ASP A 1 164 ? -17.287 -6.830  -2.998  1.00 23.66 ? 154 ASP A OD2 1 
ATOM   1227 N  N   . LYS A 1 165 ? -15.515 -4.445  -4.594  1.00 14.36 ? 155 LYS A N   1 
ATOM   1228 C  CA  . LYS A 1 165 ? -16.132 -3.614  -5.626  1.00 15.24 ? 155 LYS A CA  1 
ATOM   1229 C  C   . LYS A 1 165 ? -15.360 -3.625  -6.950  1.00 14.39 ? 155 LYS A C   1 
ATOM   1230 O  O   . LYS A 1 165 ? -15.962 -3.646  -8.022  1.00 13.83 ? 155 LYS A O   1 
ATOM   1231 C  CB  . LYS A 1 165 ? -16.260 -2.174  -5.102  1.00 15.24 ? 155 LYS A CB  1 
ATOM   1232 C  CG  . LYS A 1 165 ? -16.928 -1.152  -6.034  1.00 17.00 ? 155 LYS A CG  1 
ATOM   1233 C  CD  . LYS A 1 165 ? -16.909 0.233   -5.363  1.00 17.79 ? 155 LYS A CD  1 
ATOM   1234 C  CE  . LYS A 1 165 ? -17.535 1.340   -6.214  1.00 18.63 ? 155 LYS A CE  1 
ATOM   1235 N  NZ  . LYS A 1 165 ? -18.990 1.133   -6.482  1.00 19.03 ? 155 LYS A NZ  1 
ATOM   1236 N  N   . PHE A 1 166 ? -14.032 -3.640  -6.868  1.00 13.54 ? 156 PHE A N   1 
ATOM   1237 C  CA  . PHE A 1 166 ? -13.181 -3.599  -8.057  1.00 12.97 ? 156 PHE A CA  1 
ATOM   1238 C  C   . PHE A 1 166 ? -12.398 -4.882  -8.341  1.00 13.30 ? 156 PHE A C   1 
ATOM   1239 O  O   . PHE A 1 166 ? -11.470 -4.880  -9.153  1.00 11.42 ? 156 PHE A O   1 
ATOM   1240 C  CB  . PHE A 1 166 ? -12.188 -2.442  -7.918  1.00 14.54 ? 156 PHE A CB  1 
ATOM   1241 C  CG  . PHE A 1 166 ? -12.836 -1.104  -7.672  1.00 16.01 ? 156 PHE A CG  1 
ATOM   1242 C  CD1 . PHE A 1 166 ? -12.315 -0.234  -6.720  1.00 15.99 ? 156 PHE A CD1 1 
ATOM   1243 C  CD2 . PHE A 1 166 ? -13.937 -0.694  -8.422  1.00 16.44 ? 156 PHE A CD2 1 
ATOM   1244 C  CE1 . PHE A 1 166 ? -12.876 1.025   -6.516  1.00 17.00 ? 156 PHE A CE1 1 
ATOM   1245 C  CE2 . PHE A 1 166 ? -14.506 0.565   -8.228  1.00 17.70 ? 156 PHE A CE2 1 
ATOM   1246 C  CZ  . PHE A 1 166 ? -13.972 1.425   -7.274  1.00 17.89 ? 156 PHE A CZ  1 
ATOM   1247 N  N   . LYS A 1 167 ? -12.772 -5.970  -7.678  1.00 12.66 ? 157 LYS A N   1 
ATOM   1248 C  CA  . LYS A 1 167 ? -12.088 -7.248  -7.840  1.00 12.37 ? 157 LYS A CA  1 
ATOM   1249 C  C   . LYS A 1 167 ? -11.765 -7.637  -9.292  1.00 11.85 ? 157 LYS A C   1 
ATOM   1250 O  O   . LYS A 1 167 ? -10.597 -7.727  -9.668  1.00 11.27 ? 157 LYS A O   1 
ATOM   1251 C  CB  . LYS A 1 167 ? -12.907 -8.362  -7.176  1.00 12.78 ? 157 LYS A CB  1 
ATOM   1252 C  CG  . LYS A 1 167 ? -12.185 -9.699  -7.113  1.00 13.97 ? 157 LYS A CG  1 
ATOM   1253 C  CD  . LYS A 1 167 ? -12.915 -10.679 -6.209  1.00 16.78 ? 157 LYS A CD  1 
ATOM   1254 C  CE  . LYS A 1 167 ? -12.180 -12.004 -6.137  1.00 18.64 ? 157 LYS A CE  1 
ATOM   1255 N  NZ  . LYS A 1 167 ? -12.867 -12.985 -5.257  1.00 18.06 ? 157 LYS A NZ  1 
ATOM   1256 N  N   . LYS A 1 168 ? -12.793 -7.865  -10.102 1.00 12.00 ? 158 LYS A N   1 
ATOM   1257 C  CA  . LYS A 1 168 ? -12.576 -8.256  -11.490 1.00 11.82 ? 158 LYS A CA  1 
ATOM   1258 C  C   . LYS A 1 168 ? -11.768 -7.235  -12.280 1.00 10.83 ? 158 LYS A C   1 
ATOM   1259 O  O   . LYS A 1 168 ? -10.919 -7.598  -13.096 1.00 8.97  ? 158 LYS A O   1 
ATOM   1260 C  CB  . LYS A 1 168 ? -13.918 -8.502  -12.186 1.00 16.40 ? 158 LYS A CB  1 
ATOM   1261 C  CG  . LYS A 1 168 ? -14.637 -9.753  -11.688 1.00 20.04 ? 158 LYS A CG  1 
ATOM   1262 C  CD  . LYS A 1 168 ? -15.961 -9.977  -12.405 1.00 22.12 ? 158 LYS A CD  1 
ATOM   1263 C  CE  . LYS A 1 168 ? -16.985 -8.907  -12.044 1.00 24.32 ? 158 LYS A CE  1 
ATOM   1264 N  NZ  . LYS A 1 168 ? -17.376 -8.954  -10.602 1.00 27.34 ? 158 LYS A NZ  1 
ATOM   1265 N  N   . ASP A 1 169 ? -12.026 -5.957  -12.035 1.00 9.83  ? 159 ASP A N   1 
ATOM   1266 C  CA  . ASP A 1 169 ? -11.316 -4.904  -12.743 1.00 9.41  ? 159 ASP A CA  1 
ATOM   1267 C  C   . ASP A 1 169 ? -9.835  -4.910  -12.382 1.00 7.06  ? 159 ASP A C   1 
ATOM   1268 O  O   . ASP A 1 169 ? -8.975  -4.646  -13.228 1.00 6.35  ? 159 ASP A O   1 
ATOM   1269 C  CB  . ASP A 1 169 ? -11.937 -3.550  -12.423 1.00 12.16 ? 159 ASP A CB  1 
ATOM   1270 C  CG  . ASP A 1 169 ? -13.422 -3.512  -12.721 1.00 16.48 ? 159 ASP A CG  1 
ATOM   1271 O  OD1 . ASP A 1 169 ? -14.221 -3.810  -11.807 1.00 19.51 ? 159 ASP A OD1 1 
ATOM   1272 O  OD2 . ASP A 1 169 ? -13.787 -3.204  -13.875 1.00 16.39 ? 159 ASP A OD2 1 
ATOM   1273 N  N   . CYS A 1 170 ? -9.535  -5.207  -11.123 1.00 5.45  ? 160 CYS A N   1 
ATOM   1274 C  CA  . CYS A 1 170 ? -8.144  -5.256  -10.702 1.00 5.96  ? 160 CYS A CA  1 
ATOM   1275 C  C   . CYS A 1 170 ? -7.421  -6.415  -11.381 1.00 4.73  ? 160 CYS A C   1 
ATOM   1276 O  O   . CYS A 1 170 ? -6.317  -6.243  -11.893 1.00 5.13  ? 160 CYS A O   1 
ATOM   1277 C  CB  . CYS A 1 170 ? -8.048  -5.376  -9.176  1.00 5.26  ? 160 CYS A CB  1 
ATOM   1278 S  SG  . CYS A 1 170 ? -8.577  -3.871  -8.325  1.00 9.27  ? 160 CYS A SG  1 
ATOM   1279 N  N   . PHE A 1 171 ? -8.030  -7.598  -11.388 1.00 5.50  ? 161 PHE A N   1 
ATOM   1280 C  CA  . PHE A 1 171 ? -7.390  -8.733  -12.050 1.00 6.37  ? 161 PHE A CA  1 
ATOM   1281 C  C   . PHE A 1 171 ? -7.079  -8.383  -13.501 1.00 6.99  ? 161 PHE A C   1 
ATOM   1282 O  O   . PHE A 1 171 ? -5.988  -8.671  -13.998 1.00 7.83  ? 161 PHE A O   1 
ATOM   1283 C  CB  . PHE A 1 171 ? -8.286  -9.976  -12.020 1.00 8.50  ? 161 PHE A CB  1 
ATOM   1284 C  CG  . PHE A 1 171 ? -8.309  -10.679 -10.692 1.00 10.31 ? 161 PHE A CG  1 
ATOM   1285 C  CD1 . PHE A 1 171 ? -7.129  -10.928 -9.999  1.00 11.28 ? 161 PHE A CD1 1 
ATOM   1286 C  CD2 . PHE A 1 171 ? -9.510  -11.125 -10.148 1.00 11.40 ? 161 PHE A CD2 1 
ATOM   1287 C  CE1 . PHE A 1 171 ? -7.142  -11.615 -8.785  1.00 11.10 ? 161 PHE A CE1 1 
ATOM   1288 C  CE2 . PHE A 1 171 ? -9.534  -11.813 -8.936  1.00 12.00 ? 161 PHE A CE2 1 
ATOM   1289 C  CZ  . PHE A 1 171 ? -8.342  -12.057 -8.255  1.00 12.49 ? 161 PHE A CZ  1 
ATOM   1290 N  N   . ARG A 1 172 ? -8.037  -7.754  -14.179 1.00 6.61  ? 162 ARG A N   1 
ATOM   1291 C  CA  . ARG A 1 172 ? -7.849  -7.388  -15.579 1.00 7.32  ? 162 ARG A CA  1 
ATOM   1292 C  C   . ARG A 1 172 ? -6.732  -6.370  -15.777 1.00 5.49  ? 162 ARG A C   1 
ATOM   1293 O  O   . ARG A 1 172 ? -5.870  -6.551  -16.636 1.00 5.85  ? 162 ARG A O   1 
ATOM   1294 C  CB  . ARG A 1 172 ? -9.147  -6.833  -16.174 1.00 7.34  ? 162 ARG A CB  1 
ATOM   1295 C  CG  . ARG A 1 172 ? -9.054  -6.567  -17.669 1.00 8.12  ? 162 ARG A CG  1 
ATOM   1296 C  CD  . ARG A 1 172 ? -10.338 -5.963  -18.217 1.00 10.64 ? 162 ARG A CD  1 
ATOM   1297 N  NE  . ARG A 1 172 ? -10.624 -4.662  -17.626 1.00 12.45 ? 162 ARG A NE  1 
ATOM   1298 C  CZ  . ARG A 1 172 ? -11.627 -4.423  -16.787 1.00 16.63 ? 162 ARG A CZ  1 
ATOM   1299 N  NH1 . ARG A 1 172 ? -12.454 -5.402  -16.434 1.00 13.61 ? 162 ARG A NH1 1 
ATOM   1300 N  NH2 . ARG A 1 172 ? -11.801 -3.201  -16.300 1.00 16.59 ? 162 ARG A NH2 1 
ATOM   1301 N  N   . ARG A 1 173 ? -6.748  -5.303  -14.990 1.00 6.48  ? 163 ARG A N   1 
ATOM   1302 C  CA  . ARG A 1 173 ? -5.727  -4.272  -15.123 1.00 4.99  ? 163 ARG A CA  1 
ATOM   1303 C  C   . ARG A 1 173 ? -4.318  -4.842  -14.961 1.00 5.15  ? 163 ARG A C   1 
ATOM   1304 O  O   . ARG A 1 173 ? -3.405  -4.469  -15.701 1.00 5.09  ? 163 ARG A O   1 
ATOM   1305 C  CB  . ARG A 1 173 ? -5.969  -3.152  -14.106 1.00 6.22  ? 163 ARG A CB  1 
ATOM   1306 C  CG  . ARG A 1 173 ? -5.013  -1.962  -14.218 1.00 6.33  ? 163 ARG A CG  1 
ATOM   1307 C  CD  . ARG A 1 173 ? -4.993  -1.333  -15.619 1.00 8.57  ? 163 ARG A CD  1 
ATOM   1308 N  NE  . ARG A 1 173 ? -4.312  -0.035  -15.599 1.00 6.60  ? 163 ARG A NE  1 
ATOM   1309 C  CZ  . ARG A 1 173 ? -3.846  0.594   -16.674 1.00 7.16  ? 163 ARG A CZ  1 
ATOM   1310 N  NH1 . ARG A 1 173 ? -3.973  0.053   -17.884 1.00 8.19  ? 163 ARG A NH1 1 
ATOM   1311 N  NH2 . ARG A 1 173 ? -3.253  1.773   -16.539 1.00 6.90  ? 163 ARG A NH2 1 
ATOM   1312 N  N   . ALA A 1 174 ? -4.140  -5.758  -14.011 1.00 5.58  ? 164 ALA A N   1 
ATOM   1313 C  CA  . ALA A 1 174 ? -2.830  -6.355  -13.780 1.00 6.86  ? 164 ALA A CA  1 
ATOM   1314 C  C   . ALA A 1 174 ? -2.266  -7.099  -14.995 1.00 9.19  ? 164 ALA A C   1 
ATOM   1315 O  O   . ALA A 1 174 ? -1.049  -7.171  -15.168 1.00 10.12 ? 164 ALA A O   1 
ATOM   1316 C  CB  . ALA A 1 174 ? -2.888  -7.293  -12.566 1.00 7.95  ? 164 ALA A CB  1 
ATOM   1317 N  N   . LYS A 1 175 ? -3.148  -7.641  -15.834 1.00 9.96  ? 165 LYS A N   1 
ATOM   1318 C  CA  . LYS A 1 175 ? -2.740  -8.384  -17.036 1.00 11.80 ? 165 LYS A CA  1 
ATOM   1319 C  C   . LYS A 1 175 ? -2.161  -7.503  -18.144 1.00 12.60 ? 165 LYS A C   1 
ATOM   1320 O  O   . LYS A 1 175 ? -1.431  -7.977  -19.018 1.00 12.64 ? 165 LYS A O   1 
ATOM   1321 C  CB  . LYS A 1 175 ? -3.938  -9.140  -17.619 1.00 13.12 ? 165 LYS A CB  1 
ATOM   1322 C  CG  . LYS A 1 175 ? -4.573  -10.138 -16.681 1.00 13.75 ? 165 LYS A CG  1 
ATOM   1323 C  CD  . LYS A 1 175 ? -5.673  -10.917 -17.379 1.00 19.65 ? 165 LYS A CD  1 
ATOM   1324 C  CE  . LYS A 1 175 ? -6.322  -11.902 -16.422 1.00 20.58 ? 165 LYS A CE  1 
ATOM   1325 N  NZ  . LYS A 1 175 ? -7.439  -12.648 -17.063 1.00 24.57 ? 165 LYS A NZ  1 
ATOM   1326 N  N   . GLU A 1 176 ? -2.496  -6.220  -18.093 1.00 11.81 ? 166 GLU A N   1 
ATOM   1327 C  CA  . GLU A 1 176 ? -2.075  -5.239  -19.087 1.00 13.01 ? 166 GLU A CA  1 
ATOM   1328 C  C   . GLU A 1 176 ? -0.643  -4.739  -18.949 1.00 15.14 ? 166 GLU A C   1 
ATOM   1329 O  O   . GLU A 1 176 ? -0.233  -3.818  -19.657 1.00 14.88 ? 166 GLU A O   1 
ATOM   1330 C  CB  . GLU A 1 176 ? -3.041  -4.059  -19.035 1.00 9.58  ? 166 GLU A CB  1 
ATOM   1331 C  CG  . GLU A 1 176 ? -4.419  -4.410  -19.545 1.00 10.46 ? 166 GLU A CG  1 
ATOM   1332 C  CD  . GLU A 1 176 ? -5.492  -3.450  -19.069 1.00 9.35  ? 166 GLU A CD  1 
ATOM   1333 O  OE1 . GLU A 1 176 ? -5.172  -2.280  -18.793 1.00 9.69  ? 166 GLU A OE1 1 
ATOM   1334 O  OE2 . GLU A 1 176 ? -6.660  -3.871  -18.990 1.00 8.97  ? 166 GLU A OE2 1 
ATOM   1335 N  N   . PHE A 1 177 ? 0.108   -5.355  -18.044 1.00 15.21 ? 167 PHE A N   1 
ATOM   1336 C  CA  . PHE A 1 177 ? 1.495   -4.976  -17.788 1.00 19.44 ? 167 PHE A CA  1 
ATOM   1337 C  C   . PHE A 1 177 ? 2.417   -6.189  -17.774 1.00 22.76 ? 167 PHE A C   1 
ATOM   1338 O  O   . PHE A 1 177 ? 3.477   -6.128  -18.436 1.00 26.20 ? 167 PHE A O   1 
ATOM   1339 C  CB  . PHE A 1 177 ? 1.591   -4.245  -16.450 1.00 17.51 ? 167 PHE A CB  1 
ATOM   1340 C  CG  . PHE A 1 177 ? 0.939   -2.897  -16.456 1.00 14.96 ? 167 PHE A CG  1 
ATOM   1341 C  CD1 . PHE A 1 177 ? 1.583   -1.807  -17.031 1.00 14.12 ? 167 PHE A CD1 1 
ATOM   1342 C  CD2 . PHE A 1 177 ? -0.329  -2.719  -15.915 1.00 15.00 ? 167 PHE A CD2 1 
ATOM   1343 C  CE1 . PHE A 1 177 ? 0.973   -0.557  -17.070 1.00 13.77 ? 167 PHE A CE1 1 
ATOM   1344 C  CE2 . PHE A 1 177 ? -0.950  -1.472  -15.950 1.00 12.43 ? 167 PHE A CE2 1 
ATOM   1345 C  CZ  . PHE A 1 177 ? -0.298  -0.389  -16.528 1.00 13.86 ? 167 PHE A CZ  1 
HETATM 1346 O  O   . HOH B 2 .   ? -0.648  -12.456 -4.002  1.00 5.55  ? 168 HOH A O   1 
HETATM 1347 O  O   . HOH B 2 .   ? 7.902   1.246   -9.246  1.00 6.42  ? 169 HOH A O   1 
HETATM 1348 O  O   . HOH B 2 .   ? 4.470   3.900   -1.204  1.00 12.42 ? 170 HOH A O   1 
HETATM 1349 O  O   . HOH B 2 .   ? 8.417   -2.524  7.988   1.00 10.56 ? 171 HOH A O   1 
HETATM 1350 O  O   . HOH B 2 .   ? 5.757   0.380   -6.998  1.00 10.08 ? 172 HOH A O   1 
HETATM 1351 O  O   . HOH B 2 .   ? -3.546  4.239   -14.795 1.00 14.93 ? 173 HOH A O   1 
HETATM 1352 O  O   . HOH B 2 .   ? -12.846 -11.946 1.745   1.00 11.78 ? 174 HOH A O   1 
HETATM 1353 O  O   . HOH B 2 .   ? -13.719 15.001  3.415   1.00 10.20 ? 175 HOH A O   1 
HETATM 1354 O  O   . HOH B 2 .   ? 6.246   7.391   -14.169 1.00 11.46 ? 176 HOH A O   1 
HETATM 1355 O  O   . HOH B 2 .   ? 2.953   -17.260 -0.264  1.00 13.34 ? 177 HOH A O   1 
HETATM 1356 O  O   . HOH B 2 .   ? 15.901  8.193   15.388  1.00 8.54  ? 178 HOH A O   1 
HETATM 1357 O  O   . HOH B 2 .   ? 5.778   -3.216  14.736  1.00 15.52 ? 179 HOH A O   1 
HETATM 1358 O  O   . HOH B 2 .   ? 2.685   0.680   -0.886  1.00 14.16 ? 180 HOH A O   1 
HETATM 1359 O  O   . HOH B 2 .   ? -12.377 -3.241  -4.570  1.00 13.20 ? 181 HOH A O   1 
HETATM 1360 O  O   . HOH B 2 .   ? -3.036  12.242  12.123  1.00 16.28 ? 182 HOH A O   1 
HETATM 1361 O  O   . HOH B 2 .   ? -2.059  -17.454 4.638   1.00 16.53 ? 183 HOH A O   1 
HETATM 1362 O  O   . HOH B 2 .   ? 6.091   7.877   -7.056  1.00 14.05 ? 184 HOH A O   1 
HETATM 1363 O  O   . HOH B 2 .   ? 11.189  4.321   -9.555  1.00 12.66 ? 185 HOH A O   1 
HETATM 1364 O  O   . HOH B 2 .   ? 10.996  0.316   -1.386  1.00 16.15 ? 186 HOH A O   1 
HETATM 1365 O  O   . HOH B 2 .   ? 2.728   -9.637  -17.577 1.00 15.12 ? 187 HOH A O   1 
HETATM 1366 O  O   . HOH B 2 .   ? -7.534  7.165   -13.634 1.00 12.12 ? 188 HOH A O   1 
HETATM 1367 O  O   . HOH B 2 .   ? -4.380  -10.561 -13.104 1.00 15.47 ? 189 HOH A O   1 
HETATM 1368 O  O   . HOH B 2 .   ? 4.593   1.237   -2.850  1.00 16.09 ? 190 HOH A O   1 
HETATM 1369 O  O   . HOH B 2 .   ? -5.929  -12.249 7.218   1.00 17.51 ? 191 HOH A O   1 
HETATM 1370 O  O   . HOH B 2 .   ? 20.690  6.609   4.003   1.00 20.45 ? 192 HOH A O   1 
HETATM 1371 O  O   . HOH B 2 .   ? -11.369 8.934   -3.370  1.00 20.54 ? 193 HOH A O   1 
HETATM 1372 O  O   . HOH B 2 .   ? 3.698   1.069   15.674  1.00 19.80 ? 194 HOH A O   1 
HETATM 1373 O  O   . HOH B 2 .   ? -4.411  4.806   16.369  1.00 24.43 ? 195 HOH A O   1 
HETATM 1374 O  O   . HOH B 2 .   ? -11.023 13.845  0.430   1.00 16.54 ? 196 HOH A O   1 
HETATM 1375 O  O   . HOH B 2 .   ? 12.855  1.890   -3.055  1.00 30.50 ? 197 HOH A O   1 
HETATM 1376 O  O   . HOH B 2 .   ? -10.451 10.847  -1.621  1.00 16.00 ? 198 HOH A O   1 
HETATM 1377 O  O   . HOH B 2 .   ? 3.981   9.085   -14.133 1.00 17.76 ? 199 HOH A O   1 
HETATM 1378 O  O   . HOH B 2 .   ? -7.673  -2.141  8.474   1.00 13.24 ? 200 HOH A O   1 
HETATM 1379 O  O   . HOH B 2 .   ? -2.451  17.792  2.648   1.00 18.20 ? 201 HOH A O   1 
HETATM 1380 O  O   . HOH B 2 .   ? -0.512  4.123   19.727  1.00 25.89 ? 202 HOH A O   1 
HETATM 1381 O  O   . HOH B 2 .   ? 17.534  0.261   1.356   1.00 18.10 ? 203 HOH A O   1 
HETATM 1382 O  O   . HOH B 2 .   ? -6.259  -16.563 -6.879  1.00 34.63 ? 204 HOH A O   1 
HETATM 1383 O  O   . HOH B 2 .   ? -4.013  10.713  -12.874 1.00 22.80 ? 205 HOH A O   1 
HETATM 1384 O  O   . HOH B 2 .   ? -14.530 1.294   -3.138  1.00 17.77 ? 206 HOH A O   1 
HETATM 1385 O  O   . HOH B 2 .   ? 7.906   -0.090  -2.923  1.00 30.36 ? 207 HOH A O   1 
HETATM 1386 O  O   . HOH B 2 .   ? -4.143  -12.635 -10.977 1.00 23.46 ? 208 HOH A O   1 
HETATM 1387 O  O   . HOH B 2 .   ? -3.260  3.204   18.207  1.00 25.21 ? 209 HOH A O   1 
HETATM 1388 O  O   . HOH B 2 .   ? 4.790   1.079   -15.763 1.00 26.17 ? 210 HOH A O   1 
HETATM 1389 O  O   . HOH B 2 .   ? -10.465 -4.794  -5.875  1.00 20.49 ? 211 HOH A O   1 
HETATM 1390 O  O   . HOH B 2 .   ? -15.554 7.583   -5.626  1.00 21.15 ? 212 HOH A O   1 
HETATM 1391 O  O   . HOH B 2 .   ? -1.752  17.281  -0.406  1.00 22.73 ? 213 HOH A O   1 
HETATM 1392 O  O   . HOH B 2 .   ? 24.574  6.471   5.117   1.00 27.81 ? 214 HOH A O   1 
HETATM 1393 O  O   . HOH B 2 .   ? -16.449 3.967   -8.366  1.00 38.38 ? 215 HOH A O   1 
HETATM 1394 O  O   . HOH B 2 .   ? 0.308   -17.285 -0.402  1.00 28.23 ? 216 HOH A O   1 
HETATM 1395 O  O   . HOH B 2 .   ? -13.312 -1.236  -3.180  1.00 31.76 ? 217 HOH A O   1 
HETATM 1396 O  O   . HOH B 2 .   ? 11.991  13.284  0.611   1.00 28.07 ? 218 HOH A O   1 
HETATM 1397 O  O   . HOH B 2 .   ? 20.409  3.820   3.363   1.00 26.28 ? 219 HOH A O   1 
HETATM 1398 O  O   . HOH B 2 .   ? 7.628   -8.423  -12.811 1.00 16.83 ? 220 HOH A O   1 
HETATM 1399 O  O   . HOH B 2 .   ? -19.749 -0.660  -8.318  1.00 27.79 ? 221 HOH A O   1 
HETATM 1400 O  O   . HOH B 2 .   ? 17.796  9.596   8.341   1.00 17.27 ? 222 HOH A O   1 
HETATM 1401 O  O   . HOH B 2 .   ? -12.968 -8.083  -16.533 1.00 20.17 ? 223 HOH A O   1 
HETATM 1402 O  O   . HOH B 2 .   ? 20.047  -0.973  13.643  1.00 24.04 ? 224 HOH A O   1 
HETATM 1403 O  O   . HOH B 2 .   ? -11.676 8.105   13.092  1.00 32.99 ? 225 HOH A O   1 
HETATM 1404 O  O   . HOH B 2 .   ? -4.331  7.742   -13.881 1.00 29.20 ? 226 HOH A O   1 
HETATM 1405 O  O   . HOH B 2 .   ? -15.862 1.090   -11.142 1.00 28.89 ? 227 HOH A O   1 
HETATM 1406 O  O   . HOH B 2 .   ? -0.097  15.398  -3.874  1.00 31.74 ? 228 HOH A O   1 
HETATM 1407 O  O   . HOH B 2 .   ? 14.408  14.401  15.154  1.00 35.01 ? 229 HOH A O   1 
HETATM 1408 O  O   . HOH B 2 .   ? -10.168 9.703   -6.170  1.00 19.23 ? 230 HOH A O   1 
HETATM 1409 O  O   . HOH B 2 .   ? 11.724  8.517   -9.398  1.00 24.82 ? 231 HOH A O   1 
HETATM 1410 O  O   . HOH B 2 .   ? -14.617 -11.909 -2.854  1.00 25.80 ? 232 HOH A O   1 
HETATM 1411 O  O   . HOH B 2 .   ? -9.420  12.881  -3.352  1.00 27.05 ? 233 HOH A O   1 
HETATM 1412 O  O   . HOH B 2 .   ? 9.026   12.274  3.886   1.00 23.80 ? 234 HOH A O   1 
HETATM 1413 O  O   . HOH B 2 .   ? -16.398 4.700   -5.776  1.00 34.20 ? 235 HOH A O   1 
HETATM 1414 O  O   . HOH B 2 .   ? 4.411   15.689  0.011   1.00 39.43 ? 236 HOH A O   1 
HETATM 1415 O  O   . HOH B 2 .   ? -15.398 10.623  -1.383  1.00 43.44 ? 237 HOH A O   1 
HETATM 1416 O  O   . HOH B 2 .   ? -15.934 -3.321  -15.476 1.00 40.03 ? 238 HOH A O   1 
HETATM 1417 O  O   . HOH B 2 .   ? -7.681  -18.609 -2.042  1.00 36.45 ? 239 HOH A O   1 
HETATM 1418 O  O   . HOH B 2 .   ? 12.538  9.485   -12.313 1.00 16.30 ? 240 HOH A O   1 
HETATM 1419 O  O   . HOH B 2 .   ? 12.069  2.587   -5.629  1.00 35.40 ? 241 HOH A O   1 
HETATM 1420 O  O   . HOH B 2 .   ? -2.050  15.902  4.636   1.00 16.35 ? 242 HOH A O   1 
HETATM 1421 O  O   . HOH B 2 .   ? -2.001  5.745   20.999  1.00 26.61 ? 243 HOH A O   1 
HETATM 1422 O  O   . HOH B 2 .   ? -4.564  -14.341 -13.981 1.00 40.11 ? 244 HOH A O   1 
HETATM 1423 O  O   . HOH B 2 .   ? -7.027  -13.161 -13.659 1.00 34.49 ? 245 HOH A O   1 
HETATM 1424 O  O   . HOH B 2 .   ? -17.261 1.395   -2.107  1.00 25.73 ? 246 HOH A O   1 
HETATM 1425 O  O   . HOH B 2 .   ? -19.731 -5.827  -2.875  1.00 12.15 ? 247 HOH A O   1 
HETATM 1426 O  O   . HOH B 2 .   ? 11.062  6.501   -15.193 1.00 11.21 ? 248 HOH A O   1 
HETATM 1427 O  O   . HOH B 2 .   ? 18.726  8.336   3.073   1.00 27.32 ? 249 HOH A O   1 
HETATM 1428 O  O   . HOH B 2 .   ? 14.039  -6.891  8.364   1.00 23.38 ? 250 HOH A O   1 
HETATM 1429 O  O   . HOH B 2 .   ? 13.487  6.684   -8.096  1.00 27.86 ? 251 HOH A O   1 
HETATM 1430 O  O   . HOH B 2 .   ? 0.563   -9.275  -16.140 1.00 31.77 ? 252 HOH A O   1 
HETATM 1431 O  O   . HOH B 2 .   ? 0.899   -18.051 2.808   1.00 20.57 ? 253 HOH A O   1 
HETATM 1432 O  O   . HOH B 2 .   ? -7.023  -1.013  14.986  1.00 29.09 ? 254 HOH A O   1 
HETATM 1433 O  O   . HOH B 2 .   ? -3.713  8.255   20.458  1.00 29.75 ? 255 HOH A O   1 
HETATM 1434 O  O   . HOH B 2 .   ? 2.468   -18.189 -6.055  1.00 30.86 ? 256 HOH A O   1 
HETATM 1435 O  O   . HOH B 2 .   ? 5.248   11.883  4.768   1.00 27.80 ? 257 HOH A O   1 
HETATM 1436 O  O   . HOH B 2 .   ? 9.799   -2.942  0.656   1.00 33.70 ? 258 HOH A O   1 
HETATM 1437 O  O   . HOH B 2 .   ? 16.631  -1.553  3.382   1.00 33.94 ? 259 HOH A O   1 
HETATM 1438 O  O   . HOH B 2 .   ? -12.448 3.130   9.395   1.00 25.20 ? 260 HOH A O   1 
HETATM 1439 O  O   . HOH B 2 .   ? 4.593   -3.758  -18.895 1.00 28.02 ? 261 HOH A O   1 
HETATM 1440 O  O   . HOH B 2 .   ? -15.806 -7.122  -9.092  1.00 30.21 ? 262 HOH A O   1 
HETATM 1441 O  O   . HOH B 2 .   ? -11.202 -10.065 -14.604 1.00 25.94 ? 263 HOH A O   1 
HETATM 1442 O  O   . HOH B 2 .   ? -9.076  -4.004  11.298  1.00 37.49 ? 264 HOH A O   1 
HETATM 1443 O  O   . HOH B 2 .   ? -7.327  11.852  -9.102  1.00 38.72 ? 265 HOH A O   1 
HETATM 1444 O  O   . HOH B 2 .   ? -0.957  7.758   18.998  1.00 32.41 ? 266 HOH A O   1 
HETATM 1445 O  O   . HOH B 2 .   ? 7.930   -6.169  -5.461  1.00 30.25 ? 267 HOH A O   1 
HETATM 1446 O  O   . HOH B 2 .   ? 5.950   3.961   -15.904 1.00 36.61 ? 268 HOH A O   1 
HETATM 1447 O  O   . HOH B 2 .   ? -20.340 -3.955  -5.704  1.00 38.18 ? 269 HOH A O   1 
HETATM 1448 O  O   . HOH B 2 .   ? 2.021   5.239   21.383  1.00 38.89 ? 270 HOH A O   1 
HETATM 1449 O  O   . HOH B 2 .   ? 24.006  10.575  9.854   1.00 47.69 ? 271 HOH A O   1 
HETATM 1450 O  O   . HOH B 2 .   ? -11.213 9.591   -12.635 1.00 22.05 ? 272 HOH A O   1 
HETATM 1451 O  O   . HOH B 2 .   ? -10.703 -17.172 -1.576  1.00 27.05 ? 273 HOH A O   1 
HETATM 1452 O  O   . HOH B 2 .   ? -3.612  -14.258 -17.086 1.00 40.47 ? 274 HOH A O   1 
HETATM 1453 O  O   . HOH B 2 .   ? -4.987  14.222  -7.667  1.00 45.89 ? 275 HOH A O   1 
HETATM 1454 O  O   . HOH B 2 .   ? -19.247 1.262   8.199   1.00 39.77 ? 276 HOH A O   1 
HETATM 1455 O  O   . HOH B 2 .   ? -14.073 -0.510  -16.240 1.00 39.56 ? 277 HOH A O   1 
HETATM 1456 O  O   . HOH B 2 .   ? 2.174   -11.755 -15.986 1.00 36.44 ? 278 HOH A O   1 
HETATM 1457 O  O   . HOH B 2 .   ? -5.912  5.775   -16.112 1.00 31.34 ? 279 HOH A O   1 
HETATM 1458 O  O   . HOH B 2 .   ? 0.512   0.474   23.538  1.00 38.37 ? 280 HOH A O   1 
HETATM 1459 O  O   . HOH B 2 .   ? 3.701   1.648   -18.062 1.00 31.27 ? 281 HOH A O   1 
HETATM 1460 O  O   . HOH B 2 .   ? -12.801 9.045   10.519  1.00 27.86 ? 282 HOH A O   1 
HETATM 1461 O  O   . HOH B 2 .   ? 13.175  5.205   -11.204 1.00 32.56 ? 283 HOH A O   1 
HETATM 1462 O  O   . HOH B 2 .   ? 5.909   -8.960  -10.167 1.00 18.43 ? 284 HOH A O   1 
HETATM 1463 O  O   . HOH B 2 .   ? -2.045  -14.264 -11.048 1.00 28.73 ? 285 HOH A O   1 
# 
